data_2E9J
#
_entry.id   2E9J
#
_entity_poly.entity_id   1
_entity_poly.type   'polypeptide(L)'
_entity_poly.pdbx_seq_one_letter_code
;GSSGSSGRSPFKVKVLPTYDASKVTASGPGLSSYGVPASLPVDFAIDARDAGEGLLAVQITDQEGKPKRAIVHDNKDGTY
AVTYIPDKTGRYMIGVTYGGDDIPLSPYRIRATQTGDAS
;
_entity_poly.pdbx_strand_id   A
#
# COMPACT_ATOMS: atom_id res chain seq x y z
N GLY A 1 14.75 19.46 15.95
CA GLY A 1 14.07 19.27 17.23
C GLY A 1 12.97 18.24 17.14
N SER A 2 12.52 17.76 18.30
CA SER A 2 11.47 16.75 18.35
C SER A 2 11.01 16.53 19.79
N SER A 3 9.82 15.94 19.94
CA SER A 3 9.27 15.66 21.26
C SER A 3 8.05 14.75 21.16
N GLY A 4 7.63 14.21 22.31
CA GLY A 4 6.48 13.33 22.33
C GLY A 4 6.52 12.35 23.49
N SER A 5 6.89 11.11 23.21
CA SER A 5 6.97 10.08 24.24
C SER A 5 5.65 9.98 25.00
N SER A 6 4.55 9.89 24.26
CA SER A 6 3.22 9.79 24.87
C SER A 6 2.69 8.36 24.78
N GLY A 7 1.75 8.04 25.66
CA GLY A 7 1.17 6.70 25.67
C GLY A 7 1.80 5.81 26.72
N ARG A 8 0.97 5.31 27.64
CA ARG A 8 1.44 4.43 28.70
C ARG A 8 0.53 3.22 28.85
N SER A 9 0.88 2.33 29.78
CA SER A 9 0.10 1.13 30.01
C SER A 9 0.35 0.59 31.42
N PRO A 10 -0.74 0.28 32.13
CA PRO A 10 -0.67 -0.24 33.50
C PRO A 10 -0.13 -1.67 33.55
N PHE A 11 -0.30 -2.40 32.45
CA PHE A 11 0.17 -3.78 32.36
C PHE A 11 0.43 -4.17 30.92
N LYS A 12 1.68 -4.51 30.62
CA LYS A 12 2.07 -4.91 29.27
C LYS A 12 3.42 -5.62 29.28
N VAL A 13 3.47 -6.78 28.62
CA VAL A 13 4.70 -7.56 28.56
C VAL A 13 5.55 -7.14 27.36
N LYS A 14 6.76 -7.70 27.27
CA LYS A 14 7.67 -7.39 26.19
C LYS A 14 7.82 -8.58 25.24
N VAL A 15 6.70 -9.22 24.94
CA VAL A 15 6.69 -10.38 24.05
C VAL A 15 6.71 -9.94 22.59
N LEU A 16 6.80 -10.91 21.69
CA LEU A 16 6.83 -10.62 20.25
C LEU A 16 5.41 -10.52 19.69
N PRO A 17 5.22 -9.58 18.75
CA PRO A 17 3.91 -9.36 18.12
C PRO A 17 3.52 -10.50 17.19
N THR A 18 2.21 -10.69 17.02
CA THR A 18 1.71 -11.76 16.16
C THR A 18 1.93 -11.44 14.68
N TYR A 19 1.93 -10.15 14.36
CA TYR A 19 2.13 -9.71 12.99
C TYR A 19 3.61 -9.59 12.66
N ASP A 20 3.92 -9.32 11.40
CA ASP A 20 5.31 -9.19 10.97
C ASP A 20 5.37 -8.62 9.55
N ALA A 21 5.78 -7.36 9.45
CA ALA A 21 5.89 -6.69 8.16
C ALA A 21 6.75 -7.49 7.20
N SER A 22 7.89 -7.97 7.68
CA SER A 22 8.80 -8.75 6.86
C SER A 22 8.06 -9.85 6.11
N LYS A 23 6.99 -10.36 6.74
CA LYS A 23 6.19 -11.41 6.13
C LYS A 23 5.07 -10.83 5.28
N VAL A 24 5.32 -9.65 4.71
CA VAL A 24 4.33 -8.99 3.88
C VAL A 24 4.82 -8.86 2.43
N THR A 25 3.98 -9.26 1.49
CA THR A 25 4.32 -9.21 0.07
C THR A 25 3.14 -8.74 -0.76
N ALA A 26 3.43 -8.22 -1.96
CA ALA A 26 2.39 -7.73 -2.85
C ALA A 26 2.68 -8.13 -4.30
N SER A 27 1.62 -8.39 -5.06
CA SER A 27 1.76 -8.78 -6.45
C SER A 27 0.59 -8.27 -7.29
N GLY A 28 0.84 -8.02 -8.57
CA GLY A 28 -0.20 -7.53 -9.45
C GLY A 28 0.31 -6.50 -10.43
N PRO A 29 -0.61 -5.90 -11.20
CA PRO A 29 -0.27 -4.89 -12.21
C PRO A 29 0.19 -3.58 -11.58
N GLY A 30 -0.41 -3.23 -10.45
CA GLY A 30 -0.04 -2.00 -9.76
C GLY A 30 1.44 -1.93 -9.46
N LEU A 31 2.08 -3.09 -9.36
CA LEU A 31 3.51 -3.15 -9.07
C LEU A 31 4.26 -3.87 -10.18
N SER A 32 3.67 -3.88 -11.38
CA SER A 32 4.27 -4.54 -12.53
C SER A 32 5.57 -3.84 -12.92
N SER A 33 6.65 -4.61 -13.01
CA SER A 33 7.96 -4.07 -13.38
C SER A 33 8.01 -3.75 -14.87
N TYR A 34 7.29 -4.53 -15.66
CA TYR A 34 7.25 -4.33 -17.11
C TYR A 34 6.72 -2.94 -17.45
N GLY A 35 5.83 -2.43 -16.61
CA GLY A 35 5.25 -1.12 -16.84
C GLY A 35 3.76 -1.09 -16.60
N VAL A 36 3.23 0.09 -16.29
CA VAL A 36 1.80 0.25 -16.04
C VAL A 36 1.22 1.36 -16.91
N PRO A 37 -0.07 1.19 -17.28
CA PRO A 37 -0.77 2.18 -18.11
C PRO A 37 -1.05 3.48 -17.38
N ALA A 38 -0.60 4.58 -17.95
CA ALA A 38 -0.79 5.90 -17.35
C ALA A 38 -2.24 6.34 -17.47
N SER A 39 -2.77 6.94 -16.41
CA SER A 39 -4.15 7.41 -16.39
C SER A 39 -5.12 6.24 -16.40
N LEU A 40 -4.66 5.10 -15.90
CA LEU A 40 -5.49 3.90 -15.86
C LEU A 40 -5.63 3.38 -14.42
N PRO A 41 -6.85 3.00 -14.04
CA PRO A 41 -7.14 2.48 -12.71
C PRO A 41 -6.53 1.11 -12.47
N VAL A 42 -5.37 1.08 -11.83
CA VAL A 42 -4.68 -0.17 -11.55
C VAL A 42 -4.69 -0.48 -10.05
N ASP A 43 -4.76 -1.76 -9.71
CA ASP A 43 -4.77 -2.19 -8.31
C ASP A 43 -3.97 -3.47 -8.14
N PHE A 44 -3.27 -3.57 -7.01
CA PHE A 44 -2.46 -4.75 -6.71
C PHE A 44 -3.10 -5.59 -5.60
N ALA A 45 -2.51 -6.74 -5.31
CA ALA A 45 -3.02 -7.63 -4.28
C ALA A 45 -1.97 -7.88 -3.21
N ILE A 46 -2.40 -7.87 -1.94
CA ILE A 46 -1.49 -8.10 -0.83
C ILE A 46 -1.79 -9.42 -0.13
N ASP A 47 -0.98 -10.43 -0.38
CA ASP A 47 -1.17 -11.75 0.22
C ASP A 47 -0.20 -11.95 1.37
N ALA A 48 -0.75 -12.09 2.59
CA ALA A 48 0.07 -12.29 3.78
C ALA A 48 -0.03 -13.73 4.27
N ARG A 49 1.12 -14.38 4.43
CA ARG A 49 1.16 -15.76 4.89
C ARG A 49 1.38 -15.81 6.40
N ASP A 50 2.46 -15.19 6.85
CA ASP A 50 2.78 -15.18 8.28
C ASP A 50 2.89 -13.75 8.79
N ALA A 51 2.31 -12.82 8.05
CA ALA A 51 2.33 -11.40 8.43
C ALA A 51 1.25 -11.10 9.46
N GLY A 52 0.26 -11.98 9.55
CA GLY A 52 -0.82 -11.77 10.49
C GLY A 52 -1.65 -10.55 10.17
N GLU A 53 -2.01 -9.79 11.21
CA GLU A 53 -2.82 -8.58 11.02
C GLU A 53 -2.05 -7.35 11.47
N GLY A 54 -2.06 -6.32 10.64
CA GLY A 54 -1.36 -5.09 10.97
C GLY A 54 -1.86 -3.90 10.16
N LEU A 55 -2.00 -2.75 10.83
CA LEU A 55 -2.47 -1.54 10.16
C LEU A 55 -1.74 -1.32 8.85
N LEU A 56 -2.45 -1.52 7.74
CA LEU A 56 -1.87 -1.34 6.41
C LEU A 56 -2.00 0.11 5.96
N ALA A 57 -0.99 0.59 5.24
CA ALA A 57 -0.99 1.96 4.74
C ALA A 57 -0.18 2.07 3.46
N VAL A 58 -0.69 2.86 2.51
CA VAL A 58 -0.01 3.07 1.23
C VAL A 58 0.26 4.54 0.98
N GLN A 59 1.43 4.84 0.43
CA GLN A 59 1.81 6.21 0.13
C GLN A 59 2.40 6.32 -1.28
N ILE A 60 1.61 6.86 -2.20
CA ILE A 60 2.05 7.02 -3.58
C ILE A 60 2.52 8.45 -3.84
N THR A 61 3.75 8.59 -4.33
CA THR A 61 4.32 9.89 -4.62
C THR A 61 4.78 9.98 -6.08
N ASP A 62 5.00 11.20 -6.55
CA ASP A 62 5.44 11.43 -7.92
C ASP A 62 6.90 11.88 -7.95
N GLN A 63 7.45 12.02 -9.15
CA GLN A 63 8.83 12.45 -9.32
C GLN A 63 9.14 13.64 -8.42
N GLU A 64 8.14 14.49 -8.21
CA GLU A 64 8.30 15.68 -7.38
C GLU A 64 8.04 15.35 -5.92
N GLY A 65 7.25 14.30 -5.67
CA GLY A 65 6.93 13.91 -4.32
C GLY A 65 5.61 14.46 -3.84
N LYS A 66 4.60 14.37 -4.69
CA LYS A 66 3.26 14.87 -4.36
C LYS A 66 2.35 13.73 -3.93
N PRO A 67 1.37 14.05 -3.07
CA PRO A 67 0.41 13.06 -2.57
C PRO A 67 -0.55 12.58 -3.65
N LYS A 68 -0.72 11.26 -3.74
CA LYS A 68 -1.61 10.67 -4.73
C LYS A 68 -2.79 9.99 -4.05
N ARG A 69 -3.92 9.94 -4.75
CA ARG A 69 -5.13 9.32 -4.21
C ARG A 69 -5.00 7.80 -4.24
N ALA A 70 -5.24 7.17 -3.09
CA ALA A 70 -5.15 5.72 -2.98
C ALA A 70 -6.38 5.15 -2.27
N ILE A 71 -7.10 4.26 -2.96
CA ILE A 71 -8.29 3.65 -2.39
C ILE A 71 -7.94 2.35 -1.65
N VAL A 72 -8.68 2.07 -0.60
CA VAL A 72 -8.46 0.87 0.19
C VAL A 72 -9.61 -0.12 0.03
N HIS A 73 -9.28 -1.34 -0.40
CA HIS A 73 -10.28 -2.38 -0.61
C HIS A 73 -10.11 -3.51 0.41
N ASP A 74 -11.17 -3.79 1.15
CA ASP A 74 -11.13 -4.84 2.16
C ASP A 74 -11.83 -6.10 1.66
N ASN A 75 -11.11 -7.21 1.66
CA ASN A 75 -11.66 -8.48 1.20
C ASN A 75 -11.94 -9.42 2.37
N LYS A 76 -11.22 -9.20 3.47
CA LYS A 76 -11.39 -10.02 4.66
C LYS A 76 -11.19 -11.50 4.35
N ASP A 77 -10.34 -11.77 3.37
CA ASP A 77 -10.06 -13.14 2.97
C ASP A 77 -8.57 -13.44 3.08
N GLY A 78 -7.88 -12.73 3.96
CA GLY A 78 -6.46 -12.93 4.14
C GLY A 78 -5.62 -12.14 3.15
N THR A 79 -6.26 -11.18 2.48
CA THR A 79 -5.58 -10.36 1.51
C THR A 79 -6.10 -8.93 1.52
N TYR A 80 -5.42 -8.04 0.81
CA TYR A 80 -5.82 -6.63 0.76
C TYR A 80 -5.56 -6.05 -0.63
N ALA A 81 -6.56 -5.35 -1.16
CA ALA A 81 -6.44 -4.73 -2.48
C ALA A 81 -6.32 -3.22 -2.37
N VAL A 82 -5.62 -2.61 -3.33
CA VAL A 82 -5.43 -1.17 -3.34
C VAL A 82 -5.40 -0.64 -4.76
N THR A 83 -6.33 0.28 -5.07
CA THR A 83 -6.41 0.87 -6.39
C THR A 83 -5.80 2.27 -6.41
N TYR A 84 -5.11 2.59 -7.50
CA TYR A 84 -4.49 3.90 -7.65
C TYR A 84 -4.47 4.34 -9.10
N ILE A 85 -4.93 5.57 -9.35
CA ILE A 85 -4.96 6.11 -10.70
C ILE A 85 -3.87 7.15 -10.90
N PRO A 86 -2.75 6.72 -11.47
CA PRO A 86 -1.60 7.60 -11.74
C PRO A 86 -1.89 8.61 -12.84
N ASP A 87 -2.28 9.82 -12.46
CA ASP A 87 -2.58 10.88 -13.41
C ASP A 87 -1.30 11.43 -14.04
N LYS A 88 -0.43 11.99 -13.19
CA LYS A 88 0.82 12.57 -13.66
C LYS A 88 1.91 11.49 -13.73
N THR A 89 2.13 10.96 -14.93
CA THR A 89 3.15 9.94 -15.14
C THR A 89 4.47 10.34 -14.52
N GLY A 90 5.43 9.42 -14.52
CA GLY A 90 6.73 9.69 -13.95
C GLY A 90 7.15 8.66 -12.92
N ARG A 91 8.33 8.84 -12.35
CA ARG A 91 8.85 7.92 -11.34
C ARG A 91 7.93 7.88 -10.12
N TYR A 92 7.25 6.75 -9.94
CA TYR A 92 6.34 6.59 -8.81
C TYR A 92 6.98 5.77 -7.70
N MET A 93 6.95 6.30 -6.48
CA MET A 93 7.54 5.62 -5.34
C MET A 93 6.46 5.26 -4.31
N ILE A 94 6.16 3.97 -4.21
CA ILE A 94 5.15 3.50 -3.28
C ILE A 94 5.79 2.98 -1.99
N GLY A 95 5.29 3.46 -0.85
CA GLY A 95 5.83 3.05 0.43
C GLY A 95 4.82 2.29 1.26
N VAL A 96 4.82 0.97 1.12
CA VAL A 96 3.90 0.12 1.87
C VAL A 96 4.37 -0.09 3.30
N THR A 97 3.43 -0.17 4.23
CA THR A 97 3.74 -0.38 5.64
C THR A 97 2.69 -1.24 6.32
N TYR A 98 3.13 -2.03 7.30
CA TYR A 98 2.22 -2.91 8.03
C TYR A 98 2.47 -2.81 9.54
N GLY A 99 1.45 -2.36 10.26
CA GLY A 99 1.58 -2.22 11.71
C GLY A 99 2.64 -1.23 12.10
N GLY A 100 2.65 -0.07 11.44
CA GLY A 100 3.63 0.96 11.74
C GLY A 100 5.05 0.50 11.46
N ASP A 101 5.21 -0.30 10.41
CA ASP A 101 6.52 -0.81 10.02
C ASP A 101 6.59 -1.04 8.52
N ASP A 102 7.52 -0.34 7.86
CA ASP A 102 7.69 -0.47 6.42
C ASP A 102 8.39 -1.79 6.07
N ILE A 103 7.95 -2.41 4.99
CA ILE A 103 8.53 -3.67 4.54
C ILE A 103 9.89 -3.45 3.87
N PRO A 104 10.74 -4.48 3.93
CA PRO A 104 12.08 -4.43 3.32
C PRO A 104 12.03 -4.41 1.79
N LEU A 105 10.82 -4.42 1.25
CA LEU A 105 10.64 -4.41 -0.20
C LEU A 105 10.46 -2.98 -0.71
N SER A 106 9.82 -2.13 0.10
CA SER A 106 9.59 -0.76 -0.27
C SER A 106 10.83 0.10 -0.01
N PRO A 107 10.90 1.27 -0.66
CA PRO A 107 9.84 1.73 -1.57
C PRO A 107 9.80 0.91 -2.86
N TYR A 108 8.87 1.26 -3.74
CA TYR A 108 8.72 0.54 -5.01
C TYR A 108 8.89 1.49 -6.18
N ARG A 109 9.70 1.08 -7.16
CA ARG A 109 9.96 1.90 -8.34
C ARG A 109 9.12 1.42 -9.52
N ILE A 110 8.29 2.30 -10.05
CA ILE A 110 7.43 1.97 -11.19
C ILE A 110 7.42 3.09 -12.21
N ARG A 111 7.15 2.75 -13.46
CA ARG A 111 7.09 3.74 -14.54
C ARG A 111 5.75 3.69 -15.25
N ALA A 112 5.05 4.83 -15.26
CA ALA A 112 3.76 4.92 -15.91
C ALA A 112 3.91 5.17 -17.41
N THR A 113 3.60 4.14 -18.20
CA THR A 113 3.70 4.24 -19.65
C THR A 113 2.58 5.10 -20.23
N GLN A 114 2.91 6.35 -20.56
CA GLN A 114 1.94 7.28 -21.12
C GLN A 114 2.20 7.52 -22.60
N THR A 115 1.21 8.08 -23.29
CA THR A 115 1.34 8.36 -24.70
C THR A 115 0.69 9.70 -25.06
N GLY A 116 1.42 10.52 -25.81
CA GLY A 116 0.91 11.82 -26.20
C GLY A 116 1.10 12.87 -25.13
N ASP A 117 -0.01 13.32 -24.54
CA ASP A 117 0.04 14.33 -23.49
C ASP A 117 0.82 15.56 -23.94
N ALA A 118 0.51 16.04 -25.14
CA ALA A 118 1.18 17.20 -25.70
C ALA A 118 0.78 18.47 -24.95
N SER A 119 1.74 19.37 -24.76
CA SER A 119 1.48 20.62 -24.05
C SER A 119 1.90 21.81 -24.91
N GLY A 1 2.35 27.42 28.12
CA GLY A 1 2.15 26.14 27.47
C GLY A 1 0.87 25.45 27.92
N SER A 2 0.73 24.18 27.58
CA SER A 2 -0.46 23.42 27.94
C SER A 2 -0.12 21.93 28.10
N SER A 3 -1.12 21.14 28.49
CA SER A 3 -0.93 19.71 28.67
C SER A 3 -2.27 19.02 28.87
N GLY A 4 -2.24 17.68 28.88
CA GLY A 4 -3.45 16.91 29.07
C GLY A 4 -3.30 15.81 30.09
N SER A 5 -4.28 14.92 30.17
CA SER A 5 -4.24 13.82 31.13
C SER A 5 -5.28 12.76 30.77
N SER A 6 -5.13 11.58 31.35
CA SER A 6 -6.04 10.48 31.09
C SER A 6 -6.35 9.70 32.37
N GLY A 7 -7.42 8.92 32.34
CA GLY A 7 -7.80 8.14 33.51
C GLY A 7 -7.54 6.66 33.32
N ARG A 8 -6.29 6.31 33.00
CA ARG A 8 -5.91 4.92 32.78
C ARG A 8 -4.49 4.66 33.26
N SER A 9 -4.26 3.47 33.82
CA SER A 9 -2.94 3.11 34.31
C SER A 9 -2.28 2.08 33.39
N PRO A 10 -1.65 2.57 32.32
CA PRO A 10 -0.97 1.71 31.34
C PRO A 10 0.30 1.08 31.90
N PHE A 11 0.24 -0.21 32.17
CA PHE A 11 1.38 -0.93 32.72
C PHE A 11 1.18 -2.44 32.63
N LYS A 12 2.11 -3.12 31.98
CA LYS A 12 2.03 -4.57 31.82
C LYS A 12 3.29 -5.12 31.16
N VAL A 13 3.46 -6.43 31.19
CA VAL A 13 4.61 -7.08 30.60
C VAL A 13 4.80 -6.64 29.15
N LYS A 14 6.06 -6.60 28.71
CA LYS A 14 6.37 -6.20 27.34
C LYS A 14 6.84 -7.39 26.51
N VAL A 15 6.02 -7.76 25.53
CA VAL A 15 6.35 -8.90 24.66
C VAL A 15 6.28 -8.50 23.19
N LEU A 16 7.19 -9.04 22.39
CA LEU A 16 7.23 -8.74 20.96
C LEU A 16 5.92 -9.13 20.29
N PRO A 17 5.51 -8.32 19.30
CA PRO A 17 4.27 -8.56 18.56
C PRO A 17 4.35 -9.79 17.66
N THR A 18 3.19 -10.29 17.24
CA THR A 18 3.14 -11.46 16.38
C THR A 18 3.13 -11.07 14.91
N TYR A 19 2.70 -9.83 14.63
CA TYR A 19 2.63 -9.32 13.27
C TYR A 19 4.03 -9.18 12.68
N ASP A 20 4.14 -9.43 11.37
CA ASP A 20 5.42 -9.32 10.67
C ASP A 20 5.21 -8.82 9.25
N ALA A 21 5.65 -7.59 8.99
CA ALA A 21 5.52 -7.00 7.66
C ALA A 21 6.31 -7.79 6.63
N SER A 22 7.51 -8.21 7.01
CA SER A 22 8.37 -8.98 6.10
C SER A 22 7.60 -10.11 5.46
N LYS A 23 6.59 -10.63 6.18
CA LYS A 23 5.78 -11.72 5.68
C LYS A 23 4.65 -11.19 4.79
N VAL A 24 4.82 -9.98 4.27
CA VAL A 24 3.82 -9.37 3.41
C VAL A 24 4.36 -9.17 2.00
N THR A 25 3.65 -9.73 1.02
CA THR A 25 4.07 -9.61 -0.37
C THR A 25 2.88 -9.26 -1.27
N ALA A 26 3.16 -8.54 -2.35
CA ALA A 26 2.12 -8.14 -3.29
C ALA A 26 2.55 -8.39 -4.74
N SER A 27 1.58 -8.64 -5.61
CA SER A 27 1.85 -8.90 -7.02
C SER A 27 0.72 -8.39 -7.90
N GLY A 28 1.03 -8.12 -9.16
CA GLY A 28 0.03 -7.64 -10.09
C GLY A 28 0.56 -6.55 -11.01
N PRO A 29 -0.34 -5.95 -11.81
CA PRO A 29 0.04 -4.89 -12.74
C PRO A 29 0.42 -3.60 -12.04
N GLY A 30 -0.26 -3.30 -10.94
CA GLY A 30 0.02 -2.10 -10.19
C GLY A 30 1.50 -1.99 -9.81
N LEU A 31 2.14 -3.13 -9.62
CA LEU A 31 3.54 -3.16 -9.25
C LEU A 31 4.39 -3.78 -10.36
N SER A 32 3.90 -3.69 -11.59
CA SER A 32 4.61 -4.24 -12.74
C SER A 32 5.93 -3.53 -12.95
N SER A 33 7.03 -4.30 -12.88
CA SER A 33 8.36 -3.73 -13.06
C SER A 33 8.55 -3.21 -14.48
N TYR A 34 8.01 -3.94 -15.45
CA TYR A 34 8.12 -3.55 -16.86
C TYR A 34 7.47 -2.19 -17.08
N GLY A 35 6.42 -1.89 -16.33
CA GLY A 35 5.74 -0.61 -16.46
C GLY A 35 4.24 -0.75 -16.34
N VAL A 36 3.58 0.34 -15.96
CA VAL A 36 2.13 0.35 -15.81
C VAL A 36 1.47 1.30 -16.78
N PRO A 37 0.25 0.96 -17.22
CA PRO A 37 -0.51 1.79 -18.18
C PRO A 37 -0.99 3.09 -17.55
N ALA A 38 -0.50 4.21 -18.08
CA ALA A 38 -0.87 5.53 -17.58
C ALA A 38 -2.35 5.82 -17.85
N SER A 39 -2.92 6.74 -17.09
CA SER A 39 -4.32 7.11 -17.25
C SER A 39 -5.21 5.87 -17.22
N LEU A 40 -4.86 4.91 -16.37
CA LEU A 40 -5.63 3.67 -16.24
C LEU A 40 -5.66 3.21 -14.79
N PRO A 41 -6.88 2.96 -14.28
CA PRO A 41 -7.08 2.50 -12.91
C PRO A 41 -6.60 1.08 -12.70
N VAL A 42 -5.40 0.94 -12.15
CA VAL A 42 -4.81 -0.38 -11.89
C VAL A 42 -4.76 -0.68 -10.40
N ASP A 43 -4.99 -1.94 -10.04
CA ASP A 43 -4.97 -2.34 -8.64
C ASP A 43 -4.21 -3.65 -8.47
N PHE A 44 -3.48 -3.77 -7.36
CA PHE A 44 -2.70 -4.97 -7.09
C PHE A 44 -3.34 -5.78 -5.96
N ALA A 45 -2.70 -6.90 -5.61
CA ALA A 45 -3.20 -7.75 -4.54
C ALA A 45 -2.08 -8.11 -3.56
N ILE A 46 -2.34 -7.87 -2.28
CA ILE A 46 -1.36 -8.16 -1.24
C ILE A 46 -1.66 -9.50 -0.57
N ASP A 47 -0.80 -10.50 -0.83
CA ASP A 47 -0.97 -11.82 -0.25
C ASP A 47 -0.08 -11.99 0.97
N ALA A 48 -0.69 -12.19 2.13
CA ALA A 48 0.06 -12.36 3.37
C ALA A 48 -0.12 -13.78 3.91
N ARG A 49 1.00 -14.46 4.15
CA ARG A 49 0.98 -15.82 4.65
C ARG A 49 1.11 -15.83 6.18
N ASP A 50 2.19 -15.23 6.67
CA ASP A 50 2.44 -15.17 8.11
C ASP A 50 2.55 -13.73 8.58
N ALA A 51 1.86 -12.82 7.90
CA ALA A 51 1.89 -11.41 8.25
C ALA A 51 0.98 -11.13 9.43
N GLY A 52 0.53 -12.17 10.10
CA GLY A 52 -0.34 -12.01 11.25
C GLY A 52 -1.45 -11.01 11.00
N GLU A 53 -1.59 -10.05 11.91
CA GLU A 53 -2.63 -9.03 11.77
C GLU A 53 -2.10 -7.66 12.19
N GLY A 54 -2.18 -6.70 11.27
CA GLY A 54 -1.71 -5.36 11.55
C GLY A 54 -2.34 -4.31 10.66
N LEU A 55 -2.13 -3.04 11.00
CA LEU A 55 -2.69 -1.94 10.22
C LEU A 55 -1.88 -1.69 8.96
N LEU A 56 -2.49 -1.91 7.80
CA LEU A 56 -1.82 -1.72 6.53
C LEU A 56 -1.95 -0.26 6.06
N ALA A 57 -0.83 0.34 5.69
CA ALA A 57 -0.83 1.72 5.22
C ALA A 57 -0.26 1.82 3.81
N VAL A 58 -0.91 2.60 2.96
CA VAL A 58 -0.46 2.79 1.58
C VAL A 58 -0.02 4.22 1.33
N GLN A 59 1.23 4.38 0.89
CA GLN A 59 1.78 5.69 0.62
C GLN A 59 2.27 5.79 -0.82
N ILE A 60 1.58 6.60 -1.63
CA ILE A 60 1.95 6.78 -3.02
C ILE A 60 2.45 8.20 -3.28
N THR A 61 3.63 8.30 -3.89
CA THR A 61 4.22 9.60 -4.19
C THR A 61 4.64 9.68 -5.66
N ASP A 62 4.70 10.90 -6.19
CA ASP A 62 5.09 11.11 -7.57
C ASP A 62 6.40 11.88 -7.66
N GLN A 63 6.81 12.21 -8.87
CA GLN A 63 8.05 12.94 -9.09
C GLN A 63 8.12 14.18 -8.22
N GLU A 64 6.95 14.72 -7.88
CA GLU A 64 6.87 15.91 -7.04
C GLU A 64 7.05 15.56 -5.57
N GLY A 65 6.73 14.31 -5.22
CA GLY A 65 6.87 13.87 -3.84
C GLY A 65 5.63 14.16 -3.02
N LYS A 66 4.54 14.52 -3.69
CA LYS A 66 3.29 14.82 -3.01
C LYS A 66 2.37 13.59 -2.98
N PRO A 67 1.51 13.54 -1.96
CA PRO A 67 0.56 12.41 -1.79
C PRO A 67 -0.53 12.41 -2.86
N LYS A 68 -0.68 11.29 -3.55
CA LYS A 68 -1.68 11.16 -4.59
C LYS A 68 -2.98 10.60 -4.03
N ARG A 69 -3.99 10.47 -4.89
CA ARG A 69 -5.28 9.94 -4.47
C ARG A 69 -5.37 8.45 -4.75
N ALA A 70 -5.45 7.65 -3.69
CA ALA A 70 -5.54 6.20 -3.82
C ALA A 70 -6.70 5.65 -3.00
N ILE A 71 -7.28 4.54 -3.46
CA ILE A 71 -8.38 3.92 -2.76
C ILE A 71 -7.94 2.67 -2.02
N VAL A 72 -8.52 2.43 -0.84
CA VAL A 72 -8.18 1.27 -0.04
C VAL A 72 -9.34 0.28 0.01
N HIS A 73 -9.10 -0.92 -0.51
CA HIS A 73 -10.13 -1.97 -0.53
C HIS A 73 -9.86 -3.00 0.56
N ASP A 74 -10.84 -3.18 1.45
CA ASP A 74 -10.71 -4.15 2.53
C ASP A 74 -11.47 -5.43 2.21
N ASN A 75 -10.74 -6.52 2.01
CA ASN A 75 -11.35 -7.80 1.70
C ASN A 75 -11.58 -8.62 2.97
N LYS A 76 -10.74 -8.40 3.97
CA LYS A 76 -10.85 -9.10 5.24
C LYS A 76 -10.78 -10.62 5.03
N ASP A 77 -10.10 -11.03 3.96
CA ASP A 77 -9.96 -12.44 3.65
C ASP A 77 -8.49 -12.84 3.57
N GLY A 78 -7.64 -12.07 4.24
CA GLY A 78 -6.22 -12.36 4.24
C GLY A 78 -5.45 -11.51 3.23
N THR A 79 -6.16 -11.07 2.19
CA THR A 79 -5.54 -10.25 1.16
C THR A 79 -6.06 -8.82 1.20
N TYR A 80 -5.52 -7.97 0.33
CA TYR A 80 -5.92 -6.58 0.27
C TYR A 80 -5.80 -6.03 -1.15
N ALA A 81 -6.73 -5.16 -1.53
CA ALA A 81 -6.72 -4.57 -2.86
C ALA A 81 -6.65 -3.04 -2.77
N VAL A 82 -5.80 -2.44 -3.60
CA VAL A 82 -5.64 -1.00 -3.63
C VAL A 82 -5.66 -0.47 -5.05
N THR A 83 -6.54 0.50 -5.30
CA THR A 83 -6.66 1.09 -6.63
C THR A 83 -6.01 2.47 -6.68
N TYR A 84 -5.33 2.75 -7.78
CA TYR A 84 -4.64 4.03 -7.95
C TYR A 84 -4.58 4.43 -9.43
N ILE A 85 -5.05 5.64 -9.72
CA ILE A 85 -5.05 6.14 -11.09
C ILE A 85 -3.99 7.22 -11.28
N PRO A 86 -2.82 6.81 -11.80
CA PRO A 86 -1.70 7.73 -12.06
C PRO A 86 -1.99 8.70 -13.20
N ASP A 87 -2.21 9.96 -12.86
CA ASP A 87 -2.50 10.99 -13.85
C ASP A 87 -1.22 11.53 -14.45
N LYS A 88 -0.20 11.69 -13.60
CA LYS A 88 1.09 12.22 -14.05
C LYS A 88 2.03 11.07 -14.45
N THR A 89 2.77 11.27 -15.53
CA THR A 89 3.70 10.27 -16.02
C THR A 89 5.12 10.55 -15.54
N GLY A 90 5.77 9.54 -14.97
CA GLY A 90 7.12 9.71 -14.48
C GLY A 90 7.53 8.58 -13.55
N ARG A 91 7.98 8.94 -12.35
CA ARG A 91 8.41 7.96 -11.37
C ARG A 91 7.43 7.89 -10.19
N TYR A 92 7.10 6.68 -9.79
CA TYR A 92 6.17 6.49 -8.67
C TYR A 92 6.78 5.59 -7.60
N MET A 93 6.71 6.05 -6.35
CA MET A 93 7.26 5.31 -5.23
C MET A 93 6.18 4.95 -4.22
N ILE A 94 5.98 3.66 -3.99
CA ILE A 94 4.98 3.19 -3.05
C ILE A 94 5.62 2.59 -1.80
N GLY A 95 5.37 3.21 -0.65
CA GLY A 95 5.94 2.72 0.59
C GLY A 95 4.91 1.99 1.44
N VAL A 96 4.84 0.68 1.29
CA VAL A 96 3.90 -0.12 2.06
C VAL A 96 4.44 -0.44 3.45
N THR A 97 3.59 -0.23 4.46
CA THR A 97 3.98 -0.50 5.84
C THR A 97 2.98 -1.39 6.54
N TYR A 98 3.46 -2.19 7.47
CA TYR A 98 2.59 -3.10 8.22
C TYR A 98 2.91 -3.04 9.72
N GLY A 99 1.90 -2.64 10.51
CA GLY A 99 2.09 -2.54 11.94
C GLY A 99 3.21 -1.60 12.33
N GLY A 100 3.27 -0.46 11.65
CA GLY A 100 4.31 0.52 11.94
C GLY A 100 5.69 0.04 11.55
N ASP A 101 5.75 -0.79 10.51
CA ASP A 101 7.02 -1.33 10.03
C ASP A 101 7.01 -1.51 8.52
N ASP A 102 7.88 -0.78 7.83
CA ASP A 102 7.97 -0.86 6.38
C ASP A 102 8.51 -2.21 5.94
N ILE A 103 7.85 -2.83 4.96
CA ILE A 103 8.27 -4.12 4.45
C ILE A 103 9.62 -4.03 3.76
N PRO A 104 10.34 -5.16 3.72
CA PRO A 104 11.66 -5.24 3.09
C PRO A 104 11.59 -5.10 1.57
N LEU A 105 10.38 -4.89 1.05
CA LEU A 105 10.18 -4.75 -0.38
C LEU A 105 10.05 -3.28 -0.77
N SER A 106 9.58 -2.46 0.16
CA SER A 106 9.41 -1.04 -0.08
C SER A 106 10.72 -0.28 0.15
N PRO A 107 10.87 0.87 -0.52
CA PRO A 107 9.84 1.41 -1.41
C PRO A 107 9.70 0.58 -2.68
N TYR A 108 8.82 1.02 -3.58
CA TYR A 108 8.58 0.33 -4.84
C TYR A 108 8.83 1.24 -6.03
N ARG A 109 9.69 0.82 -6.94
CA ARG A 109 10.01 1.60 -8.12
C ARG A 109 9.11 1.21 -9.29
N ILE A 110 8.41 2.19 -9.85
CA ILE A 110 7.51 1.95 -10.97
C ILE A 110 7.55 3.11 -11.96
N ARG A 111 7.16 2.83 -13.21
CA ARG A 111 7.15 3.86 -14.24
C ARG A 111 5.85 3.82 -15.03
N ALA A 112 5.17 4.95 -15.12
CA ALA A 112 3.91 5.03 -15.84
C ALA A 112 4.15 5.19 -17.34
N THR A 113 3.82 4.14 -18.10
CA THR A 113 4.01 4.16 -19.54
C THR A 113 2.87 4.92 -20.23
N GLN A 114 3.22 6.02 -20.88
CA GLN A 114 2.24 6.83 -21.58
C GLN A 114 2.13 6.42 -23.05
N THR A 115 2.08 5.11 -23.28
CA THR A 115 1.98 4.58 -24.64
C THR A 115 0.65 4.96 -25.28
N GLY A 116 0.72 5.57 -26.46
CA GLY A 116 -0.48 5.99 -27.15
C GLY A 116 -0.58 7.49 -27.31
N ASP A 117 -1.77 7.97 -27.64
CA ASP A 117 -1.99 9.40 -27.83
C ASP A 117 -3.47 9.75 -27.65
N ALA A 118 -3.72 10.90 -27.04
CA ALA A 118 -5.09 11.35 -26.81
C ALA A 118 -5.76 11.78 -28.11
N SER A 119 -7.01 11.39 -28.29
CA SER A 119 -7.76 11.73 -29.49
C SER A 119 -9.16 12.21 -29.15
N GLY A 1 -34.50 0.51 17.18
CA GLY A 1 -33.60 -0.06 16.19
C GLY A 1 -32.17 0.37 16.39
N SER A 2 -31.98 1.67 16.63
CA SER A 2 -30.64 2.22 16.84
C SER A 2 -29.79 1.30 17.72
N SER A 3 -28.59 1.00 17.26
CA SER A 3 -27.68 0.12 18.00
C SER A 3 -26.30 0.76 18.14
N GLY A 4 -25.44 0.12 18.92
CA GLY A 4 -24.10 0.64 19.13
C GLY A 4 -23.34 -0.13 20.18
N SER A 5 -22.11 0.30 20.47
CA SER A 5 -21.27 -0.36 21.46
C SER A 5 -20.42 0.66 22.21
N SER A 6 -20.38 0.51 23.53
CA SER A 6 -19.61 1.43 24.37
C SER A 6 -18.18 0.91 24.58
N GLY A 7 -17.29 1.78 25.01
CA GLY A 7 -15.91 1.40 25.24
C GLY A 7 -14.93 2.26 24.48
N ARG A 8 -13.79 2.55 25.10
CA ARG A 8 -12.76 3.38 24.47
C ARG A 8 -11.52 2.56 24.15
N SER A 9 -10.94 1.96 25.18
CA SER A 9 -9.74 1.15 25.01
C SER A 9 -9.64 0.08 26.09
N PRO A 10 -9.19 -1.12 25.71
CA PRO A 10 -9.04 -2.24 26.64
C PRO A 10 -7.90 -2.02 27.64
N PHE A 11 -8.06 -2.59 28.83
CA PHE A 11 -7.06 -2.45 29.88
C PHE A 11 -6.58 -3.83 30.36
N LYS A 12 -5.60 -4.39 29.65
CA LYS A 12 -5.05 -5.69 30.00
C LYS A 12 -3.62 -5.84 29.50
N VAL A 13 -2.92 -6.83 30.03
CA VAL A 13 -1.53 -7.08 29.64
C VAL A 13 -1.47 -7.78 28.29
N LYS A 14 -0.26 -7.88 27.74
CA LYS A 14 -0.05 -8.54 26.46
C LYS A 14 1.43 -8.71 26.16
N VAL A 15 1.76 -9.74 25.38
CA VAL A 15 3.15 -10.01 25.02
C VAL A 15 3.45 -9.53 23.60
N LEU A 16 4.72 -9.64 23.22
CA LEU A 16 5.14 -9.22 21.88
C LEU A 16 4.11 -9.64 20.83
N PRO A 17 3.98 -8.82 19.78
CA PRO A 17 3.03 -9.09 18.69
C PRO A 17 3.47 -10.27 17.82
N THR A 18 2.63 -10.64 16.86
CA THR A 18 2.93 -11.75 15.97
C THR A 18 3.10 -11.27 14.52
N TYR A 19 2.56 -10.08 14.24
CA TYR A 19 2.65 -9.51 12.90
C TYR A 19 4.10 -9.29 12.50
N ASP A 20 4.37 -9.44 11.20
CA ASP A 20 5.72 -9.24 10.68
C ASP A 20 5.68 -8.62 9.29
N ALA A 21 6.17 -7.39 9.18
CA ALA A 21 6.19 -6.69 7.90
C ALA A 21 6.98 -7.48 6.86
N SER A 22 8.15 -7.97 7.24
CA SER A 22 8.99 -8.73 6.34
C SER A 22 8.19 -9.82 5.65
N LYS A 23 7.19 -10.36 6.35
CA LYS A 23 6.35 -11.41 5.80
C LYS A 23 5.16 -10.83 5.04
N VAL A 24 5.39 -9.69 4.40
CA VAL A 24 4.35 -9.02 3.64
C VAL A 24 4.79 -8.75 2.20
N THR A 25 4.16 -9.42 1.25
CA THR A 25 4.50 -9.27 -0.16
C THR A 25 3.27 -8.88 -0.98
N ALA A 26 3.50 -8.39 -2.19
CA ALA A 26 2.42 -7.99 -3.07
C ALA A 26 2.74 -8.34 -4.53
N SER A 27 1.70 -8.62 -5.30
CA SER A 27 1.86 -8.98 -6.71
C SER A 27 0.68 -8.48 -7.54
N GLY A 28 0.95 -8.15 -8.80
CA GLY A 28 -0.10 -7.66 -9.68
C GLY A 28 0.40 -6.60 -10.64
N PRO A 29 -0.52 -6.01 -11.41
CA PRO A 29 -0.20 -4.97 -12.39
C PRO A 29 0.22 -3.67 -11.73
N GLY A 30 -0.44 -3.34 -10.62
CA GLY A 30 -0.13 -2.11 -9.91
C GLY A 30 1.36 -1.97 -9.62
N LEU A 31 2.01 -3.10 -9.40
CA LEU A 31 3.44 -3.11 -9.10
C LEU A 31 4.24 -3.67 -10.26
N SER A 32 3.68 -3.57 -11.46
CA SER A 32 4.33 -4.08 -12.66
C SER A 32 5.63 -3.32 -12.93
N SER A 33 6.75 -4.04 -12.89
CA SER A 33 8.06 -3.43 -13.12
C SER A 33 8.16 -2.90 -14.55
N TYR A 34 7.57 -3.62 -15.49
CA TYR A 34 7.59 -3.21 -16.89
C TYR A 34 6.95 -1.85 -17.07
N GLY A 35 5.91 -1.56 -16.28
CA GLY A 35 5.23 -0.29 -16.36
C GLY A 35 3.72 -0.44 -16.30
N VAL A 36 3.04 0.64 -15.94
CA VAL A 36 1.58 0.62 -15.83
C VAL A 36 0.95 1.62 -16.80
N PRO A 37 -0.26 1.28 -17.29
CA PRO A 37 -0.99 2.14 -18.23
C PRO A 37 -1.50 3.42 -17.57
N ALA A 38 -1.01 4.56 -18.05
CA ALA A 38 -1.42 5.85 -17.51
C ALA A 38 -2.92 6.03 -17.60
N SER A 39 -3.46 6.95 -16.80
CA SER A 39 -4.89 7.22 -16.79
C SER A 39 -5.69 5.92 -16.71
N LEU A 40 -5.17 4.96 -15.94
CA LEU A 40 -5.83 3.67 -15.79
C LEU A 40 -5.80 3.22 -14.34
N PRO A 41 -6.98 3.04 -13.73
CA PRO A 41 -7.12 2.61 -12.35
C PRO A 41 -6.70 1.15 -12.15
N VAL A 42 -5.46 0.95 -11.71
CA VAL A 42 -4.93 -0.39 -11.49
C VAL A 42 -4.82 -0.69 -10.00
N ASP A 43 -5.10 -1.94 -9.63
CA ASP A 43 -5.03 -2.35 -8.23
C ASP A 43 -4.28 -3.67 -8.09
N PHE A 44 -3.54 -3.82 -7.00
CA PHE A 44 -2.77 -5.04 -6.76
C PHE A 44 -3.37 -5.83 -5.60
N ALA A 45 -2.71 -6.92 -5.23
CA ALA A 45 -3.17 -7.77 -4.13
C ALA A 45 -2.04 -8.09 -3.17
N ILE A 46 -2.27 -7.83 -1.88
CA ILE A 46 -1.27 -8.09 -0.86
C ILE A 46 -1.52 -9.43 -0.17
N ASP A 47 -0.74 -10.44 -0.54
CA ASP A 47 -0.87 -11.77 0.05
C ASP A 47 0.06 -11.93 1.24
N ALA A 48 -0.53 -12.18 2.41
CA ALA A 48 0.24 -12.36 3.63
C ALA A 48 0.19 -13.80 4.12
N ARG A 49 1.35 -14.41 4.30
CA ARG A 49 1.42 -15.79 4.76
C ARG A 49 1.63 -15.86 6.27
N ASP A 50 2.72 -15.23 6.72
CA ASP A 50 3.04 -15.21 8.15
C ASP A 50 3.13 -13.78 8.67
N ALA A 51 2.44 -12.87 8.00
CA ALA A 51 2.45 -11.45 8.39
C ALA A 51 1.37 -11.17 9.42
N GLY A 52 0.86 -12.23 10.05
CA GLY A 52 -0.17 -12.07 11.07
C GLY A 52 -1.20 -11.02 10.68
N GLU A 53 -1.48 -10.12 11.61
CA GLU A 53 -2.46 -9.06 11.37
C GLU A 53 -1.95 -7.72 11.91
N GLY A 54 -1.97 -6.70 11.05
CA GLY A 54 -1.50 -5.39 11.46
C GLY A 54 -2.12 -4.28 10.63
N LEU A 55 -1.87 -3.03 11.02
CA LEU A 55 -2.41 -1.88 10.31
C LEU A 55 -1.59 -1.58 9.06
N LEU A 56 -2.20 -1.81 7.89
CA LEU A 56 -1.53 -1.56 6.62
C LEU A 56 -1.75 -0.13 6.16
N ALA A 57 -0.72 0.45 5.54
CA ALA A 57 -0.80 1.82 5.05
C ALA A 57 -0.41 1.89 3.58
N VAL A 58 -0.90 2.92 2.89
CA VAL A 58 -0.60 3.10 1.47
C VAL A 58 -0.01 4.48 1.21
N GLN A 59 1.23 4.50 0.73
CA GLN A 59 1.91 5.77 0.44
C GLN A 59 2.30 5.85 -1.03
N ILE A 60 1.66 6.73 -1.77
CA ILE A 60 1.94 6.90 -3.19
C ILE A 60 2.40 8.32 -3.49
N THR A 61 3.53 8.44 -4.18
CA THR A 61 4.08 9.74 -4.54
C THR A 61 4.61 9.75 -5.96
N ASP A 62 4.91 10.93 -6.47
CA ASP A 62 5.44 11.07 -7.83
C ASP A 62 6.89 11.55 -7.81
N GLN A 63 7.45 11.78 -8.99
CA GLN A 63 8.82 12.24 -9.10
C GLN A 63 9.07 13.45 -8.22
N GLU A 64 8.06 14.32 -8.13
CA GLU A 64 8.18 15.53 -7.31
C GLU A 64 7.97 15.21 -5.83
N GLY A 65 7.26 14.11 -5.57
CA GLY A 65 7.00 13.72 -4.19
C GLY A 65 5.68 14.26 -3.68
N LYS A 66 4.70 14.38 -4.57
CA LYS A 66 3.39 14.88 -4.20
C LYS A 66 2.44 13.73 -3.86
N PRO A 67 1.43 14.03 -3.04
CA PRO A 67 0.43 13.03 -2.62
C PRO A 67 -0.48 12.61 -3.77
N LYS A 68 -0.92 11.35 -3.74
CA LYS A 68 -1.80 10.82 -4.77
C LYS A 68 -3.01 10.13 -4.15
N ARG A 69 -4.18 10.36 -4.74
CA ARG A 69 -5.41 9.76 -4.25
C ARG A 69 -5.41 8.25 -4.49
N ALA A 70 -5.62 7.48 -3.43
CA ALA A 70 -5.66 6.04 -3.52
C ALA A 70 -6.85 5.45 -2.76
N ILE A 71 -7.32 4.29 -3.21
CA ILE A 71 -8.45 3.64 -2.57
C ILE A 71 -8.01 2.37 -1.84
N VAL A 72 -8.67 2.09 -0.71
CA VAL A 72 -8.35 0.90 0.07
C VAL A 72 -9.47 -0.13 -0.01
N HIS A 73 -9.18 -1.25 -0.66
CA HIS A 73 -10.16 -2.32 -0.81
C HIS A 73 -9.95 -3.40 0.24
N ASP A 74 -10.90 -3.50 1.17
CA ASP A 74 -10.82 -4.50 2.24
C ASP A 74 -11.67 -5.71 1.91
N ASN A 75 -11.07 -6.89 1.96
CA ASN A 75 -11.78 -8.13 1.67
C ASN A 75 -12.02 -8.94 2.95
N LYS A 76 -11.09 -8.84 3.89
CA LYS A 76 -11.20 -9.55 5.16
C LYS A 76 -11.29 -11.06 4.92
N ASP A 77 -10.54 -11.55 3.95
CA ASP A 77 -10.53 -12.97 3.63
C ASP A 77 -9.11 -13.54 3.68
N GLY A 78 -8.13 -12.65 3.73
CA GLY A 78 -6.75 -13.08 3.78
C GLY A 78 -5.84 -12.25 2.88
N THR A 79 -6.45 -11.35 2.11
CA THR A 79 -5.69 -10.50 1.20
C THR A 79 -6.21 -9.06 1.23
N TYR A 80 -5.54 -8.18 0.49
CA TYR A 80 -5.93 -6.78 0.44
C TYR A 80 -5.66 -6.20 -0.95
N ALA A 81 -6.54 -5.30 -1.39
CA ALA A 81 -6.40 -4.65 -2.68
C ALA A 81 -6.32 -3.14 -2.54
N VAL A 82 -5.60 -2.50 -3.46
CA VAL A 82 -5.44 -1.05 -3.44
C VAL A 82 -5.40 -0.49 -4.85
N THR A 83 -6.42 0.30 -5.20
CA THR A 83 -6.50 0.90 -6.53
C THR A 83 -5.82 2.27 -6.55
N TYR A 84 -5.21 2.60 -7.67
CA TYR A 84 -4.52 3.89 -7.82
C TYR A 84 -4.52 4.33 -9.28
N ILE A 85 -4.96 5.56 -9.52
CA ILE A 85 -5.00 6.11 -10.86
C ILE A 85 -3.89 7.13 -11.08
N PRO A 86 -2.81 6.69 -11.74
CA PRO A 86 -1.65 7.55 -12.03
C PRO A 86 -1.98 8.63 -13.06
N ASP A 87 -2.28 9.83 -12.59
CA ASP A 87 -2.60 10.95 -13.47
C ASP A 87 -1.35 11.74 -13.81
N LYS A 88 -0.20 11.10 -13.74
CA LYS A 88 1.07 11.75 -14.04
C LYS A 88 2.03 10.78 -14.74
N THR A 89 3.03 11.33 -15.41
CA THR A 89 4.01 10.52 -16.12
C THR A 89 5.41 10.75 -15.57
N GLY A 90 6.10 9.65 -15.26
CA GLY A 90 7.45 9.76 -14.72
C GLY A 90 7.80 8.59 -13.82
N ARG A 91 8.15 8.89 -12.57
CA ARG A 91 8.51 7.86 -11.61
C ARG A 91 7.53 7.85 -10.43
N TYR A 92 7.03 6.67 -10.11
CA TYR A 92 6.08 6.53 -9.01
C TYR A 92 6.70 5.72 -7.87
N MET A 93 6.88 6.39 -6.73
CA MET A 93 7.46 5.74 -5.55
C MET A 93 6.37 5.33 -4.57
N ILE A 94 6.37 4.06 -4.18
CA ILE A 94 5.37 3.55 -3.24
C ILE A 94 6.05 2.98 -1.99
N GLY A 95 5.61 3.42 -0.83
CA GLY A 95 6.18 2.95 0.41
C GLY A 95 5.16 2.22 1.27
N VAL A 96 5.12 0.89 1.13
CA VAL A 96 4.19 0.07 1.89
C VAL A 96 4.73 -0.22 3.29
N THR A 97 3.90 0.00 4.29
CA THR A 97 4.29 -0.24 5.68
C THR A 97 3.30 -1.16 6.38
N TYR A 98 3.81 -1.99 7.28
CA TYR A 98 2.95 -2.92 8.03
C TYR A 98 3.25 -2.84 9.53
N GLY A 99 2.24 -2.46 10.30
CA GLY A 99 2.41 -2.36 11.74
C GLY A 99 3.53 -1.40 12.13
N GLY A 100 3.51 -0.21 11.54
CA GLY A 100 4.53 0.78 11.84
C GLY A 100 5.92 0.30 11.48
N ASP A 101 6.03 -0.43 10.38
CA ASP A 101 7.31 -0.95 9.92
C ASP A 101 7.30 -1.18 8.42
N ASP A 102 8.18 -0.47 7.71
CA ASP A 102 8.28 -0.60 6.26
C ASP A 102 8.82 -1.97 5.87
N ILE A 103 8.25 -2.55 4.83
CA ILE A 103 8.69 -3.86 4.35
C ILE A 103 10.06 -3.77 3.67
N PRO A 104 10.81 -4.88 3.72
CA PRO A 104 12.14 -4.96 3.12
C PRO A 104 12.08 -4.94 1.59
N LEU A 105 10.89 -4.79 1.05
CA LEU A 105 10.70 -4.75 -0.40
C LEU A 105 10.58 -3.32 -0.90
N SER A 106 10.11 -2.44 -0.02
CA SER A 106 9.94 -1.03 -0.38
C SER A 106 11.24 -0.26 -0.18
N PRO A 107 11.34 0.92 -0.82
CA PRO A 107 10.26 1.45 -1.65
C PRO A 107 10.08 0.65 -2.94
N TYR A 108 9.13 1.08 -3.77
CA TYR A 108 8.86 0.41 -5.03
C TYR A 108 9.02 1.37 -6.20
N ARG A 109 9.77 0.93 -7.21
CA ARG A 109 10.02 1.76 -8.40
C ARG A 109 9.06 1.38 -9.52
N ILE A 110 8.29 2.36 -9.99
CA ILE A 110 7.34 2.12 -11.07
C ILE A 110 7.27 3.32 -12.01
N ARG A 111 6.74 3.09 -13.21
CA ARG A 111 6.61 4.15 -14.20
C ARG A 111 5.38 3.94 -15.08
N ALA A 112 4.74 5.03 -15.48
CA ALA A 112 3.56 4.96 -16.33
C ALA A 112 3.94 5.01 -17.81
N THR A 113 3.27 4.19 -18.61
CA THR A 113 3.53 4.14 -20.05
C THR A 113 2.41 4.79 -20.84
N GLN A 114 2.58 6.07 -21.15
CA GLN A 114 1.57 6.81 -21.90
C GLN A 114 1.65 6.47 -23.39
N THR A 115 1.74 5.18 -23.69
CA THR A 115 1.82 4.73 -25.08
C THR A 115 0.45 4.25 -25.59
N GLY A 116 0.01 4.82 -26.69
CA GLY A 116 -1.27 4.44 -27.26
C GLY A 116 -2.44 5.08 -26.52
N ASP A 117 -2.32 6.37 -26.24
CA ASP A 117 -3.38 7.09 -25.54
C ASP A 117 -4.45 7.56 -26.52
N ALA A 118 -5.61 7.92 -25.98
CA ALA A 118 -6.73 8.38 -26.80
C ALA A 118 -6.34 9.62 -27.60
N SER A 119 -6.66 9.60 -28.89
CA SER A 119 -6.35 10.73 -29.77
C SER A 119 -6.82 12.03 -29.16
N GLY A 1 -5.51 30.75 25.12
CA GLY A 1 -4.69 29.63 25.55
C GLY A 1 -5.48 28.58 26.31
N SER A 2 -4.80 27.54 26.75
CA SER A 2 -5.44 26.46 27.49
C SER A 2 -4.41 25.48 28.04
N SER A 3 -4.66 24.98 29.24
CA SER A 3 -3.75 24.03 29.88
C SER A 3 -4.16 22.59 29.59
N GLY A 4 -3.20 21.68 29.66
CA GLY A 4 -3.49 20.28 29.40
C GLY A 4 -2.25 19.40 29.51
N SER A 5 -2.35 18.34 30.30
CA SER A 5 -1.24 17.43 30.50
C SER A 5 -1.73 15.99 30.66
N SER A 6 -1.39 15.14 29.69
CA SER A 6 -1.79 13.75 29.72
C SER A 6 -0.60 12.84 29.98
N GLY A 7 -0.88 11.63 30.47
CA GLY A 7 0.18 10.68 30.76
C GLY A 7 -0.31 9.49 31.55
N ARG A 8 0.01 8.30 31.08
CA ARG A 8 -0.40 7.06 31.75
C ARG A 8 0.76 6.45 32.52
N SER A 9 1.96 6.54 31.96
CA SER A 9 3.16 5.99 32.60
C SER A 9 2.99 4.49 32.84
N PRO A 10 2.68 3.76 31.76
CA PRO A 10 2.49 2.30 31.84
C PRO A 10 3.80 1.56 32.09
N PHE A 11 3.89 0.90 33.24
CA PHE A 11 5.09 0.15 33.60
C PHE A 11 4.81 -1.34 33.65
N LYS A 12 4.90 -1.99 32.49
CA LYS A 12 4.65 -3.43 32.40
C LYS A 12 5.57 -4.07 31.35
N VAL A 13 5.51 -5.39 31.26
CA VAL A 13 6.33 -6.12 30.30
C VAL A 13 5.71 -6.09 28.91
N LYS A 14 6.52 -6.35 27.90
CA LYS A 14 6.06 -6.36 26.52
C LYS A 14 6.82 -7.38 25.69
N VAL A 15 6.13 -7.97 24.71
CA VAL A 15 6.75 -8.97 23.85
C VAL A 15 6.56 -8.61 22.37
N LEU A 16 7.25 -9.34 21.50
CA LEU A 16 7.17 -9.10 20.07
C LEU A 16 5.77 -9.42 19.54
N PRO A 17 5.29 -8.61 18.59
CA PRO A 17 3.97 -8.78 17.99
C PRO A 17 3.91 -10.02 17.10
N THR A 18 2.71 -10.59 16.96
CA THR A 18 2.51 -11.77 16.13
C THR A 18 2.64 -11.43 14.64
N TYR A 19 2.19 -10.23 14.28
CA TYR A 19 2.25 -9.80 12.89
C TYR A 19 3.69 -9.54 12.46
N ASP A 20 3.93 -9.59 11.16
CA ASP A 20 5.26 -9.37 10.61
C ASP A 20 5.19 -8.67 9.25
N ALA A 21 5.79 -7.49 9.16
CA ALA A 21 5.79 -6.73 7.91
C ALA A 21 6.63 -7.42 6.85
N SER A 22 7.82 -7.88 7.25
CA SER A 22 8.72 -8.55 6.32
C SER A 22 8.01 -9.69 5.60
N LYS A 23 7.01 -10.26 6.25
CA LYS A 23 6.24 -11.37 5.67
C LYS A 23 5.08 -10.84 4.84
N VAL A 24 5.25 -9.65 4.29
CA VAL A 24 4.22 -9.03 3.45
C VAL A 24 4.73 -8.75 2.05
N THR A 25 3.96 -9.18 1.05
CA THR A 25 4.33 -8.97 -0.33
C THR A 25 3.11 -8.71 -1.20
N ALA A 26 3.34 -8.23 -2.42
CA ALA A 26 2.25 -7.93 -3.35
C ALA A 26 2.65 -8.28 -4.78
N SER A 27 1.64 -8.56 -5.61
CA SER A 27 1.89 -8.91 -7.00
C SER A 27 0.73 -8.45 -7.89
N GLY A 28 1.05 -8.12 -9.14
CA GLY A 28 0.04 -7.66 -10.06
C GLY A 28 0.54 -6.56 -10.99
N PRO A 29 -0.38 -5.99 -11.78
CA PRO A 29 -0.05 -4.92 -12.73
C PRO A 29 0.30 -3.62 -12.03
N GLY A 30 -0.39 -3.33 -10.94
CA GLY A 30 -0.14 -2.11 -10.19
C GLY A 30 1.31 -1.99 -9.76
N LEU A 31 1.97 -3.12 -9.55
CA LEU A 31 3.36 -3.14 -9.13
C LEU A 31 4.24 -3.81 -10.17
N SER A 32 3.78 -3.80 -11.42
CA SER A 32 4.52 -4.41 -12.52
C SER A 32 5.81 -3.66 -12.79
N SER A 33 6.94 -4.28 -12.46
CA SER A 33 8.25 -3.66 -12.67
C SER A 33 8.40 -3.19 -14.12
N TYR A 34 7.83 -3.95 -15.04
CA TYR A 34 7.92 -3.62 -16.46
C TYR A 34 7.28 -2.26 -16.73
N GLY A 35 6.25 -1.93 -15.96
CA GLY A 35 5.57 -0.65 -16.13
C GLY A 35 4.06 -0.78 -16.03
N VAL A 36 3.40 0.33 -15.72
CA VAL A 36 1.94 0.34 -15.60
C VAL A 36 1.32 1.30 -16.59
N PRO A 37 0.08 1.00 -17.02
CA PRO A 37 -0.66 1.83 -17.98
C PRO A 37 -1.10 3.15 -17.36
N ALA A 38 -0.56 4.25 -17.89
CA ALA A 38 -0.91 5.58 -17.40
C ALA A 38 -2.40 5.86 -17.56
N SER A 39 -2.88 6.87 -16.85
CA SER A 39 -4.30 7.24 -16.91
C SER A 39 -5.17 6.00 -16.92
N LEU A 40 -4.84 5.02 -16.08
CA LEU A 40 -5.60 3.78 -16.00
C LEU A 40 -5.66 3.28 -14.55
N PRO A 41 -6.89 3.07 -14.05
CA PRO A 41 -7.11 2.59 -12.69
C PRO A 41 -6.68 1.13 -12.51
N VAL A 42 -5.48 0.94 -11.98
CA VAL A 42 -4.95 -0.40 -11.76
C VAL A 42 -4.95 -0.76 -10.28
N ASP A 43 -5.14 -2.03 -9.97
CA ASP A 43 -5.16 -2.50 -8.59
C ASP A 43 -4.39 -3.81 -8.45
N PHE A 44 -3.63 -3.93 -7.37
CA PHE A 44 -2.85 -5.14 -7.12
C PHE A 44 -3.45 -5.96 -5.98
N ALA A 45 -2.78 -7.05 -5.61
CA ALA A 45 -3.26 -7.91 -4.54
C ALA A 45 -2.16 -8.17 -3.52
N ILE A 46 -2.49 -8.03 -2.24
CA ILE A 46 -1.53 -8.25 -1.18
C ILE A 46 -1.84 -9.54 -0.42
N ASP A 47 -0.98 -10.54 -0.59
CA ASP A 47 -1.16 -11.83 0.07
C ASP A 47 -0.14 -11.99 1.20
N ALA A 48 -0.64 -12.17 2.42
CA ALA A 48 0.22 -12.35 3.58
C ALA A 48 0.17 -13.79 4.09
N ARG A 49 1.33 -14.41 4.21
CA ARG A 49 1.41 -15.79 4.68
C ARG A 49 1.68 -15.83 6.18
N ASP A 50 2.75 -15.17 6.61
CA ASP A 50 3.12 -15.13 8.03
C ASP A 50 3.19 -13.70 8.53
N ALA A 51 2.35 -12.83 7.96
CA ALA A 51 2.31 -11.44 8.36
C ALA A 51 1.27 -11.19 9.43
N GLY A 52 0.29 -12.09 9.52
CA GLY A 52 -0.76 -11.96 10.51
C GLY A 52 -1.68 -10.78 10.23
N GLU A 53 -2.06 -10.07 11.28
CA GLU A 53 -2.94 -8.91 11.15
C GLU A 53 -2.27 -7.66 11.71
N GLY A 54 -2.37 -6.57 10.96
CA GLY A 54 -1.77 -5.32 11.40
C GLY A 54 -2.31 -4.12 10.63
N LEU A 55 -2.16 -2.94 11.21
CA LEU A 55 -2.63 -1.71 10.58
C LEU A 55 -1.95 -1.51 9.23
N LEU A 56 -2.71 -1.72 8.15
CA LEU A 56 -2.19 -1.55 6.81
C LEU A 56 -2.48 -0.15 6.28
N ALA A 57 -1.51 0.42 5.58
CA ALA A 57 -1.65 1.76 5.00
C ALA A 57 -1.03 1.85 3.62
N VAL A 58 -1.51 2.78 2.81
CA VAL A 58 -1.00 2.97 1.46
C VAL A 58 -0.48 4.38 1.26
N GLN A 59 0.79 4.49 0.88
CA GLN A 59 1.41 5.79 0.66
C GLN A 59 2.02 5.88 -0.74
N ILE A 60 1.44 6.73 -1.58
CA ILE A 60 1.91 6.90 -2.95
C ILE A 60 2.42 8.33 -3.17
N THR A 61 3.51 8.44 -3.92
CA THR A 61 4.10 9.74 -4.22
C THR A 61 4.53 9.84 -5.67
N ASP A 62 4.92 11.04 -6.09
CA ASP A 62 5.36 11.25 -7.47
C ASP A 62 6.86 11.52 -7.53
N GLN A 63 7.35 11.84 -8.71
CA GLN A 63 8.78 12.11 -8.91
C GLN A 63 9.26 13.18 -7.93
N GLU A 64 8.40 14.17 -7.69
CA GLU A 64 8.74 15.27 -6.78
C GLU A 64 8.52 14.85 -5.33
N GLY A 65 7.62 13.89 -5.13
CA GLY A 65 7.33 13.42 -3.79
C GLY A 65 6.09 14.07 -3.20
N LYS A 66 5.05 14.22 -4.03
CA LYS A 66 3.81 14.82 -3.59
C LYS A 66 2.79 13.76 -3.19
N PRO A 67 1.83 14.13 -2.34
CA PRO A 67 0.78 13.21 -1.88
C PRO A 67 -0.20 12.86 -2.98
N LYS A 68 -0.42 11.56 -3.17
CA LYS A 68 -1.34 11.08 -4.20
C LYS A 68 -2.51 10.34 -3.58
N ARG A 69 -3.70 10.55 -4.13
CA ARG A 69 -4.91 9.90 -3.63
C ARG A 69 -4.95 8.44 -4.06
N ALA A 70 -5.25 7.54 -3.11
CA ALA A 70 -5.33 6.12 -3.39
C ALA A 70 -6.57 5.50 -2.76
N ILE A 71 -7.10 4.47 -3.41
CA ILE A 71 -8.29 3.79 -2.91
C ILE A 71 -7.92 2.61 -2.03
N VAL A 72 -8.77 2.31 -1.05
CA VAL A 72 -8.54 1.18 -0.15
C VAL A 72 -9.72 0.23 -0.14
N HIS A 73 -9.44 -1.04 -0.41
CA HIS A 73 -10.48 -2.07 -0.44
C HIS A 73 -10.25 -3.10 0.66
N ASP A 74 -11.33 -3.48 1.35
CA ASP A 74 -11.24 -4.46 2.42
C ASP A 74 -11.94 -5.75 2.03
N ASN A 75 -11.20 -6.86 2.04
CA ASN A 75 -11.74 -8.16 1.68
C ASN A 75 -11.99 -9.00 2.92
N LYS A 76 -11.10 -8.89 3.90
CA LYS A 76 -11.22 -9.63 5.15
C LYS A 76 -11.08 -11.13 4.89
N ASP A 77 -10.21 -11.49 3.95
CA ASP A 77 -9.98 -12.89 3.61
C ASP A 77 -8.49 -13.20 3.57
N GLY A 78 -7.72 -12.49 4.39
CA GLY A 78 -6.28 -12.70 4.43
C GLY A 78 -5.56 -12.01 3.28
N THR A 79 -6.19 -10.99 2.73
CA THR A 79 -5.61 -10.23 1.62
C THR A 79 -6.05 -8.77 1.65
N TYR A 80 -5.51 -7.98 0.73
CA TYR A 80 -5.84 -6.56 0.66
C TYR A 80 -5.69 -6.05 -0.78
N ALA A 81 -6.66 -5.26 -1.22
CA ALA A 81 -6.64 -4.69 -2.55
C ALA A 81 -6.48 -3.17 -2.52
N VAL A 82 -5.73 -2.64 -3.47
CA VAL A 82 -5.49 -1.20 -3.55
C VAL A 82 -5.50 -0.71 -4.99
N THR A 83 -6.30 0.30 -5.26
CA THR A 83 -6.40 0.86 -6.61
C THR A 83 -5.76 2.25 -6.68
N TYR A 84 -5.16 2.56 -7.82
CA TYR A 84 -4.51 3.85 -8.01
C TYR A 84 -4.53 4.26 -9.48
N ILE A 85 -4.89 5.51 -9.73
CA ILE A 85 -4.94 6.02 -11.10
C ILE A 85 -3.81 7.01 -11.37
N PRO A 86 -2.72 6.50 -11.96
CA PRO A 86 -1.55 7.33 -12.29
C PRO A 86 -1.83 8.33 -13.41
N ASP A 87 -2.26 9.53 -13.04
CA ASP A 87 -2.56 10.57 -14.01
C ASP A 87 -1.35 11.47 -14.23
N LYS A 88 -0.16 10.88 -14.14
CA LYS A 88 1.08 11.64 -14.33
C LYS A 88 2.20 10.73 -14.82
N THR A 89 2.85 11.12 -15.91
CA THR A 89 3.93 10.34 -16.48
C THR A 89 5.23 10.56 -15.70
N GLY A 90 5.88 9.46 -15.32
CA GLY A 90 7.12 9.56 -14.57
C GLY A 90 7.36 8.34 -13.69
N ARG A 91 7.94 8.58 -12.52
CA ARG A 91 8.22 7.50 -11.58
C ARG A 91 7.32 7.58 -10.35
N TYR A 92 6.80 6.45 -9.94
CA TYR A 92 5.91 6.39 -8.77
C TYR A 92 6.55 5.60 -7.63
N MET A 93 6.65 6.22 -6.47
CA MET A 93 7.25 5.58 -5.31
C MET A 93 6.18 5.19 -4.30
N ILE A 94 5.95 3.90 -4.15
CA ILE A 94 4.94 3.40 -3.21
C ILE A 94 5.60 2.84 -1.95
N GLY A 95 5.19 3.37 -0.81
CA GLY A 95 5.74 2.91 0.46
C GLY A 95 4.75 2.13 1.28
N VAL A 96 4.73 0.81 1.11
CA VAL A 96 3.82 -0.05 1.84
C VAL A 96 4.32 -0.30 3.26
N THR A 97 3.44 -0.12 4.24
CA THR A 97 3.78 -0.33 5.63
C THR A 97 2.76 -1.23 6.33
N TYR A 98 3.24 -2.04 7.27
CA TYR A 98 2.38 -2.95 8.00
C TYR A 98 2.66 -2.90 9.50
N GLY A 99 1.66 -2.52 10.28
CA GLY A 99 1.83 -2.43 11.72
C GLY A 99 2.91 -1.44 12.12
N GLY A 100 2.91 -0.27 11.49
CA GLY A 100 3.89 0.75 11.79
C GLY A 100 5.30 0.30 11.47
N ASP A 101 5.44 -0.49 10.40
CA ASP A 101 6.74 -1.00 9.99
C ASP A 101 6.79 -1.21 8.48
N ASP A 102 7.71 -0.50 7.82
CA ASP A 102 7.85 -0.61 6.36
C ASP A 102 8.54 -1.92 5.99
N ILE A 103 8.06 -2.55 4.92
CA ILE A 103 8.62 -3.80 4.46
C ILE A 103 9.97 -3.58 3.77
N PRO A 104 10.82 -4.62 3.79
CA PRO A 104 12.15 -4.55 3.17
C PRO A 104 12.09 -4.51 1.65
N LEU A 105 10.87 -4.47 1.12
CA LEU A 105 10.66 -4.43 -0.32
C LEU A 105 10.48 -3.00 -0.80
N SER A 106 9.89 -2.16 0.05
CA SER A 106 9.65 -0.77 -0.29
C SER A 106 10.88 0.08 -0.03
N PRO A 107 10.94 1.27 -0.66
CA PRO A 107 9.86 1.74 -1.54
C PRO A 107 9.79 0.95 -2.84
N TYR A 108 8.74 1.18 -3.61
CA TYR A 108 8.55 0.49 -4.88
C TYR A 108 8.73 1.45 -6.05
N ARG A 109 9.59 1.06 -7.00
CA ARG A 109 9.85 1.88 -8.16
C ARG A 109 9.03 1.41 -9.36
N ILE A 110 8.20 2.31 -9.89
CA ILE A 110 7.35 1.98 -11.03
C ILE A 110 7.35 3.11 -12.06
N ARG A 111 7.18 2.76 -13.32
CA ARG A 111 7.15 3.73 -14.39
C ARG A 111 5.84 3.68 -15.17
N ALA A 112 5.08 4.77 -15.12
CA ALA A 112 3.81 4.84 -15.82
C ALA A 112 4.00 5.11 -17.31
N THR A 113 3.94 4.05 -18.11
CA THR A 113 4.11 4.16 -19.56
C THR A 113 2.91 4.85 -20.19
N GLN A 114 3.16 5.93 -20.92
CA GLN A 114 2.11 6.67 -21.59
C GLN A 114 1.99 6.26 -23.05
N THR A 115 0.77 6.29 -23.58
CA THR A 115 0.52 5.92 -24.96
C THR A 115 -0.74 6.57 -25.50
N GLY A 116 -0.58 7.60 -26.33
CA GLY A 116 -1.72 8.29 -26.89
C GLY A 116 -1.80 8.16 -28.40
N ASP A 117 -2.69 8.92 -29.02
CA ASP A 117 -2.86 8.88 -30.46
C ASP A 117 -3.13 10.28 -31.02
N ALA A 118 -3.15 10.40 -32.34
CA ALA A 118 -3.40 11.67 -33.00
C ALA A 118 -4.81 12.15 -32.75
N SER A 119 -4.96 13.18 -31.91
CA SER A 119 -6.26 13.73 -31.58
C SER A 119 -6.24 15.25 -31.64
N GLY A 1 -13.71 21.84 16.12
CA GLY A 1 -14.17 20.47 16.30
C GLY A 1 -13.68 19.89 17.61
N SER A 2 -13.86 18.58 17.77
CA SER A 2 -13.43 17.90 18.98
C SER A 2 -13.34 16.39 18.75
N SER A 3 -12.70 15.69 19.68
CA SER A 3 -12.52 14.25 19.58
C SER A 3 -11.95 13.67 20.87
N GLY A 4 -11.80 12.36 20.91
CA GLY A 4 -11.26 11.70 22.09
C GLY A 4 -10.49 10.44 21.75
N SER A 5 -9.86 9.85 22.77
CA SER A 5 -9.08 8.63 22.57
C SER A 5 -8.99 7.83 23.87
N SER A 6 -8.49 6.61 23.76
CA SER A 6 -8.35 5.74 24.93
C SER A 6 -6.96 5.12 24.99
N GLY A 7 -6.56 4.67 26.17
CA GLY A 7 -5.25 4.07 26.34
C GLY A 7 -5.11 3.36 27.68
N ARG A 8 -5.33 2.05 27.68
CA ARG A 8 -5.23 1.27 28.90
C ARG A 8 -4.43 -0.02 28.66
N SER A 9 -3.54 -0.35 29.58
CA SER A 9 -2.72 -1.55 29.47
C SER A 9 -1.92 -1.78 30.74
N PRO A 10 -1.76 -3.07 31.11
CA PRO A 10 -1.01 -3.45 32.31
C PRO A 10 0.49 -3.20 32.17
N PHE A 11 1.26 -3.79 33.08
CA PHE A 11 2.72 -3.62 33.05
C PHE A 11 3.41 -4.98 33.11
N LYS A 12 3.66 -5.55 31.93
CA LYS A 12 4.34 -6.85 31.84
C LYS A 12 5.35 -6.85 30.71
N VAL A 13 6.14 -7.92 30.63
CA VAL A 13 7.14 -8.06 29.59
C VAL A 13 6.53 -7.92 28.20
N LYS A 14 7.32 -7.40 27.26
CA LYS A 14 6.85 -7.22 25.89
C LYS A 14 7.60 -8.12 24.93
N VAL A 15 6.89 -9.09 24.34
CA VAL A 15 7.49 -10.02 23.40
C VAL A 15 7.20 -9.62 21.97
N LEU A 16 7.90 -10.25 21.02
CA LEU A 16 7.71 -9.96 19.61
C LEU A 16 6.24 -10.01 19.23
N PRO A 17 5.82 -9.12 18.32
CA PRO A 17 4.43 -9.05 17.86
C PRO A 17 4.04 -10.24 17.00
N THR A 18 2.76 -10.59 17.04
CA THR A 18 2.25 -11.72 16.26
C THR A 18 2.32 -11.45 14.77
N TYR A 19 2.12 -10.19 14.39
CA TYR A 19 2.17 -9.79 12.99
C TYR A 19 3.61 -9.68 12.50
N ASP A 20 3.77 -9.63 11.18
CA ASP A 20 5.09 -9.53 10.58
C ASP A 20 5.03 -8.78 9.25
N ALA A 21 5.86 -7.74 9.13
CA ALA A 21 5.89 -6.93 7.91
C ALA A 21 6.60 -7.68 6.78
N SER A 22 7.83 -8.10 7.03
CA SER A 22 8.61 -8.83 6.03
C SER A 22 7.82 -10.00 5.47
N LYS A 23 6.83 -10.46 6.23
CA LYS A 23 5.99 -11.57 5.81
C LYS A 23 4.87 -11.10 4.90
N VAL A 24 5.05 -9.92 4.30
CA VAL A 24 4.05 -9.35 3.40
C VAL A 24 4.61 -9.23 1.98
N THR A 25 3.88 -9.78 1.02
CA THR A 25 4.30 -9.72 -0.37
C THR A 25 3.15 -9.30 -1.28
N ALA A 26 3.42 -8.35 -2.17
CA ALA A 26 2.40 -7.86 -3.09
C ALA A 26 2.74 -8.22 -4.53
N SER A 27 1.72 -8.50 -5.33
CA SER A 27 1.92 -8.86 -6.73
C SER A 27 0.76 -8.38 -7.59
N GLY A 28 1.04 -8.11 -8.86
CA GLY A 28 0.01 -7.64 -9.76
C GLY A 28 0.52 -6.61 -10.75
N PRO A 29 -0.39 -6.04 -11.54
CA PRO A 29 -0.03 -5.03 -12.55
C PRO A 29 0.40 -3.70 -11.92
N GLY A 30 -0.22 -3.37 -10.79
CA GLY A 30 0.12 -2.14 -10.10
C GLY A 30 1.56 -2.09 -9.65
N LEU A 31 2.18 -3.26 -9.56
CA LEU A 31 3.57 -3.36 -9.14
C LEU A 31 4.42 -4.02 -10.21
N SER A 32 3.97 -3.94 -11.46
CA SER A 32 4.69 -4.54 -12.57
C SER A 32 5.97 -3.75 -12.87
N SER A 33 7.12 -4.39 -12.60
CA SER A 33 8.40 -3.74 -12.84
C SER A 33 8.54 -3.32 -14.30
N TYR A 34 7.88 -4.05 -15.19
CA TYR A 34 7.93 -3.75 -16.60
C TYR A 34 7.31 -2.40 -16.91
N GLY A 35 6.30 -2.03 -16.12
CA GLY A 35 5.64 -0.75 -16.31
C GLY A 35 4.13 -0.86 -16.19
N VAL A 36 3.48 0.26 -15.90
CA VAL A 36 2.03 0.29 -15.75
C VAL A 36 1.40 1.26 -16.73
N PRO A 37 0.18 0.94 -17.19
CA PRO A 37 -0.56 1.78 -18.15
C PRO A 37 -1.05 3.08 -17.50
N ALA A 38 -0.60 4.20 -18.06
CA ALA A 38 -1.01 5.51 -17.55
C ALA A 38 -2.51 5.72 -17.69
N SER A 39 -3.00 6.80 -17.09
CA SER A 39 -4.43 7.11 -17.15
C SER A 39 -5.26 5.85 -17.10
N LEU A 40 -4.82 4.88 -16.30
CA LEU A 40 -5.53 3.61 -16.16
C LEU A 40 -5.58 3.18 -14.70
N PRO A 41 -6.80 2.95 -14.20
CA PRO A 41 -7.02 2.53 -12.80
C PRO A 41 -6.54 1.09 -12.56
N VAL A 42 -5.33 0.96 -12.03
CA VAL A 42 -4.77 -0.36 -11.74
C VAL A 42 -4.71 -0.62 -10.24
N ASP A 43 -4.93 -1.88 -9.85
CA ASP A 43 -4.90 -2.26 -8.45
C ASP A 43 -4.19 -3.59 -8.26
N PHE A 44 -3.38 -3.69 -7.22
CA PHE A 44 -2.64 -4.91 -6.93
C PHE A 44 -3.26 -5.67 -5.76
N ALA A 45 -2.62 -6.76 -5.36
CA ALA A 45 -3.12 -7.57 -4.25
C ALA A 45 -1.99 -7.92 -3.29
N ILE A 46 -2.26 -7.76 -2.00
CA ILE A 46 -1.26 -8.08 -0.98
C ILE A 46 -1.63 -9.34 -0.21
N ASP A 47 -0.91 -10.42 -0.48
CA ASP A 47 -1.17 -11.69 0.20
C ASP A 47 -0.18 -11.92 1.33
N ALA A 48 -0.69 -12.06 2.55
CA ALA A 48 0.15 -12.27 3.72
C ALA A 48 -0.10 -13.65 4.33
N ARG A 49 0.96 -14.42 4.49
CA ARG A 49 0.85 -15.76 5.05
C ARG A 49 1.13 -15.74 6.55
N ASP A 50 2.26 -15.16 6.93
CA ASP A 50 2.65 -15.07 8.33
C ASP A 50 2.77 -13.62 8.78
N ALA A 51 2.00 -12.75 8.14
CA ALA A 51 2.02 -11.33 8.46
C ALA A 51 0.99 -11.01 9.54
N GLY A 52 0.01 -11.88 9.71
CA GLY A 52 -1.02 -11.67 10.71
C GLY A 52 -1.84 -10.42 10.45
N GLU A 53 -2.10 -9.65 11.51
CA GLU A 53 -2.88 -8.42 11.37
C GLU A 53 -2.07 -7.21 11.84
N GLY A 54 -2.22 -6.10 11.13
CA GLY A 54 -1.50 -4.89 11.48
C GLY A 54 -1.98 -3.68 10.70
N LEU A 55 -1.94 -2.52 11.34
CA LEU A 55 -2.37 -1.28 10.70
C LEU A 55 -1.71 -1.10 9.34
N LEU A 56 -2.47 -1.31 8.28
CA LEU A 56 -1.96 -1.17 6.93
C LEU A 56 -2.06 0.28 6.45
N ALA A 57 -1.01 0.76 5.80
CA ALA A 57 -0.98 2.12 5.29
C ALA A 57 -0.53 2.16 3.84
N VAL A 58 -1.17 2.99 3.04
CA VAL A 58 -0.84 3.12 1.63
C VAL A 58 -0.25 4.49 1.32
N GLN A 59 1.05 4.53 1.06
CA GLN A 59 1.73 5.79 0.75
C GLN A 59 2.14 5.84 -0.71
N ILE A 60 1.60 6.81 -1.45
CA ILE A 60 1.91 6.97 -2.86
C ILE A 60 2.41 8.38 -3.15
N THR A 61 3.54 8.46 -3.85
CA THR A 61 4.13 9.75 -4.20
C THR A 61 4.60 9.76 -5.66
N ASP A 62 4.64 10.95 -6.24
CA ASP A 62 5.07 11.10 -7.63
C ASP A 62 6.37 11.90 -7.71
N GLN A 63 6.82 12.17 -8.93
CA GLN A 63 8.05 12.93 -9.14
C GLN A 63 8.02 14.24 -8.36
N GLU A 64 6.82 14.73 -8.09
CA GLU A 64 6.67 15.98 -7.35
C GLU A 64 6.77 15.73 -5.84
N GLY A 65 6.49 14.51 -5.43
CA GLY A 65 6.56 14.16 -4.03
C GLY A 65 5.26 14.46 -3.29
N LYS A 66 4.21 14.76 -4.05
CA LYS A 66 2.91 15.06 -3.47
C LYS A 66 2.06 13.80 -3.38
N PRO A 67 1.13 13.78 -2.41
CA PRO A 67 0.22 12.65 -2.20
C PRO A 67 -0.80 12.50 -3.32
N LYS A 68 -0.95 11.28 -3.82
CA LYS A 68 -1.89 11.00 -4.90
C LYS A 68 -3.14 10.31 -4.36
N ARG A 69 -4.27 10.53 -5.02
CA ARG A 69 -5.53 9.91 -4.60
C ARG A 69 -5.52 8.42 -4.91
N ALA A 70 -5.69 7.60 -3.88
CA ALA A 70 -5.72 6.15 -4.04
C ALA A 70 -6.87 5.53 -3.26
N ILE A 71 -7.43 4.45 -3.81
CA ILE A 71 -8.54 3.76 -3.17
C ILE A 71 -8.05 2.55 -2.37
N VAL A 72 -8.66 2.32 -1.22
CA VAL A 72 -8.29 1.19 -0.36
C VAL A 72 -9.34 0.10 -0.42
N HIS A 73 -8.94 -1.09 -0.86
CA HIS A 73 -9.84 -2.23 -0.96
C HIS A 73 -9.68 -3.16 0.23
N ASP A 74 -10.78 -3.40 0.95
CA ASP A 74 -10.75 -4.28 2.12
C ASP A 74 -11.60 -5.53 1.88
N ASN A 75 -10.94 -6.67 1.77
CA ASN A 75 -11.64 -7.93 1.54
C ASN A 75 -11.96 -8.63 2.86
N LYS A 76 -11.12 -8.38 3.87
CA LYS A 76 -11.32 -8.97 5.18
C LYS A 76 -11.43 -10.50 5.08
N ASP A 77 -10.73 -11.08 4.11
CA ASP A 77 -10.74 -12.52 3.91
C ASP A 77 -9.33 -13.09 3.97
N GLY A 78 -8.34 -12.21 3.98
CA GLY A 78 -6.96 -12.65 4.04
C GLY A 78 -6.10 -12.00 2.96
N THR A 79 -6.54 -10.84 2.48
CA THR A 79 -5.81 -10.12 1.45
C THR A 79 -6.08 -8.62 1.52
N TYR A 80 -5.43 -7.86 0.65
CA TYR A 80 -5.61 -6.42 0.62
C TYR A 80 -5.35 -5.86 -0.78
N ALA A 81 -6.33 -5.13 -1.31
CA ALA A 81 -6.21 -4.55 -2.64
C ALA A 81 -6.15 -3.02 -2.56
N VAL A 82 -5.43 -2.42 -3.50
CA VAL A 82 -5.30 -0.97 -3.54
C VAL A 82 -5.30 -0.45 -4.98
N THR A 83 -6.25 0.42 -5.29
CA THR A 83 -6.36 0.98 -6.64
C THR A 83 -5.77 2.38 -6.69
N TYR A 84 -5.06 2.68 -7.78
CA TYR A 84 -4.45 4.00 -7.95
C TYR A 84 -4.40 4.37 -9.42
N ILE A 85 -4.73 5.63 -9.72
CA ILE A 85 -4.72 6.12 -11.09
C ILE A 85 -3.56 7.09 -11.31
N PRO A 86 -2.52 6.62 -12.00
CA PRO A 86 -1.33 7.43 -12.30
C PRO A 86 -1.62 8.53 -13.32
N ASP A 87 -2.06 9.69 -12.82
CA ASP A 87 -2.37 10.81 -13.68
C ASP A 87 -1.11 11.34 -14.38
N LYS A 88 -0.13 11.72 -13.59
CA LYS A 88 1.13 12.23 -14.13
C LYS A 88 1.98 11.11 -14.71
N THR A 89 3.06 11.48 -15.38
CA THR A 89 3.95 10.49 -15.99
C THR A 89 5.38 10.66 -15.48
N GLY A 90 6.02 9.54 -15.13
CA GLY A 90 7.38 9.59 -14.64
C GLY A 90 7.69 8.44 -13.70
N ARG A 91 8.09 8.76 -12.48
CA ARG A 91 8.43 7.75 -11.50
C ARG A 91 7.46 7.78 -10.32
N TYR A 92 7.10 6.61 -9.83
CA TYR A 92 6.16 6.50 -8.71
C TYR A 92 6.77 5.68 -7.57
N MET A 93 6.76 6.26 -6.37
CA MET A 93 7.30 5.59 -5.19
C MET A 93 6.19 5.20 -4.23
N ILE A 94 6.16 3.92 -3.86
CA ILE A 94 5.14 3.41 -2.94
C ILE A 94 5.79 2.77 -1.72
N GLY A 95 5.40 3.25 -0.54
CA GLY A 95 5.95 2.71 0.70
C GLY A 95 4.91 1.98 1.52
N VAL A 96 4.84 0.66 1.34
CA VAL A 96 3.88 -0.17 2.07
C VAL A 96 4.38 -0.47 3.48
N THR A 97 3.52 -0.26 4.46
CA THR A 97 3.88 -0.51 5.86
C THR A 97 2.82 -1.37 6.54
N TYR A 98 3.26 -2.17 7.51
CA TYR A 98 2.36 -3.05 8.24
C TYR A 98 2.71 -3.07 9.72
N GLY A 99 1.79 -2.61 10.56
CA GLY A 99 2.01 -2.59 11.99
C GLY A 99 3.18 -1.71 12.37
N GLY A 100 3.24 -0.51 11.79
CA GLY A 100 4.31 0.42 12.09
C GLY A 100 5.67 -0.11 11.65
N ASP A 101 5.67 -0.98 10.64
CA ASP A 101 6.90 -1.55 10.12
C ASP A 101 6.85 -1.68 8.60
N ASP A 102 7.77 -0.99 7.93
CA ASP A 102 7.84 -1.03 6.47
C ASP A 102 8.57 -2.28 5.99
N ILE A 103 7.96 -2.99 5.05
CA ILE A 103 8.56 -4.21 4.50
C ILE A 103 9.91 -3.90 3.86
N PRO A 104 10.79 -4.92 3.83
CA PRO A 104 12.13 -4.80 3.25
C PRO A 104 12.08 -4.65 1.73
N LEU A 105 10.89 -4.59 1.17
CA LEU A 105 10.70 -4.46 -0.27
C LEU A 105 10.47 -3.01 -0.65
N SER A 106 9.95 -2.23 0.29
CA SER A 106 9.68 -0.82 0.06
C SER A 106 10.93 0.02 0.24
N PRO A 107 10.98 1.17 -0.45
CA PRO A 107 9.91 1.62 -1.33
C PRO A 107 9.79 0.75 -2.58
N TYR A 108 8.87 1.13 -3.47
CA TYR A 108 8.66 0.38 -4.71
C TYR A 108 8.91 1.28 -5.92
N ARG A 109 9.69 0.77 -6.88
CA ARG A 109 9.99 1.52 -8.08
C ARG A 109 9.06 1.13 -9.22
N ILE A 110 8.33 2.11 -9.75
CA ILE A 110 7.39 1.87 -10.84
C ILE A 110 7.45 3.00 -11.86
N ARG A 111 7.13 2.68 -13.11
CA ARG A 111 7.13 3.66 -14.18
C ARG A 111 5.83 3.61 -14.98
N ALA A 112 5.23 4.78 -15.19
CA ALA A 112 3.98 4.87 -15.94
C ALA A 112 4.24 5.03 -17.42
N THR A 113 3.75 4.08 -18.22
CA THR A 113 3.93 4.12 -19.66
C THR A 113 2.68 4.63 -20.36
N GLN A 114 2.72 5.89 -20.76
CA GLN A 114 1.58 6.51 -21.44
C GLN A 114 1.63 6.23 -22.94
N THR A 115 0.58 5.59 -23.45
CA THR A 115 0.50 5.25 -24.87
C THR A 115 -0.75 5.85 -25.50
N GLY A 116 -0.57 6.94 -26.24
CA GLY A 116 -1.70 7.59 -26.88
C GLY A 116 -2.67 8.20 -25.89
N ASP A 117 -2.31 9.37 -25.36
CA ASP A 117 -3.15 10.06 -24.39
C ASP A 117 -4.51 10.42 -25.01
N ALA A 118 -4.46 11.11 -26.14
CA ALA A 118 -5.68 11.51 -26.83
C ALA A 118 -6.26 10.35 -27.64
N SER A 119 -7.55 10.08 -27.44
CA SER A 119 -8.22 8.99 -28.15
C SER A 119 -8.66 9.44 -29.53
N GLY A 1 -25.90 13.75 34.80
CA GLY A 1 -24.64 13.07 35.06
C GLY A 1 -24.59 11.69 34.44
N SER A 2 -23.37 11.21 34.15
CA SER A 2 -23.20 9.89 33.55
C SER A 2 -21.73 9.48 33.57
N SER A 3 -21.44 8.38 34.26
CA SER A 3 -20.07 7.89 34.36
C SER A 3 -20.05 6.40 34.73
N GLY A 4 -18.86 5.82 34.73
CA GLY A 4 -18.73 4.41 35.06
C GLY A 4 -17.53 3.76 34.39
N SER A 5 -16.73 3.06 35.17
CA SER A 5 -15.55 2.39 34.65
C SER A 5 -15.05 1.32 35.62
N SER A 6 -14.19 0.44 35.12
CA SER A 6 -13.64 -0.63 35.93
C SER A 6 -12.51 -1.35 35.20
N GLY A 7 -11.75 -2.16 35.95
CA GLY A 7 -10.64 -2.89 35.35
C GLY A 7 -9.54 -1.97 34.87
N ARG A 8 -8.30 -2.45 34.93
CA ARG A 8 -7.15 -1.67 34.49
C ARG A 8 -5.89 -2.51 34.50
N SER A 9 -5.40 -2.88 33.32
CA SER A 9 -4.20 -3.69 33.20
C SER A 9 -3.03 -2.84 32.70
N PRO A 10 -1.89 -2.96 33.39
CA PRO A 10 -0.67 -2.22 33.04
C PRO A 10 -0.05 -2.70 31.74
N PHE A 11 -0.41 -3.91 31.32
CA PHE A 11 0.11 -4.49 30.09
C PHE A 11 1.58 -4.13 29.90
N LYS A 12 2.35 -4.18 30.98
CA LYS A 12 3.77 -3.86 30.94
C LYS A 12 4.58 -5.08 30.50
N VAL A 13 4.08 -5.79 29.51
CA VAL A 13 4.76 -6.98 28.99
C VAL A 13 5.50 -6.66 27.70
N LYS A 14 6.77 -7.05 27.64
CA LYS A 14 7.59 -6.81 26.46
C LYS A 14 7.68 -8.06 25.59
N VAL A 15 6.65 -8.27 24.77
CA VAL A 15 6.61 -9.43 23.88
C VAL A 15 6.46 -9.00 22.42
N LEU A 16 6.98 -9.82 21.51
CA LEU A 16 6.89 -9.52 20.09
C LEU A 16 5.46 -9.69 19.58
N PRO A 17 5.06 -8.83 18.64
CA PRO A 17 3.72 -8.85 18.05
C PRO A 17 3.50 -10.07 17.16
N THR A 18 2.26 -10.53 17.10
CA THR A 18 1.92 -11.69 16.28
C THR A 18 2.10 -11.39 14.80
N TYR A 19 1.77 -10.17 14.40
CA TYR A 19 1.91 -9.76 13.00
C TYR A 19 3.38 -9.68 12.59
N ASP A 20 3.61 -9.39 11.32
CA ASP A 20 4.97 -9.27 10.80
C ASP A 20 4.97 -8.65 9.40
N ALA A 21 5.85 -7.68 9.19
CA ALA A 21 5.95 -7.00 7.91
C ALA A 21 6.76 -7.83 6.92
N SER A 22 7.90 -8.34 7.38
CA SER A 22 8.77 -9.14 6.53
C SER A 22 7.98 -10.23 5.80
N LYS A 23 6.93 -10.72 6.47
CA LYS A 23 6.09 -11.76 5.89
C LYS A 23 4.98 -11.15 5.05
N VAL A 24 5.20 -9.93 4.55
CA VAL A 24 4.22 -9.25 3.73
C VAL A 24 4.71 -9.08 2.29
N THR A 25 3.88 -9.48 1.34
CA THR A 25 4.23 -9.38 -0.07
C THR A 25 3.05 -8.90 -0.90
N ALA A 26 3.34 -8.38 -2.09
CA ALA A 26 2.30 -7.89 -2.98
C ALA A 26 2.60 -8.25 -4.43
N SER A 27 1.55 -8.48 -5.21
CA SER A 27 1.69 -8.84 -6.61
C SER A 27 0.54 -8.29 -7.44
N GLY A 28 0.81 -8.02 -8.72
CA GLY A 28 -0.23 -7.49 -9.60
C GLY A 28 0.32 -6.48 -10.59
N PRO A 29 -0.57 -5.91 -11.41
CA PRO A 29 -0.19 -4.93 -12.42
C PRO A 29 0.23 -3.60 -11.80
N GLY A 30 -0.42 -3.23 -10.70
CA GLY A 30 -0.11 -1.99 -10.02
C GLY A 30 1.37 -1.88 -9.67
N LEU A 31 1.98 -3.01 -9.38
CA LEU A 31 3.40 -3.05 -9.02
C LEU A 31 4.23 -3.67 -10.14
N SER A 32 3.73 -3.59 -11.36
CA SER A 32 4.42 -4.13 -12.52
C SER A 32 5.73 -3.39 -12.78
N SER A 33 6.83 -4.13 -12.84
CA SER A 33 8.14 -3.52 -13.07
C SER A 33 8.27 -3.06 -14.53
N TYR A 34 7.66 -3.81 -15.44
CA TYR A 34 7.72 -3.48 -16.85
C TYR A 34 7.07 -2.11 -17.12
N GLY A 35 6.05 -1.79 -16.33
CA GLY A 35 5.36 -0.52 -16.50
C GLY A 35 3.86 -0.66 -16.36
N VAL A 36 3.20 0.44 -15.98
CA VAL A 36 1.76 0.44 -15.82
C VAL A 36 1.10 1.41 -16.78
N PRO A 37 -0.16 1.12 -17.15
CA PRO A 37 -0.93 1.95 -18.08
C PRO A 37 -1.33 3.29 -17.46
N ALA A 38 -0.82 4.38 -18.03
CA ALA A 38 -1.12 5.72 -17.55
C ALA A 38 -2.62 5.98 -17.58
N SER A 39 -3.05 6.98 -16.81
CA SER A 39 -4.46 7.34 -16.75
C SER A 39 -5.34 6.10 -16.76
N LEU A 40 -4.96 5.11 -15.95
CA LEU A 40 -5.72 3.86 -15.86
C LEU A 40 -5.79 3.37 -14.42
N PRO A 41 -7.00 3.07 -13.96
CA PRO A 41 -7.23 2.58 -12.59
C PRO A 41 -6.69 1.15 -12.40
N VAL A 42 -5.50 1.06 -11.81
CA VAL A 42 -4.88 -0.24 -11.57
C VAL A 42 -4.83 -0.54 -10.08
N ASP A 43 -4.90 -1.83 -9.74
CA ASP A 43 -4.87 -2.26 -8.35
C ASP A 43 -4.09 -3.57 -8.21
N PHE A 44 -3.41 -3.73 -7.07
CA PHE A 44 -2.64 -4.93 -6.81
C PHE A 44 -3.25 -5.74 -5.67
N ALA A 45 -2.62 -6.87 -5.34
CA ALA A 45 -3.11 -7.72 -4.26
C ALA A 45 -2.00 -8.00 -3.25
N ILE A 46 -2.33 -7.87 -1.97
CA ILE A 46 -1.37 -8.11 -0.90
C ILE A 46 -1.68 -9.42 -0.16
N ASP A 47 -0.95 -10.47 -0.50
CA ASP A 47 -1.14 -11.77 0.13
C ASP A 47 -0.17 -11.96 1.28
N ALA A 48 -0.70 -12.12 2.48
CA ALA A 48 0.12 -12.31 3.67
C ALA A 48 -0.01 -13.73 4.21
N ARG A 49 1.12 -14.41 4.36
CA ARG A 49 1.14 -15.78 4.86
C ARG A 49 1.38 -15.80 6.37
N ASP A 50 2.48 -15.20 6.80
CA ASP A 50 2.82 -15.15 8.21
C ASP A 50 2.96 -13.71 8.69
N ALA A 51 2.18 -12.81 8.10
CA ALA A 51 2.21 -11.40 8.47
C ALA A 51 1.12 -11.08 9.49
N GLY A 52 0.07 -11.89 9.51
CA GLY A 52 -1.01 -11.67 10.45
C GLY A 52 -1.82 -10.43 10.10
N GLU A 53 -2.22 -9.69 11.14
CA GLU A 53 -3.00 -8.47 10.95
C GLU A 53 -2.29 -7.27 11.56
N GLY A 54 -2.21 -6.19 10.79
CA GLY A 54 -1.56 -4.99 11.28
C GLY A 54 -2.04 -3.73 10.56
N LEU A 55 -1.59 -2.57 11.03
CA LEU A 55 -1.99 -1.31 10.43
C LEU A 55 -1.42 -1.17 9.01
N LEU A 56 -2.26 -1.45 8.02
CA LEU A 56 -1.85 -1.36 6.62
C LEU A 56 -2.02 0.07 6.10
N ALA A 57 -0.97 0.57 5.46
CA ALA A 57 -1.00 1.91 4.90
C ALA A 57 -0.48 1.94 3.47
N VAL A 58 -0.92 2.91 2.68
CA VAL A 58 -0.51 3.03 1.30
C VAL A 58 -0.07 4.47 0.98
N GLN A 59 1.24 4.67 0.88
CA GLN A 59 1.79 5.98 0.58
C GLN A 59 2.30 6.05 -0.85
N ILE A 60 1.56 6.76 -1.70
CA ILE A 60 1.95 6.91 -3.10
C ILE A 60 2.38 8.33 -3.41
N THR A 61 3.53 8.47 -4.07
CA THR A 61 4.05 9.79 -4.43
C THR A 61 4.58 9.79 -5.85
N ASP A 62 4.87 10.99 -6.36
CA ASP A 62 5.40 11.13 -7.71
C ASP A 62 6.83 11.63 -7.69
N GLN A 63 7.41 11.83 -8.88
CA GLN A 63 8.78 12.32 -8.99
C GLN A 63 9.00 13.56 -8.14
N GLU A 64 7.98 14.44 -8.11
CA GLU A 64 8.07 15.66 -7.34
C GLU A 64 7.74 15.42 -5.88
N GLY A 65 6.96 14.36 -5.61
CA GLY A 65 6.59 14.03 -4.26
C GLY A 65 5.23 14.58 -3.88
N LYS A 66 4.31 14.62 -4.85
CA LYS A 66 2.97 15.12 -4.60
C LYS A 66 2.03 14.00 -4.16
N PRO A 67 0.99 14.36 -3.42
CA PRO A 67 0.00 13.40 -2.92
C PRO A 67 -0.87 12.84 -4.04
N LYS A 68 -0.90 11.51 -4.16
CA LYS A 68 -1.69 10.84 -5.18
C LYS A 68 -2.92 10.19 -4.57
N ARG A 69 -3.92 9.94 -5.40
CA ARG A 69 -5.15 9.30 -4.94
C ARG A 69 -4.97 7.80 -4.79
N ALA A 70 -5.27 7.28 -3.60
CA ALA A 70 -5.15 5.86 -3.33
C ALA A 70 -6.39 5.32 -2.63
N ILE A 71 -6.99 4.29 -3.21
CA ILE A 71 -8.18 3.68 -2.63
C ILE A 71 -7.84 2.40 -1.87
N VAL A 72 -8.60 2.13 -0.82
CA VAL A 72 -8.38 0.94 -0.01
C VAL A 72 -9.58 -0.01 -0.09
N HIS A 73 -9.31 -1.26 -0.45
CA HIS A 73 -10.37 -2.26 -0.58
C HIS A 73 -10.20 -3.34 0.50
N ASP A 74 -11.31 -3.69 1.15
CA ASP A 74 -11.30 -4.70 2.19
C ASP A 74 -11.96 -5.99 1.71
N ASN A 75 -11.17 -7.06 1.67
CA ASN A 75 -11.68 -8.37 1.23
C ASN A 75 -11.98 -9.26 2.42
N LYS A 76 -11.22 -9.09 3.49
CA LYS A 76 -11.40 -9.89 4.70
C LYS A 76 -11.19 -11.38 4.40
N ASP A 77 -10.33 -11.67 3.43
CA ASP A 77 -10.05 -13.04 3.05
C ASP A 77 -8.54 -13.32 3.11
N GLY A 78 -7.85 -12.62 4.00
CA GLY A 78 -6.42 -12.80 4.14
C GLY A 78 -5.64 -12.07 3.07
N THR A 79 -6.22 -11.00 2.53
CA THR A 79 -5.59 -10.21 1.48
C THR A 79 -6.06 -8.77 1.51
N TYR A 80 -5.45 -7.93 0.67
CA TYR A 80 -5.81 -6.52 0.61
C TYR A 80 -5.53 -5.96 -0.78
N ALA A 81 -6.49 -5.21 -1.32
CA ALA A 81 -6.35 -4.60 -2.63
C ALA A 81 -6.24 -3.09 -2.54
N VAL A 82 -5.46 -2.50 -3.43
CA VAL A 82 -5.27 -1.05 -3.45
C VAL A 82 -5.25 -0.51 -4.88
N THR A 83 -6.22 0.34 -5.19
CA THR A 83 -6.33 0.93 -6.52
C THR A 83 -5.74 2.33 -6.55
N TYR A 84 -5.11 2.68 -7.67
CA TYR A 84 -4.49 3.99 -7.82
C TYR A 84 -4.50 4.42 -9.28
N ILE A 85 -4.92 5.66 -9.52
CA ILE A 85 -4.97 6.20 -10.87
C ILE A 85 -3.85 7.21 -11.10
N PRO A 86 -2.76 6.75 -11.73
CA PRO A 86 -1.60 7.60 -12.03
C PRO A 86 -1.90 8.63 -13.11
N ASP A 87 -2.20 9.86 -12.68
CA ASP A 87 -2.50 10.94 -13.61
C ASP A 87 -1.31 11.24 -14.50
N LYS A 88 -0.23 11.76 -13.90
CA LYS A 88 0.97 12.09 -14.63
C LYS A 88 1.85 10.86 -14.83
N THR A 89 2.82 10.96 -15.74
CA THR A 89 3.72 9.86 -16.03
C THR A 89 5.12 10.16 -15.53
N GLY A 90 5.79 9.15 -14.99
CA GLY A 90 7.14 9.32 -14.48
C GLY A 90 7.51 8.28 -13.44
N ARG A 91 8.27 8.69 -12.44
CA ARG A 91 8.71 7.78 -11.38
C ARG A 91 7.70 7.79 -10.23
N TYR A 92 7.21 6.60 -9.88
CA TYR A 92 6.25 6.47 -8.79
C TYR A 92 6.85 5.70 -7.62
N MET A 93 6.89 6.34 -6.45
CA MET A 93 7.44 5.72 -5.25
C MET A 93 6.33 5.37 -4.27
N ILE A 94 6.29 4.11 -3.85
CA ILE A 94 5.28 3.65 -2.91
C ILE A 94 5.92 3.06 -1.65
N GLY A 95 5.32 3.34 -0.50
CA GLY A 95 5.85 2.83 0.75
C GLY A 95 4.84 2.01 1.52
N VAL A 96 4.90 0.69 1.36
CA VAL A 96 3.98 -0.21 2.04
C VAL A 96 4.46 -0.53 3.45
N THR A 97 3.65 -0.15 4.44
CA THR A 97 4.00 -0.40 5.84
C THR A 97 2.98 -1.30 6.51
N TYR A 98 3.44 -2.14 7.42
CA TYR A 98 2.56 -3.06 8.13
C TYR A 98 2.90 -3.10 9.62
N GLY A 99 1.96 -2.63 10.44
CA GLY A 99 2.17 -2.62 11.87
C GLY A 99 3.33 -1.72 12.27
N GLY A 100 3.36 -0.51 11.72
CA GLY A 100 4.41 0.43 12.05
C GLY A 100 5.78 -0.11 11.69
N ASP A 101 5.85 -0.89 10.62
CA ASP A 101 7.11 -1.47 10.17
C ASP A 101 7.12 -1.63 8.65
N ASP A 102 8.04 -0.94 7.98
CA ASP A 102 8.15 -1.00 6.54
C ASP A 102 8.87 -2.27 6.11
N ILE A 103 8.37 -2.90 5.04
CA ILE A 103 8.97 -4.13 4.53
C ILE A 103 10.31 -3.86 3.86
N PRO A 104 11.16 -4.88 3.81
CA PRO A 104 12.49 -4.78 3.20
C PRO A 104 12.42 -4.64 1.69
N LEU A 105 11.21 -4.58 1.16
CA LEU A 105 11.01 -4.44 -0.28
C LEU A 105 10.67 -3.00 -0.65
N SER A 106 10.02 -2.30 0.28
CA SER A 106 9.64 -0.91 0.05
C SER A 106 10.82 0.02 0.23
N PRO A 107 10.77 1.19 -0.43
CA PRO A 107 9.64 1.56 -1.28
C PRO A 107 9.57 0.72 -2.56
N TYR A 108 8.61 1.03 -3.42
CA TYR A 108 8.44 0.30 -4.67
C TYR A 108 8.68 1.21 -5.87
N ARG A 109 9.58 0.80 -6.76
CA ARG A 109 9.91 1.58 -7.94
C ARG A 109 8.98 1.22 -9.09
N ILE A 110 8.29 2.21 -9.63
CA ILE A 110 7.37 2.00 -10.74
C ILE A 110 7.39 3.18 -11.71
N ARG A 111 6.99 2.93 -12.94
CA ARG A 111 6.95 3.98 -13.96
C ARG A 111 5.76 3.78 -14.90
N ALA A 112 5.00 4.85 -15.12
CA ALA A 112 3.85 4.80 -16.00
C ALA A 112 4.23 5.08 -17.44
N THR A 113 4.03 4.10 -18.32
CA THR A 113 4.36 4.25 -19.72
C THR A 113 3.11 4.44 -20.57
N GLN A 114 3.19 5.37 -21.52
CA GLN A 114 2.06 5.65 -22.40
C GLN A 114 2.38 5.28 -23.84
N THR A 115 1.58 4.39 -24.41
CA THR A 115 1.77 3.95 -25.79
C THR A 115 0.48 4.06 -26.59
N GLY A 116 0.46 4.99 -27.54
CA GLY A 116 -0.71 5.18 -28.36
C GLY A 116 -0.73 6.53 -29.05
N ASP A 117 -0.34 6.55 -30.32
CA ASP A 117 -0.31 7.78 -31.10
C ASP A 117 -1.71 8.39 -31.20
N ALA A 118 -1.77 9.72 -31.24
CA ALA A 118 -3.04 10.42 -31.33
C ALA A 118 -2.97 11.54 -32.37
N SER A 119 -3.85 11.46 -33.38
CA SER A 119 -3.88 12.46 -34.44
C SER A 119 -3.96 13.87 -33.86
N GLY A 1 -32.96 4.36 30.89
CA GLY A 1 -32.06 3.41 31.52
C GLY A 1 -30.73 3.33 30.83
N SER A 2 -29.76 2.68 31.47
CA SER A 2 -28.43 2.53 30.91
C SER A 2 -27.65 1.42 31.62
N SER A 3 -26.43 1.17 31.16
CA SER A 3 -25.59 0.13 31.74
C SER A 3 -24.13 0.33 31.36
N GLY A 4 -23.26 -0.50 31.91
CA GLY A 4 -21.84 -0.39 31.62
C GLY A 4 -20.97 -0.76 32.81
N SER A 5 -19.80 -1.31 32.54
CA SER A 5 -18.88 -1.71 33.59
C SER A 5 -17.44 -1.74 33.08
N SER A 6 -16.48 -1.65 34.00
CA SER A 6 -15.07 -1.67 33.64
C SER A 6 -14.45 -3.03 33.94
N GLY A 7 -14.41 -3.39 35.21
CA GLY A 7 -13.84 -4.67 35.61
C GLY A 7 -12.44 -4.85 35.08
N ARG A 8 -11.45 -4.65 35.94
CA ARG A 8 -10.05 -4.80 35.56
C ARG A 8 -9.19 -5.15 36.77
N SER A 9 -8.04 -5.77 36.51
CA SER A 9 -7.13 -6.17 37.57
C SER A 9 -5.68 -5.86 37.20
N PRO A 10 -4.86 -5.59 38.22
CA PRO A 10 -3.44 -5.27 38.02
C PRO A 10 -2.63 -6.47 37.55
N PHE A 11 -2.49 -6.61 36.24
CA PHE A 11 -1.75 -7.73 35.66
C PHE A 11 -1.63 -7.58 34.15
N LYS A 12 -0.40 -7.47 33.67
CA LYS A 12 -0.14 -7.33 32.23
C LYS A 12 1.20 -7.93 31.85
N VAL A 13 1.18 -9.00 31.07
CA VAL A 13 2.40 -9.66 30.63
C VAL A 13 2.89 -9.10 29.30
N LYS A 14 4.19 -8.84 29.23
CA LYS A 14 4.79 -8.29 28.01
C LYS A 14 5.31 -9.41 27.11
N VAL A 15 4.71 -9.54 25.93
CA VAL A 15 5.12 -10.56 24.97
C VAL A 15 5.37 -9.96 23.60
N LEU A 16 5.72 -10.81 22.64
CA LEU A 16 5.99 -10.37 21.27
C LEU A 16 4.77 -10.55 20.38
N PRO A 17 4.56 -9.62 19.45
CA PRO A 17 3.44 -9.67 18.52
C PRO A 17 3.58 -10.80 17.49
N THR A 18 2.47 -11.13 16.85
CA THR A 18 2.47 -12.19 15.85
C THR A 18 2.65 -11.63 14.44
N TYR A 19 2.30 -10.36 14.28
CA TYR A 19 2.42 -9.69 12.98
C TYR A 19 3.88 -9.57 12.56
N ASP A 20 4.13 -9.62 11.27
CA ASP A 20 5.49 -9.52 10.75
C ASP A 20 5.49 -8.85 9.37
N ALA A 21 5.98 -7.62 9.32
CA ALA A 21 6.04 -6.87 8.07
C ALA A 21 6.86 -7.62 7.03
N SER A 22 7.98 -8.19 7.46
CA SER A 22 8.86 -8.93 6.56
C SER A 22 8.08 -9.98 5.78
N LYS A 23 6.99 -10.46 6.37
CA LYS A 23 6.16 -11.47 5.73
C LYS A 23 5.05 -10.83 4.91
N VAL A 24 5.34 -9.67 4.33
CA VAL A 24 4.37 -8.94 3.52
C VAL A 24 4.85 -8.80 2.08
N THR A 25 4.05 -9.31 1.15
CA THR A 25 4.38 -9.25 -0.27
C THR A 25 3.15 -8.98 -1.12
N ALA A 26 3.35 -8.34 -2.27
CA ALA A 26 2.25 -8.03 -3.17
C ALA A 26 2.62 -8.33 -4.62
N SER A 27 1.63 -8.64 -5.43
CA SER A 27 1.86 -8.96 -6.84
C SER A 27 0.70 -8.46 -7.70
N GLY A 28 0.99 -8.16 -8.96
CA GLY A 28 -0.04 -7.69 -9.87
C GLY A 28 0.47 -6.61 -10.80
N PRO A 29 -0.45 -6.01 -11.58
CA PRO A 29 -0.10 -4.95 -12.54
C PRO A 29 0.30 -3.66 -11.85
N GLY A 30 -0.35 -3.36 -10.72
CA GLY A 30 -0.04 -2.15 -9.98
C GLY A 30 1.43 -2.05 -9.62
N LEU A 31 2.09 -3.20 -9.52
CA LEU A 31 3.50 -3.24 -9.17
C LEU A 31 4.33 -3.85 -10.30
N SER A 32 3.76 -3.84 -11.51
CA SER A 32 4.45 -4.39 -12.67
C SER A 32 5.74 -3.63 -12.96
N SER A 33 6.87 -4.33 -12.87
CA SER A 33 8.17 -3.72 -13.11
C SER A 33 8.31 -3.32 -14.58
N TYR A 34 7.69 -4.09 -15.46
CA TYR A 34 7.75 -3.82 -16.89
C TYR A 34 7.12 -2.46 -17.21
N GLY A 35 6.14 -2.07 -16.41
CA GLY A 35 5.48 -0.80 -16.62
C GLY A 35 3.97 -0.89 -16.49
N VAL A 36 3.33 0.22 -16.17
CA VAL A 36 1.88 0.25 -16.01
C VAL A 36 1.24 1.27 -16.95
N PRO A 37 -0.01 1.01 -17.35
CA PRO A 37 -0.75 1.89 -18.25
C PRO A 37 -1.15 3.20 -17.58
N ALA A 38 -0.59 4.30 -18.08
CA ALA A 38 -0.88 5.62 -17.53
C ALA A 38 -2.37 5.92 -17.62
N SER A 39 -2.79 6.96 -16.89
CA SER A 39 -4.20 7.36 -16.88
C SER A 39 -5.11 6.14 -16.89
N LEU A 40 -4.76 5.15 -16.08
CA LEU A 40 -5.55 3.92 -15.98
C LEU A 40 -5.61 3.42 -14.54
N PRO A 41 -6.84 3.17 -14.06
CA PRO A 41 -7.06 2.68 -12.69
C PRO A 41 -6.58 1.25 -12.50
N VAL A 42 -5.37 1.10 -11.96
CA VAL A 42 -4.80 -0.22 -11.73
C VAL A 42 -4.69 -0.52 -10.24
N ASP A 43 -4.93 -1.77 -9.87
CA ASP A 43 -4.86 -2.18 -8.48
C ASP A 43 -4.13 -3.52 -8.33
N PHE A 44 -3.50 -3.73 -7.18
CA PHE A 44 -2.76 -4.95 -6.92
C PHE A 44 -3.37 -5.72 -5.75
N ALA A 45 -2.74 -6.83 -5.39
CA ALA A 45 -3.21 -7.64 -4.27
C ALA A 45 -2.08 -8.00 -3.32
N ILE A 46 -2.28 -7.74 -2.04
CA ILE A 46 -1.28 -8.02 -1.03
C ILE A 46 -1.54 -9.36 -0.34
N ASP A 47 -0.80 -10.38 -0.74
CA ASP A 47 -0.97 -11.71 -0.16
C ASP A 47 -0.04 -11.90 1.04
N ALA A 48 -0.63 -12.11 2.21
CA ALA A 48 0.13 -12.30 3.43
C ALA A 48 0.07 -13.75 3.89
N ARG A 49 1.24 -14.36 4.08
CA ARG A 49 1.31 -15.75 4.52
C ARG A 49 1.49 -15.83 6.03
N ASP A 50 2.55 -15.20 6.54
CA ASP A 50 2.83 -15.20 7.96
C ASP A 50 2.90 -13.78 8.50
N ALA A 51 2.22 -12.86 7.83
CA ALA A 51 2.20 -11.46 8.25
C ALA A 51 1.17 -11.22 9.34
N GLY A 52 0.72 -12.30 9.98
CA GLY A 52 -0.26 -12.19 11.04
C GLY A 52 -1.32 -11.14 10.73
N GLU A 53 -1.67 -10.35 11.74
CA GLU A 53 -2.67 -9.31 11.58
C GLU A 53 -2.18 -7.97 12.14
N GLY A 54 -2.09 -6.97 11.27
CA GLY A 54 -1.63 -5.66 11.70
C GLY A 54 -2.24 -4.54 10.88
N LEU A 55 -1.99 -3.30 11.30
CA LEU A 55 -2.53 -2.13 10.60
C LEU A 55 -1.74 -1.85 9.32
N LEU A 56 -2.38 -2.08 8.19
CA LEU A 56 -1.75 -1.86 6.89
C LEU A 56 -1.94 -0.41 6.44
N ALA A 57 -0.86 0.19 5.92
CA ALA A 57 -0.91 1.57 5.45
C ALA A 57 -0.36 1.68 4.03
N VAL A 58 -0.97 2.55 3.23
CA VAL A 58 -0.54 2.74 1.84
C VAL A 58 -0.15 4.20 1.60
N GLN A 59 0.89 4.39 0.80
CA GLN A 59 1.37 5.73 0.48
C GLN A 59 1.84 5.81 -0.96
N ILE A 60 1.27 6.75 -1.72
CA ILE A 60 1.63 6.93 -3.11
C ILE A 60 2.09 8.36 -3.38
N THR A 61 3.11 8.49 -4.22
CA THR A 61 3.65 9.81 -4.56
C THR A 61 4.04 9.87 -6.03
N ASP A 62 4.27 11.09 -6.52
CA ASP A 62 4.66 11.30 -7.91
C ASP A 62 6.12 11.67 -8.02
N GLN A 63 6.57 11.96 -9.25
CA GLN A 63 7.96 12.33 -9.49
C GLN A 63 8.37 13.51 -8.60
N GLU A 64 7.43 14.43 -8.38
CA GLU A 64 7.70 15.61 -7.55
C GLU A 64 7.54 15.26 -6.08
N GLY A 65 6.73 14.26 -5.78
CA GLY A 65 6.50 13.85 -4.41
C GLY A 65 5.20 14.41 -3.85
N LYS A 66 4.20 14.53 -4.71
CA LYS A 66 2.90 15.04 -4.29
C LYS A 66 1.93 13.91 -3.99
N PRO A 67 0.96 14.18 -3.10
CA PRO A 67 -0.05 13.19 -2.72
C PRO A 67 -1.02 12.87 -3.84
N LYS A 68 -1.18 11.58 -4.15
CA LYS A 68 -2.07 11.15 -5.20
C LYS A 68 -3.25 10.36 -4.63
N ARG A 69 -4.45 10.60 -5.17
CA ARG A 69 -5.64 9.91 -4.71
C ARG A 69 -5.47 8.39 -4.79
N ALA A 70 -5.53 7.74 -3.63
CA ALA A 70 -5.37 6.29 -3.56
C ALA A 70 -6.54 5.65 -2.81
N ILE A 71 -7.13 4.63 -3.43
CA ILE A 71 -8.26 3.93 -2.82
C ILE A 71 -7.79 2.70 -2.05
N VAL A 72 -8.34 2.52 -0.85
CA VAL A 72 -7.98 1.38 -0.02
C VAL A 72 -9.10 0.35 0.02
N HIS A 73 -8.91 -0.75 -0.68
CA HIS A 73 -9.91 -1.82 -0.74
C HIS A 73 -9.77 -2.75 0.47
N ASP A 74 -10.89 -3.04 1.11
CA ASP A 74 -10.89 -3.93 2.27
C ASP A 74 -11.61 -5.24 1.96
N ASN A 75 -10.87 -6.34 2.05
CA ASN A 75 -11.42 -7.66 1.76
C ASN A 75 -11.69 -8.42 3.06
N LYS A 76 -10.82 -8.22 4.04
CA LYS A 76 -10.97 -8.88 5.33
C LYS A 76 -10.91 -10.40 5.17
N ASP A 77 -10.19 -10.86 4.16
CA ASP A 77 -10.06 -12.29 3.91
C ASP A 77 -8.59 -12.69 3.82
N GLY A 78 -7.74 -12.00 4.58
CA GLY A 78 -6.32 -12.30 4.56
C GLY A 78 -5.60 -11.66 3.38
N THR A 79 -6.18 -10.59 2.85
CA THR A 79 -5.59 -9.89 1.72
C THR A 79 -5.99 -8.42 1.71
N TYR A 80 -5.38 -7.65 0.80
CA TYR A 80 -5.67 -6.23 0.70
C TYR A 80 -5.49 -5.74 -0.74
N ALA A 81 -6.38 -4.87 -1.19
CA ALA A 81 -6.32 -4.32 -2.53
C ALA A 81 -6.22 -2.80 -2.50
N VAL A 82 -5.48 -2.25 -3.47
CA VAL A 82 -5.30 -0.80 -3.56
C VAL A 82 -5.29 -0.34 -5.01
N THR A 83 -6.18 0.61 -5.33
CA THR A 83 -6.28 1.13 -6.68
C THR A 83 -5.67 2.53 -6.76
N TYR A 84 -5.05 2.82 -7.91
CA TYR A 84 -4.42 4.12 -8.12
C TYR A 84 -4.48 4.52 -9.59
N ILE A 85 -4.76 5.79 -9.84
CA ILE A 85 -4.84 6.30 -11.21
C ILE A 85 -3.74 7.32 -11.47
N PRO A 86 -2.67 6.86 -12.15
CA PRO A 86 -1.53 7.72 -12.49
C PRO A 86 -1.87 8.74 -13.56
N ASP A 87 -2.26 9.94 -13.11
CA ASP A 87 -2.62 11.02 -14.02
C ASP A 87 -1.51 11.25 -15.05
N LYS A 88 -0.34 11.64 -14.56
CA LYS A 88 0.81 11.90 -15.43
C LYS A 88 1.71 10.67 -15.52
N THR A 89 2.73 10.76 -16.36
CA THR A 89 3.67 9.66 -16.55
C THR A 89 5.01 9.95 -15.89
N GLY A 90 5.84 8.93 -15.76
CA GLY A 90 7.14 9.10 -15.13
C GLY A 90 7.45 8.02 -14.13
N ARG A 91 7.84 8.42 -12.92
CA ARG A 91 8.17 7.47 -11.86
C ARG A 91 7.23 7.62 -10.68
N TYR A 92 6.92 6.51 -10.03
CA TYR A 92 6.01 6.51 -8.88
C TYR A 92 6.63 5.76 -7.71
N MET A 93 6.62 6.40 -6.54
CA MET A 93 7.18 5.79 -5.33
C MET A 93 6.07 5.40 -4.36
N ILE A 94 6.04 4.12 -4.00
CA ILE A 94 5.02 3.62 -3.08
C ILE A 94 5.67 2.98 -1.85
N GLY A 95 5.27 3.44 -0.67
CA GLY A 95 5.82 2.91 0.57
C GLY A 95 4.78 2.18 1.40
N VAL A 96 4.85 0.86 1.41
CA VAL A 96 3.91 0.05 2.17
C VAL A 96 4.46 -0.28 3.54
N THR A 97 3.65 -0.04 4.57
CA THR A 97 4.05 -0.31 5.95
C THR A 97 3.05 -1.22 6.65
N TYR A 98 3.56 -2.11 7.49
CA TYR A 98 2.71 -3.05 8.22
C TYR A 98 3.06 -3.05 9.70
N GLY A 99 2.05 -2.83 10.53
CA GLY A 99 2.25 -2.82 11.97
C GLY A 99 3.37 -1.87 12.38
N GLY A 100 3.39 -0.69 11.78
CA GLY A 100 4.41 0.29 12.10
C GLY A 100 5.80 -0.18 11.72
N ASP A 101 5.88 -0.97 10.64
CA ASP A 101 7.17 -1.48 10.17
C ASP A 101 7.15 -1.64 8.66
N ASP A 102 8.04 -0.90 7.99
CA ASP A 102 8.12 -0.96 6.53
C ASP A 102 8.89 -2.20 6.08
N ILE A 103 8.44 -2.81 5.00
CA ILE A 103 9.08 -4.01 4.47
C ILE A 103 10.43 -3.68 3.84
N PRO A 104 11.32 -4.66 3.79
CA PRO A 104 12.65 -4.51 3.21
C PRO A 104 12.62 -4.34 1.69
N LEU A 105 11.40 -4.30 1.14
CA LEU A 105 11.23 -4.15 -0.30
C LEU A 105 10.78 -2.73 -0.64
N SER A 106 10.17 -2.05 0.32
CA SER A 106 9.71 -0.69 0.12
C SER A 106 10.83 0.31 0.33
N PRO A 107 10.72 1.48 -0.32
CA PRO A 107 9.59 1.79 -1.19
C PRO A 107 9.59 0.96 -2.47
N TYR A 108 8.58 1.18 -3.32
CA TYR A 108 8.47 0.45 -4.58
C TYR A 108 8.73 1.37 -5.75
N ARG A 109 9.48 0.86 -6.74
CA ARG A 109 9.80 1.64 -7.93
C ARG A 109 8.92 1.23 -9.10
N ILE A 110 8.28 2.20 -9.73
CA ILE A 110 7.41 1.94 -10.87
C ILE A 110 7.48 3.07 -11.88
N ARG A 111 7.31 2.72 -13.16
CA ARG A 111 7.35 3.71 -14.23
C ARG A 111 6.07 3.69 -15.05
N ALA A 112 5.30 4.77 -14.99
CA ALA A 112 4.05 4.87 -15.72
C ALA A 112 4.30 5.20 -17.19
N THR A 113 4.09 4.21 -18.05
CA THR A 113 4.29 4.39 -19.49
C THR A 113 2.96 4.52 -20.23
N GLN A 114 2.95 5.32 -21.29
CA GLN A 114 1.74 5.53 -22.08
C GLN A 114 1.89 4.92 -23.47
N THR A 115 3.07 5.08 -24.06
CA THR A 115 3.34 4.55 -25.39
C THR A 115 2.23 4.93 -26.37
N GLY A 116 1.90 6.22 -26.42
CA GLY A 116 0.87 6.69 -27.31
C GLY A 116 1.26 7.95 -28.06
N ASP A 117 0.55 9.04 -27.79
CA ASP A 117 0.84 10.31 -28.44
C ASP A 117 1.39 11.32 -27.44
N ALA A 118 1.76 12.49 -27.94
CA ALA A 118 2.31 13.55 -27.08
C ALA A 118 2.26 14.90 -27.79
N SER A 119 2.36 15.97 -27.00
CA SER A 119 2.32 17.32 -27.54
C SER A 119 3.61 18.07 -27.24
N GLY A 1 -20.66 10.91 6.86
CA GLY A 1 -20.69 9.82 7.82
C GLY A 1 -20.07 10.20 9.15
N SER A 2 -20.44 9.45 10.19
CA SER A 2 -19.91 9.71 11.53
C SER A 2 -20.28 8.59 12.49
N SER A 3 -19.29 8.09 13.21
CA SER A 3 -19.53 7.00 14.17
C SER A 3 -18.30 6.79 15.05
N GLY A 4 -18.42 5.89 16.01
CA GLY A 4 -17.32 5.60 16.91
C GLY A 4 -17.74 4.74 18.09
N SER A 5 -16.80 3.97 18.61
CA SER A 5 -17.08 3.09 19.75
C SER A 5 -15.79 2.45 20.27
N SER A 6 -15.33 2.93 21.43
CA SER A 6 -14.12 2.41 22.04
C SER A 6 -14.19 2.49 23.56
N GLY A 7 -13.36 1.70 24.23
CA GLY A 7 -13.34 1.70 25.68
C GLY A 7 -12.88 0.38 26.26
N ARG A 8 -11.59 0.08 26.09
CA ARG A 8 -11.03 -1.16 26.59
C ARG A 8 -9.56 -0.98 26.96
N SER A 9 -9.18 -1.51 28.12
CA SER A 9 -7.80 -1.39 28.59
C SER A 9 -7.29 -2.74 29.12
N PRO A 10 -6.78 -3.57 28.20
CA PRO A 10 -6.25 -4.90 28.55
C PRO A 10 -4.96 -4.81 29.34
N PHE A 11 -4.54 -5.94 29.92
CA PHE A 11 -3.32 -5.99 30.70
C PHE A 11 -2.81 -7.44 30.81
N LYS A 12 -1.59 -7.66 30.36
CA LYS A 12 -0.98 -8.99 30.40
C LYS A 12 0.49 -8.93 30.00
N VAL A 13 1.23 -9.98 30.34
CA VAL A 13 2.66 -10.05 30.00
C VAL A 13 2.91 -9.46 28.62
N LYS A 14 3.70 -8.39 28.57
CA LYS A 14 4.03 -7.75 27.31
C LYS A 14 4.97 -8.61 26.48
N VAL A 15 4.49 -9.06 25.34
CA VAL A 15 5.29 -9.90 24.45
C VAL A 15 5.21 -9.41 23.01
N LEU A 16 6.28 -9.64 22.25
CA LEU A 16 6.33 -9.22 20.86
C LEU A 16 5.10 -9.68 20.10
N PRO A 17 4.64 -8.86 19.14
CA PRO A 17 3.46 -9.16 18.32
C PRO A 17 3.71 -10.31 17.35
N THR A 18 2.63 -10.96 16.92
CA THR A 18 2.74 -12.07 15.99
C THR A 18 2.86 -11.59 14.56
N TYR A 19 2.31 -10.41 14.28
CA TYR A 19 2.37 -9.83 12.95
C TYR A 19 3.81 -9.53 12.54
N ASP A 20 4.07 -9.57 11.23
CA ASP A 20 5.40 -9.31 10.72
C ASP A 20 5.33 -8.60 9.37
N ALA A 21 5.89 -7.40 9.30
CA ALA A 21 5.88 -6.62 8.06
C ALA A 21 6.69 -7.32 6.97
N SER A 22 7.92 -7.71 7.31
CA SER A 22 8.78 -8.39 6.34
C SER A 22 8.04 -9.53 5.65
N LYS A 23 7.09 -10.12 6.36
CA LYS A 23 6.30 -11.23 5.82
C LYS A 23 5.12 -10.71 5.01
N VAL A 24 5.26 -9.52 4.46
CA VAL A 24 4.21 -8.91 3.66
C VAL A 24 4.65 -8.72 2.21
N THR A 25 3.95 -9.39 1.30
CA THR A 25 4.26 -9.30 -0.12
C THR A 25 3.03 -8.94 -0.94
N ALA A 26 3.25 -8.31 -2.10
CA ALA A 26 2.15 -7.92 -2.97
C ALA A 26 2.48 -8.24 -4.43
N SER A 27 1.45 -8.60 -5.19
CA SER A 27 1.61 -8.93 -6.60
C SER A 27 0.49 -8.35 -7.44
N GLY A 28 0.76 -8.13 -8.72
CA GLY A 28 -0.24 -7.57 -9.61
C GLY A 28 0.34 -6.56 -10.58
N PRO A 29 -0.52 -6.01 -11.45
CA PRO A 29 -0.11 -5.02 -12.45
C PRO A 29 0.28 -3.69 -11.82
N GLY A 30 -0.40 -3.33 -10.73
CA GLY A 30 -0.10 -2.08 -10.05
C GLY A 30 1.35 -1.97 -9.63
N LEU A 31 1.93 -3.09 -9.25
CA LEU A 31 3.33 -3.12 -8.82
C LEU A 31 4.23 -3.69 -9.91
N SER A 32 3.76 -3.61 -11.16
CA SER A 32 4.52 -4.11 -12.29
C SER A 32 5.73 -3.23 -12.57
N SER A 33 6.92 -3.82 -12.43
CA SER A 33 8.16 -3.08 -12.66
C SER A 33 8.55 -3.12 -14.13
N TYR A 34 7.55 -3.25 -15.00
CA TYR A 34 7.78 -3.30 -16.43
C TYR A 34 7.16 -2.09 -17.13
N GLY A 35 6.02 -1.64 -16.60
CA GLY A 35 5.35 -0.49 -17.18
C GLY A 35 3.85 -0.58 -17.06
N VAL A 36 3.23 0.45 -16.49
CA VAL A 36 1.78 0.47 -16.31
C VAL A 36 1.15 1.52 -17.21
N PRO A 37 -0.10 1.25 -17.64
CA PRO A 37 -0.85 2.16 -18.52
C PRO A 37 -1.27 3.43 -17.80
N ALA A 38 -0.85 4.58 -18.33
CA ALA A 38 -1.19 5.86 -17.76
C ALA A 38 -2.70 6.08 -17.73
N SER A 39 -3.14 7.04 -16.93
CA SER A 39 -4.57 7.34 -16.81
C SER A 39 -5.40 6.06 -16.80
N LEU A 40 -4.90 5.05 -16.09
CA LEU A 40 -5.60 3.78 -15.99
C LEU A 40 -5.66 3.30 -14.54
N PRO A 41 -6.89 3.07 -14.05
CA PRO A 41 -7.11 2.60 -12.68
C PRO A 41 -6.65 1.17 -12.47
N VAL A 42 -5.45 1.01 -11.92
CA VAL A 42 -4.89 -0.31 -11.67
C VAL A 42 -4.82 -0.60 -10.17
N ASP A 43 -4.95 -1.87 -9.81
CA ASP A 43 -4.90 -2.29 -8.41
C ASP A 43 -4.18 -3.62 -8.26
N PHE A 44 -3.39 -3.74 -7.19
CA PHE A 44 -2.64 -4.97 -6.94
C PHE A 44 -3.28 -5.77 -5.82
N ALA A 45 -2.67 -6.90 -5.47
CA ALA A 45 -3.18 -7.75 -4.41
C ALA A 45 -2.12 -8.01 -3.34
N ILE A 46 -2.49 -7.77 -2.09
CA ILE A 46 -1.57 -7.97 -0.97
C ILE A 46 -1.85 -9.28 -0.25
N ASP A 47 -1.01 -10.28 -0.49
CA ASP A 47 -1.17 -11.58 0.14
C ASP A 47 -0.17 -11.76 1.28
N ALA A 48 -0.70 -11.99 2.49
CA ALA A 48 0.15 -12.17 3.66
C ALA A 48 0.11 -13.62 4.13
N ARG A 49 1.29 -14.22 4.25
CA ARG A 49 1.40 -15.62 4.69
C ARG A 49 1.66 -15.69 6.20
N ASP A 50 2.73 -15.05 6.63
CA ASP A 50 3.09 -15.03 8.05
C ASP A 50 3.17 -13.61 8.58
N ALA A 51 2.47 -12.70 7.93
CA ALA A 51 2.46 -11.30 8.33
C ALA A 51 1.35 -11.03 9.34
N GLY A 52 0.53 -12.04 9.61
CA GLY A 52 -0.55 -11.89 10.56
C GLY A 52 -1.35 -10.62 10.34
N GLU A 53 -1.86 -10.05 11.43
CA GLU A 53 -2.64 -8.82 11.35
C GLU A 53 -1.79 -7.61 11.73
N GLY A 54 -1.82 -6.59 10.89
CA GLY A 54 -1.05 -5.38 11.14
C GLY A 54 -1.58 -4.18 10.38
N LEU A 55 -1.51 -3.02 11.02
CA LEU A 55 -1.99 -1.79 10.40
C LEU A 55 -1.39 -1.60 9.01
N LEU A 56 -2.23 -1.71 7.98
CA LEU A 56 -1.78 -1.55 6.61
C LEU A 56 -1.92 -0.11 6.15
N ALA A 57 -0.98 0.34 5.33
CA ALA A 57 -1.00 1.71 4.82
C ALA A 57 -0.41 1.78 3.42
N VAL A 58 -1.02 2.58 2.55
CA VAL A 58 -0.55 2.74 1.18
C VAL A 58 -0.16 4.18 0.90
N GLN A 59 1.15 4.42 0.79
CA GLN A 59 1.66 5.76 0.52
C GLN A 59 2.19 5.87 -0.91
N ILE A 60 1.44 6.55 -1.76
CA ILE A 60 1.83 6.72 -3.16
C ILE A 60 2.27 8.16 -3.43
N THR A 61 3.42 8.31 -4.08
CA THR A 61 3.94 9.64 -4.41
C THR A 61 4.38 9.70 -5.87
N ASP A 62 4.67 10.91 -6.33
CA ASP A 62 5.10 11.12 -7.71
C ASP A 62 6.60 11.37 -7.78
N GLN A 63 7.10 11.68 -8.97
CA GLN A 63 8.51 11.93 -9.17
C GLN A 63 9.00 13.04 -8.25
N GLU A 64 8.14 14.02 -8.01
CA GLU A 64 8.50 15.14 -7.13
C GLU A 64 8.26 14.78 -5.67
N GLY A 65 7.36 13.84 -5.43
CA GLY A 65 7.05 13.42 -4.08
C GLY A 65 5.79 14.07 -3.54
N LYS A 66 4.75 14.10 -4.36
CA LYS A 66 3.47 14.69 -3.96
C LYS A 66 2.45 13.60 -3.63
N PRO A 67 1.44 13.97 -2.83
CA PRO A 67 0.38 13.04 -2.41
C PRO A 67 -0.54 12.68 -3.57
N LYS A 68 -0.81 11.38 -3.71
CA LYS A 68 -1.68 10.89 -4.77
C LYS A 68 -2.92 10.22 -4.19
N ARG A 69 -3.98 10.13 -5.00
CA ARG A 69 -5.22 9.51 -4.57
C ARG A 69 -5.13 8.00 -4.63
N ALA A 70 -5.32 7.34 -3.48
CA ALA A 70 -5.25 5.90 -3.40
C ALA A 70 -6.49 5.32 -2.70
N ILE A 71 -7.11 4.33 -3.32
CA ILE A 71 -8.29 3.70 -2.76
C ILE A 71 -7.93 2.46 -1.96
N VAL A 72 -8.63 2.24 -0.85
CA VAL A 72 -8.39 1.09 0.00
C VAL A 72 -9.56 0.13 -0.03
N HIS A 73 -9.31 -1.10 -0.46
CA HIS A 73 -10.35 -2.13 -0.55
C HIS A 73 -10.17 -3.15 0.56
N ASP A 74 -11.29 -3.57 1.15
CA ASP A 74 -11.26 -4.56 2.23
C ASP A 74 -11.93 -5.87 1.79
N ASN A 75 -11.16 -6.95 1.80
CA ASN A 75 -11.66 -8.25 1.40
C ASN A 75 -11.95 -9.12 2.62
N LYS A 76 -11.18 -8.91 3.68
CA LYS A 76 -11.35 -9.67 4.92
C LYS A 76 -11.10 -11.16 4.67
N ASP A 77 -10.28 -11.46 3.67
CA ASP A 77 -9.96 -12.85 3.34
C ASP A 77 -8.46 -13.09 3.40
N GLY A 78 -7.77 -12.32 4.25
CA GLY A 78 -6.33 -12.46 4.39
C GLY A 78 -5.57 -11.72 3.32
N THR A 79 -6.29 -10.93 2.53
CA THR A 79 -5.66 -10.16 1.46
C THR A 79 -6.16 -8.72 1.45
N TYR A 80 -5.52 -7.87 0.65
CA TYR A 80 -5.90 -6.47 0.56
C TYR A 80 -5.63 -5.92 -0.84
N ALA A 81 -6.58 -5.15 -1.36
CA ALA A 81 -6.44 -4.56 -2.69
C ALA A 81 -6.33 -3.05 -2.61
N VAL A 82 -5.52 -2.46 -3.48
CA VAL A 82 -5.33 -1.01 -3.51
C VAL A 82 -5.38 -0.48 -4.93
N THR A 83 -6.33 0.40 -5.20
CA THR A 83 -6.48 0.99 -6.53
C THR A 83 -5.86 2.39 -6.58
N TYR A 84 -5.24 2.71 -7.71
CA TYR A 84 -4.61 4.01 -7.89
C TYR A 84 -4.62 4.42 -9.36
N ILE A 85 -4.94 5.68 -9.60
CA ILE A 85 -4.99 6.21 -10.97
C ILE A 85 -3.91 7.27 -11.19
N PRO A 86 -2.80 6.85 -11.82
CA PRO A 86 -1.67 7.74 -12.11
C PRO A 86 -2.02 8.77 -13.18
N ASP A 87 -2.11 10.03 -12.77
CA ASP A 87 -2.43 11.11 -13.69
C ASP A 87 -1.17 11.63 -14.39
N LYS A 88 -0.21 12.09 -13.59
CA LYS A 88 1.04 12.61 -14.11
C LYS A 88 2.04 11.48 -14.35
N THR A 89 2.03 10.92 -15.55
CA THR A 89 2.93 9.83 -15.91
C THR A 89 4.36 10.15 -15.48
N GLY A 90 5.12 9.10 -15.16
CA GLY A 90 6.50 9.29 -14.74
C GLY A 90 6.90 8.31 -13.65
N ARG A 91 7.77 8.76 -12.75
CA ARG A 91 8.25 7.93 -11.66
C ARG A 91 7.20 7.85 -10.54
N TYR A 92 7.00 6.64 -10.01
CA TYR A 92 6.02 6.44 -8.95
C TYR A 92 6.63 5.60 -7.82
N MET A 93 6.81 6.23 -6.66
CA MET A 93 7.38 5.56 -5.50
C MET A 93 6.29 5.19 -4.50
N ILE A 94 6.29 3.94 -4.05
CA ILE A 94 5.31 3.47 -3.09
C ILE A 94 5.99 2.88 -1.85
N GLY A 95 5.50 3.26 -0.67
CA GLY A 95 6.07 2.75 0.57
C GLY A 95 5.05 2.04 1.42
N VAL A 96 5.03 0.71 1.34
CA VAL A 96 4.09 -0.10 2.11
C VAL A 96 4.56 -0.26 3.55
N THR A 97 3.61 -0.42 4.46
CA THR A 97 3.93 -0.59 5.88
C THR A 97 2.90 -1.47 6.58
N TYR A 98 3.36 -2.24 7.56
CA TYR A 98 2.48 -3.13 8.30
C TYR A 98 2.80 -3.11 9.79
N GLY A 99 1.87 -2.59 10.58
CA GLY A 99 2.08 -2.50 12.01
C GLY A 99 3.16 -1.51 12.39
N GLY A 100 3.14 -0.34 11.77
CA GLY A 100 4.14 0.67 12.06
C GLY A 100 5.54 0.22 11.70
N ASP A 101 5.64 -0.61 10.67
CA ASP A 101 6.93 -1.12 10.22
C ASP A 101 6.92 -1.38 8.72
N ASP A 102 7.82 -0.71 8.01
CA ASP A 102 7.91 -0.86 6.55
C ASP A 102 8.59 -2.18 6.20
N ILE A 103 8.24 -2.72 5.03
CA ILE A 103 8.81 -3.97 4.57
C ILE A 103 10.17 -3.76 3.91
N PRO A 104 10.99 -4.83 3.88
CA PRO A 104 12.32 -4.78 3.29
C PRO A 104 12.28 -4.64 1.77
N LEU A 105 11.08 -4.51 1.23
CA LEU A 105 10.90 -4.36 -0.21
C LEU A 105 10.70 -2.90 -0.60
N SER A 106 10.01 -2.15 0.25
CA SER A 106 9.76 -0.74 0.00
C SER A 106 11.03 0.08 0.15
N PRO A 107 11.09 1.21 -0.56
CA PRO A 107 10.01 1.66 -1.44
C PRO A 107 9.85 0.77 -2.67
N TYR A 108 8.94 1.15 -3.55
CA TYR A 108 8.69 0.38 -4.78
C TYR A 108 8.91 1.26 -6.02
N ARG A 109 9.67 0.74 -6.97
CA ARG A 109 9.95 1.47 -8.21
C ARG A 109 8.95 1.09 -9.30
N ILE A 110 8.27 2.09 -9.84
CA ILE A 110 7.29 1.85 -10.90
C ILE A 110 7.28 3.01 -11.89
N ARG A 111 7.00 2.69 -13.16
CA ARG A 111 6.96 3.69 -14.21
C ARG A 111 5.61 3.68 -14.91
N ALA A 112 5.18 4.85 -15.40
CA ALA A 112 3.91 4.97 -16.09
C ALA A 112 4.12 5.35 -17.55
N THR A 113 3.85 4.41 -18.45
CA THR A 113 4.01 4.64 -19.88
C THR A 113 2.67 4.84 -20.56
N GLN A 114 2.65 5.68 -21.60
CA GLN A 114 1.41 5.95 -22.33
C GLN A 114 1.64 5.84 -23.84
N THR A 115 0.71 5.20 -24.52
CA THR A 115 0.79 5.01 -25.96
C THR A 115 -0.50 5.43 -26.65
N GLY A 116 -1.62 5.03 -26.07
CA GLY A 116 -2.92 5.37 -26.65
C GLY A 116 -3.39 6.74 -26.24
N ASP A 117 -3.74 7.57 -27.23
CA ASP A 117 -4.21 8.92 -26.96
C ASP A 117 -5.72 8.94 -26.80
N ALA A 118 -6.18 8.70 -25.58
CA ALA A 118 -7.61 8.70 -25.30
C ALA A 118 -8.29 9.93 -25.87
N SER A 119 -9.53 9.77 -26.33
CA SER A 119 -10.28 10.87 -26.91
C SER A 119 -10.08 12.14 -26.11
N GLY A 1 -37.73 5.66 31.19
CA GLY A 1 -36.46 6.36 31.25
C GLY A 1 -35.42 5.60 32.04
N SER A 2 -34.31 6.27 32.35
CA SER A 2 -33.23 5.65 33.11
C SER A 2 -32.58 4.52 32.31
N SER A 3 -32.37 4.77 31.02
CA SER A 3 -31.77 3.77 30.14
C SER A 3 -30.25 3.72 30.34
N GLY A 4 -29.60 4.87 30.17
CA GLY A 4 -28.17 4.94 30.34
C GLY A 4 -27.45 3.80 29.64
N SER A 5 -26.20 3.56 30.02
CA SER A 5 -25.39 2.50 29.43
C SER A 5 -24.20 2.15 30.31
N SER A 6 -23.78 0.89 30.25
CA SER A 6 -22.65 0.43 31.05
C SER A 6 -21.97 -0.76 30.39
N GLY A 7 -20.76 -1.07 30.84
CA GLY A 7 -20.02 -2.19 30.28
C GLY A 7 -18.67 -1.77 29.72
N ARG A 8 -17.81 -1.24 30.58
CA ARG A 8 -16.49 -0.79 30.17
C ARG A 8 -15.39 -1.53 30.93
N SER A 9 -14.93 -2.64 30.36
CA SER A 9 -13.89 -3.44 30.98
C SER A 9 -12.58 -3.35 30.20
N PRO A 10 -11.72 -2.40 30.61
CA PRO A 10 -10.42 -2.18 29.96
C PRO A 10 -9.44 -3.33 30.22
N PHE A 11 -8.48 -3.49 29.32
CA PHE A 11 -7.49 -4.55 29.45
C PHE A 11 -6.31 -4.30 28.52
N LYS A 12 -5.10 -4.49 29.04
CA LYS A 12 -3.88 -4.27 28.27
C LYS A 12 -2.74 -5.14 28.80
N VAL A 13 -1.94 -5.69 27.89
CA VAL A 13 -0.82 -6.53 28.27
C VAL A 13 0.41 -6.22 27.43
N LYS A 14 1.59 -6.33 28.05
CA LYS A 14 2.84 -6.06 27.35
C LYS A 14 3.39 -7.33 26.69
N VAL A 15 2.82 -7.68 25.55
CA VAL A 15 3.25 -8.87 24.82
C VAL A 15 3.50 -8.55 23.35
N LEU A 16 4.69 -8.90 22.86
CA LEU A 16 5.04 -8.64 21.47
C LEU A 16 4.02 -9.26 20.52
N PRO A 17 3.74 -8.54 19.42
CA PRO A 17 2.77 -8.98 18.42
C PRO A 17 3.27 -10.20 17.63
N THR A 18 2.39 -10.78 16.82
CA THR A 18 2.74 -11.95 16.02
C THR A 18 2.92 -11.56 14.55
N TYR A 19 2.32 -10.45 14.16
CA TYR A 19 2.41 -9.97 12.78
C TYR A 19 3.87 -9.75 12.38
N ASP A 20 4.10 -9.56 11.08
CA ASP A 20 5.44 -9.33 10.57
C ASP A 20 5.39 -8.60 9.23
N ALA A 21 6.22 -7.57 9.09
CA ALA A 21 6.27 -6.78 7.87
C ALA A 21 7.03 -7.53 6.77
N SER A 22 8.16 -8.12 7.14
CA SER A 22 8.99 -8.86 6.18
C SER A 22 8.19 -9.98 5.54
N LYS A 23 7.21 -10.50 6.27
CA LYS A 23 6.36 -11.58 5.78
C LYS A 23 5.22 -11.04 4.94
N VAL A 24 5.45 -9.90 4.30
CA VAL A 24 4.44 -9.28 3.45
C VAL A 24 4.94 -9.12 2.02
N THR A 25 4.15 -9.61 1.06
CA THR A 25 4.51 -9.52 -0.34
C THR A 25 3.32 -9.10 -1.19
N ALA A 26 3.58 -8.29 -2.21
CA ALA A 26 2.52 -7.81 -3.10
C ALA A 26 2.78 -8.25 -4.54
N SER A 27 1.71 -8.58 -5.25
CA SER A 27 1.81 -9.03 -6.63
C SER A 27 0.61 -8.55 -7.45
N GLY A 28 0.88 -8.02 -8.63
CA GLY A 28 -0.18 -7.54 -9.49
C GLY A 28 0.32 -6.57 -10.54
N PRO A 29 -0.61 -6.02 -11.34
CA PRO A 29 -0.28 -5.06 -12.40
C PRO A 29 0.20 -3.72 -11.85
N GLY A 30 -0.35 -3.34 -10.70
CA GLY A 30 0.03 -2.08 -10.10
C GLY A 30 1.51 -2.00 -9.78
N LEU A 31 2.12 -3.15 -9.52
CA LEU A 31 3.54 -3.22 -9.20
C LEU A 31 4.33 -3.81 -10.37
N SER A 32 3.81 -3.64 -11.58
CA SER A 32 4.47 -4.16 -12.77
C SER A 32 5.69 -3.33 -13.12
N SER A 33 6.86 -3.95 -13.07
CA SER A 33 8.11 -3.28 -13.39
C SER A 33 8.36 -3.26 -14.89
N TYR A 34 7.33 -3.59 -15.65
CA TYR A 34 7.44 -3.63 -17.11
C TYR A 34 6.82 -2.37 -17.72
N GLY A 35 5.81 -1.82 -17.05
CA GLY A 35 5.15 -0.63 -17.55
C GLY A 35 3.66 -0.66 -17.32
N VAL A 36 3.13 0.37 -16.65
CA VAL A 36 1.71 0.45 -16.38
C VAL A 36 1.06 1.57 -17.18
N PRO A 37 -0.24 1.40 -17.50
CA PRO A 37 -1.00 2.39 -18.26
C PRO A 37 -1.27 3.66 -17.46
N ALA A 38 -0.91 4.80 -18.04
CA ALA A 38 -1.12 6.09 -17.38
C ALA A 38 -2.59 6.48 -17.40
N SER A 39 -3.05 7.10 -16.31
CA SER A 39 -4.43 7.54 -16.20
C SER A 39 -5.37 6.33 -16.23
N LEU A 40 -4.89 5.20 -15.74
CA LEU A 40 -5.69 3.97 -15.71
C LEU A 40 -5.82 3.43 -14.28
N PRO A 41 -7.04 3.04 -13.91
CA PRO A 41 -7.31 2.50 -12.57
C PRO A 41 -6.69 1.13 -12.37
N VAL A 42 -5.51 1.09 -11.76
CA VAL A 42 -4.81 -0.15 -11.50
C VAL A 42 -4.71 -0.43 -10.00
N ASP A 43 -4.81 -1.70 -9.62
CA ASP A 43 -4.73 -2.09 -8.23
C ASP A 43 -4.02 -3.42 -8.08
N PHE A 44 -3.24 -3.55 -7.00
CA PHE A 44 -2.48 -4.78 -6.75
C PHE A 44 -3.12 -5.58 -5.62
N ALA A 45 -2.57 -6.77 -5.36
CA ALA A 45 -3.09 -7.63 -4.31
C ALA A 45 -2.01 -7.93 -3.27
N ILE A 46 -2.37 -7.85 -2.00
CA ILE A 46 -1.44 -8.11 -0.91
C ILE A 46 -1.79 -9.41 -0.19
N ASP A 47 -0.94 -10.42 -0.34
CA ASP A 47 -1.15 -11.71 0.30
C ASP A 47 -0.17 -11.92 1.45
N ALA A 48 -0.70 -12.11 2.65
CA ALA A 48 0.13 -12.33 3.83
C ALA A 48 0.02 -13.77 4.31
N ARG A 49 1.17 -14.43 4.45
CA ARG A 49 1.20 -15.81 4.90
C ARG A 49 1.44 -15.88 6.41
N ASP A 50 2.54 -15.28 6.85
CA ASP A 50 2.89 -15.27 8.27
C ASP A 50 2.86 -13.85 8.83
N ALA A 51 2.68 -12.87 7.94
CA ALA A 51 2.63 -11.47 8.34
C ALA A 51 1.52 -11.23 9.37
N GLY A 52 0.59 -12.18 9.45
CA GLY A 52 -0.51 -12.06 10.39
C GLY A 52 -1.33 -10.81 10.15
N GLU A 53 -1.84 -10.21 11.22
CA GLU A 53 -2.65 -9.01 11.12
C GLU A 53 -1.92 -7.81 11.72
N GLY A 54 -2.00 -6.68 11.03
CA GLY A 54 -1.34 -5.47 11.50
C GLY A 54 -1.79 -4.23 10.77
N LEU A 55 -1.43 -3.06 11.30
CA LEU A 55 -1.81 -1.80 10.68
C LEU A 55 -1.15 -1.64 9.32
N LEU A 56 -1.94 -1.80 8.26
CA LEU A 56 -1.44 -1.67 6.90
C LEU A 56 -1.65 -0.25 6.38
N ALA A 57 -0.66 0.25 5.64
CA ALA A 57 -0.74 1.59 5.08
C ALA A 57 -0.10 1.64 3.70
N VAL A 58 -0.63 2.50 2.84
CA VAL A 58 -0.11 2.65 1.48
C VAL A 58 0.23 4.10 1.17
N GLN A 59 1.52 4.37 0.97
CA GLN A 59 1.99 5.71 0.66
C GLN A 59 2.47 5.81 -0.78
N ILE A 60 1.72 6.56 -1.59
CA ILE A 60 2.07 6.74 -3.00
C ILE A 60 2.49 8.18 -3.28
N THR A 61 3.60 8.34 -3.99
CA THR A 61 4.11 9.65 -4.33
C THR A 61 4.57 9.71 -5.77
N ASP A 62 4.70 10.92 -6.31
CA ASP A 62 5.14 11.11 -7.69
C ASP A 62 6.65 11.36 -7.75
N GLN A 63 7.15 11.55 -8.96
CA GLN A 63 8.58 11.79 -9.16
C GLN A 63 9.08 12.90 -8.24
N GLU A 64 8.28 13.96 -8.11
CA GLU A 64 8.64 15.08 -7.27
C GLU A 64 8.20 14.84 -5.82
N GLY A 65 7.18 14.02 -5.65
CA GLY A 65 6.68 13.73 -4.32
C GLY A 65 5.31 14.33 -4.07
N LYS A 66 4.41 14.16 -5.02
CA LYS A 66 3.06 14.69 -4.89
C LYS A 66 2.10 13.62 -4.40
N PRO A 67 1.02 14.05 -3.73
CA PRO A 67 0.00 13.14 -3.18
C PRO A 67 -0.83 12.49 -4.28
N LYS A 68 -1.09 11.19 -4.14
CA LYS A 68 -1.87 10.45 -5.12
C LYS A 68 -3.06 9.77 -4.45
N ARG A 69 -4.24 9.94 -5.05
CA ARG A 69 -5.46 9.34 -4.52
C ARG A 69 -5.34 7.82 -4.47
N ALA A 70 -5.51 7.25 -3.28
CA ALA A 70 -5.43 5.81 -3.10
C ALA A 70 -6.70 5.26 -2.44
N ILE A 71 -7.20 4.16 -2.97
CA ILE A 71 -8.40 3.52 -2.44
C ILE A 71 -8.07 2.25 -1.68
N VAL A 72 -8.76 2.04 -0.57
CA VAL A 72 -8.54 0.86 0.27
C VAL A 72 -9.73 -0.10 0.17
N HIS A 73 -9.52 -1.23 -0.49
CA HIS A 73 -10.57 -2.24 -0.64
C HIS A 73 -10.40 -3.37 0.37
N ASP A 74 -11.37 -3.50 1.27
CA ASP A 74 -11.31 -4.53 2.29
C ASP A 74 -11.94 -5.83 1.78
N ASN A 75 -11.14 -6.89 1.76
CA ASN A 75 -11.61 -8.19 1.29
C ASN A 75 -11.98 -9.10 2.46
N LYS A 76 -11.25 -8.94 3.57
CA LYS A 76 -11.50 -9.74 4.76
C LYS A 76 -11.38 -11.23 4.45
N ASP A 77 -10.53 -11.55 3.48
CA ASP A 77 -10.32 -12.94 3.09
C ASP A 77 -8.84 -13.31 3.15
N GLY A 78 -8.11 -12.63 4.05
CA GLY A 78 -6.69 -12.90 4.19
C GLY A 78 -5.87 -12.18 3.15
N THR A 79 -6.41 -11.09 2.61
CA THR A 79 -5.71 -10.31 1.59
C THR A 79 -6.14 -8.85 1.63
N TYR A 80 -5.52 -8.03 0.79
CA TYR A 80 -5.83 -6.61 0.72
C TYR A 80 -5.56 -6.04 -0.67
N ALA A 81 -6.47 -5.21 -1.15
CA ALA A 81 -6.32 -4.61 -2.47
C ALA A 81 -6.15 -3.09 -2.36
N VAL A 82 -5.37 -2.52 -3.27
CA VAL A 82 -5.12 -1.08 -3.27
C VAL A 82 -5.14 -0.52 -4.69
N THR A 83 -6.13 0.31 -4.98
CA THR A 83 -6.27 0.92 -6.30
C THR A 83 -5.66 2.32 -6.33
N TYR A 84 -5.08 2.67 -7.46
CA TYR A 84 -4.46 3.98 -7.63
C TYR A 84 -4.49 4.43 -9.08
N ILE A 85 -4.92 5.66 -9.30
CA ILE A 85 -5.00 6.21 -10.65
C ILE A 85 -3.94 7.28 -10.88
N PRO A 86 -2.83 6.89 -11.53
CA PRO A 86 -1.72 7.81 -11.81
C PRO A 86 -2.09 8.85 -12.86
N ASP A 87 -2.46 10.04 -12.41
CA ASP A 87 -2.82 11.12 -13.32
C ASP A 87 -1.64 11.54 -14.18
N LYS A 88 -0.57 11.99 -13.53
CA LYS A 88 0.63 12.43 -14.24
C LYS A 88 1.50 11.23 -14.63
N THR A 89 2.55 11.48 -15.38
CA THR A 89 3.46 10.44 -15.82
C THR A 89 4.85 10.64 -15.23
N GLY A 90 5.51 9.53 -14.87
CA GLY A 90 6.84 9.61 -14.30
C GLY A 90 7.08 8.54 -13.26
N ARG A 91 8.30 8.52 -12.71
CA ARG A 91 8.66 7.54 -11.69
C ARG A 91 7.80 7.71 -10.44
N TYR A 92 7.03 6.67 -10.12
CA TYR A 92 6.17 6.71 -8.95
C TYR A 92 6.77 5.91 -7.80
N MET A 93 6.96 6.57 -6.66
CA MET A 93 7.53 5.92 -5.49
C MET A 93 6.44 5.55 -4.49
N ILE A 94 6.44 4.29 -4.05
CA ILE A 94 5.44 3.81 -3.10
C ILE A 94 6.12 3.15 -1.90
N GLY A 95 5.67 3.54 -0.70
CA GLY A 95 6.24 2.98 0.51
C GLY A 95 5.20 2.30 1.37
N VAL A 96 5.16 0.97 1.31
CA VAL A 96 4.21 0.19 2.08
C VAL A 96 4.75 -0.12 3.47
N THR A 97 3.89 -0.04 4.47
CA THR A 97 4.28 -0.31 5.86
C THR A 97 3.30 -1.25 6.53
N TYR A 98 3.81 -2.10 7.42
CA TYR A 98 2.97 -3.05 8.14
C TYR A 98 3.25 -3.00 9.63
N GLY A 99 2.20 -2.70 10.41
CA GLY A 99 2.35 -2.62 11.85
C GLY A 99 3.44 -1.64 12.27
N GLY A 100 3.43 -0.46 11.66
CA GLY A 100 4.43 0.55 11.99
C GLY A 100 5.83 0.10 11.65
N ASP A 101 5.96 -0.66 10.57
CA ASP A 101 7.27 -1.15 10.15
C ASP A 101 7.30 -1.35 8.63
N ASP A 102 8.19 -0.63 7.97
CA ASP A 102 8.32 -0.73 6.51
C ASP A 102 8.96 -2.05 6.12
N ILE A 103 8.52 -2.61 5.00
CA ILE A 103 9.05 -3.88 4.51
C ILE A 103 10.36 -3.67 3.76
N PRO A 104 11.20 -4.72 3.75
CA PRO A 104 12.50 -4.67 3.07
C PRO A 104 12.36 -4.64 1.55
N LEU A 105 11.13 -4.55 1.08
CA LEU A 105 10.86 -4.51 -0.36
C LEU A 105 10.63 -3.08 -0.83
N SER A 106 10.06 -2.25 0.04
CA SER A 106 9.79 -0.86 -0.28
C SER A 106 11.02 0.00 -0.08
N PRO A 107 11.03 1.18 -0.70
CA PRO A 107 9.92 1.64 -1.55
C PRO A 107 9.81 0.83 -2.84
N TYR A 108 8.84 1.20 -3.68
CA TYR A 108 8.62 0.51 -4.95
C TYR A 108 8.75 1.49 -6.11
N ARG A 109 9.55 1.11 -7.11
CA ARG A 109 9.76 1.95 -8.29
C ARG A 109 8.84 1.52 -9.43
N ILE A 110 8.16 2.48 -10.03
CA ILE A 110 7.25 2.19 -11.14
C ILE A 110 7.23 3.34 -12.15
N ARG A 111 7.01 3.01 -13.41
CA ARG A 111 6.96 4.02 -14.47
C ARG A 111 5.63 3.94 -15.22
N ALA A 112 4.94 5.07 -15.31
CA ALA A 112 3.66 5.13 -16.01
C ALA A 112 3.86 5.46 -17.48
N THR A 113 3.59 4.48 -18.34
CA THR A 113 3.74 4.67 -19.78
C THR A 113 2.46 5.19 -20.41
N GLN A 114 2.55 6.33 -21.08
CA GLN A 114 1.39 6.93 -21.73
C GLN A 114 1.64 7.12 -23.22
N THR A 115 1.07 6.21 -24.02
CA THR A 115 1.22 6.27 -25.47
C THR A 115 0.11 5.51 -26.18
N GLY A 116 -0.69 6.23 -26.96
CA GLY A 116 -1.78 5.61 -27.67
C GLY A 116 -2.22 6.41 -28.88
N ASP A 117 -2.39 5.74 -30.01
CA ASP A 117 -2.81 6.40 -31.24
C ASP A 117 -4.16 7.10 -31.05
N ALA A 118 -4.39 8.14 -31.84
CA ALA A 118 -5.63 8.89 -31.76
C ALA A 118 -6.25 9.08 -33.14
N SER A 119 -5.50 9.69 -34.05
CA SER A 119 -5.98 9.93 -35.40
C SER A 119 -6.76 8.73 -35.93
N GLY A 1 -22.59 19.61 14.50
CA GLY A 1 -22.30 18.95 15.77
C GLY A 1 -20.85 18.54 15.86
N SER A 2 -20.15 19.04 16.87
CA SER A 2 -18.74 18.73 17.09
C SER A 2 -18.53 18.00 18.41
N SER A 3 -18.33 16.69 18.33
CA SER A 3 -18.12 15.88 19.52
C SER A 3 -17.16 14.73 19.25
N GLY A 4 -16.82 13.98 20.29
CA GLY A 4 -15.90 12.86 20.13
C GLY A 4 -15.36 12.36 21.46
N SER A 5 -14.99 11.09 21.50
CA SER A 5 -14.47 10.49 22.73
C SER A 5 -13.73 9.19 22.41
N SER A 6 -12.64 8.95 23.13
CA SER A 6 -11.84 7.75 22.93
C SER A 6 -11.47 7.10 24.27
N GLY A 7 -10.83 5.94 24.21
CA GLY A 7 -10.43 5.26 25.42
C GLY A 7 -8.94 5.04 25.50
N ARG A 8 -8.42 4.96 26.73
CA ARG A 8 -6.99 4.76 26.94
C ARG A 8 -6.71 3.39 27.56
N SER A 9 -6.60 2.39 26.70
CA SER A 9 -6.33 1.03 27.16
C SER A 9 -5.19 1.00 28.17
N PRO A 10 -5.15 -0.06 28.99
CA PRO A 10 -4.10 -0.23 30.00
C PRO A 10 -2.74 -0.51 29.40
N PHE A 11 -2.73 -1.04 28.17
CA PHE A 11 -1.49 -1.35 27.47
C PHE A 11 -0.50 -2.05 28.41
N LYS A 12 -1.01 -2.98 29.20
CA LYS A 12 -0.18 -3.72 30.14
C LYS A 12 0.22 -5.07 29.57
N VAL A 13 1.00 -5.04 28.49
CA VAL A 13 1.46 -6.27 27.84
C VAL A 13 2.95 -6.22 27.55
N LYS A 14 3.63 -7.34 27.72
CA LYS A 14 5.06 -7.43 27.47
C LYS A 14 5.40 -8.65 26.62
N VAL A 15 4.72 -8.77 25.49
CA VAL A 15 4.95 -9.90 24.58
C VAL A 15 5.08 -9.42 23.14
N LEU A 16 5.95 -10.08 22.38
CA LEU A 16 6.17 -9.73 20.99
C LEU A 16 4.86 -9.75 20.20
N PRO A 17 4.73 -8.82 19.25
CA PRO A 17 3.53 -8.71 18.41
C PRO A 17 3.40 -9.86 17.43
N THR A 18 2.20 -10.08 16.92
CA THR A 18 1.95 -11.16 15.97
C THR A 18 2.17 -10.68 14.54
N TYR A 19 2.01 -9.38 14.31
CA TYR A 19 2.19 -8.81 12.98
C TYR A 19 3.65 -8.87 12.56
N ASP A 20 3.88 -9.01 11.26
CA ASP A 20 5.23 -9.09 10.71
C ASP A 20 5.29 -8.49 9.32
N ALA A 21 5.96 -7.36 9.19
CA ALA A 21 6.09 -6.67 7.91
C ALA A 21 6.89 -7.52 6.92
N SER A 22 7.99 -8.09 7.40
CA SER A 22 8.85 -8.91 6.56
C SER A 22 8.05 -10.00 5.85
N LYS A 23 7.00 -10.48 6.51
CA LYS A 23 6.14 -11.50 5.94
C LYS A 23 5.02 -10.88 5.10
N VAL A 24 5.34 -9.78 4.43
CA VAL A 24 4.37 -9.09 3.59
C VAL A 24 4.86 -9.00 2.15
N THR A 25 4.04 -9.46 1.22
CA THR A 25 4.39 -9.43 -0.20
C THR A 25 3.18 -9.04 -1.05
N ALA A 26 3.45 -8.36 -2.17
CA ALA A 26 2.39 -7.94 -3.08
C ALA A 26 2.72 -8.30 -4.52
N SER A 27 1.69 -8.56 -5.31
CA SER A 27 1.88 -8.92 -6.72
C SER A 27 0.70 -8.44 -7.56
N GLY A 28 0.97 -8.10 -8.82
CA GLY A 28 -0.08 -7.65 -9.71
C GLY A 28 0.40 -6.56 -10.65
N PRO A 29 -0.53 -5.98 -11.42
CA PRO A 29 -0.22 -4.92 -12.38
C PRO A 29 0.17 -3.61 -11.70
N GLY A 30 -0.47 -3.32 -10.57
CA GLY A 30 -0.19 -2.11 -9.84
C GLY A 30 1.29 -1.95 -9.54
N LEU A 31 1.99 -3.08 -9.39
CA LEU A 31 3.42 -3.06 -9.09
C LEU A 31 4.21 -3.71 -10.21
N SER A 32 3.66 -3.65 -11.42
CA SER A 32 4.33 -4.24 -12.59
C SER A 32 5.66 -3.56 -12.86
N SER A 33 6.74 -4.34 -12.83
CA SER A 33 8.07 -3.80 -13.06
C SER A 33 8.21 -3.29 -14.50
N TYR A 34 7.59 -4.01 -15.43
CA TYR A 34 7.64 -3.64 -16.84
C TYR A 34 7.06 -2.23 -17.06
N GLY A 35 6.08 -1.88 -16.23
CA GLY A 35 5.45 -0.57 -16.36
C GLY A 35 3.94 -0.64 -16.28
N VAL A 36 3.32 0.45 -15.84
CA VAL A 36 1.87 0.51 -15.73
C VAL A 36 1.28 1.56 -16.67
N PRO A 37 0.02 1.34 -17.09
CA PRO A 37 -0.67 2.26 -18.00
C PRO A 37 -1.03 3.57 -17.33
N ALA A 38 -0.64 4.68 -17.97
CA ALA A 38 -0.92 6.01 -17.44
C ALA A 38 -2.38 6.36 -17.59
N SER A 39 -2.93 7.05 -16.58
CA SER A 39 -4.33 7.44 -16.60
C SER A 39 -5.24 6.22 -16.61
N LEU A 40 -4.76 5.12 -16.05
CA LEU A 40 -5.52 3.88 -16.00
C LEU A 40 -5.65 3.38 -14.56
N PRO A 41 -6.88 3.02 -14.17
CA PRO A 41 -7.16 2.52 -12.82
C PRO A 41 -6.58 1.13 -12.59
N VAL A 42 -5.41 1.08 -11.94
CA VAL A 42 -4.75 -0.19 -11.66
C VAL A 42 -4.80 -0.50 -10.17
N ASP A 43 -4.90 -1.80 -9.85
CA ASP A 43 -4.95 -2.23 -8.46
C ASP A 43 -4.19 -3.54 -8.28
N PHE A 44 -3.52 -3.69 -7.13
CA PHE A 44 -2.76 -4.89 -6.84
C PHE A 44 -3.39 -5.66 -5.68
N ALA A 45 -2.75 -6.75 -5.29
CA ALA A 45 -3.24 -7.58 -4.20
C ALA A 45 -2.11 -7.97 -3.25
N ILE A 46 -2.31 -7.72 -1.96
CA ILE A 46 -1.32 -8.03 -0.95
C ILE A 46 -1.63 -9.37 -0.27
N ASP A 47 -0.90 -10.41 -0.65
CA ASP A 47 -1.09 -11.73 -0.08
C ASP A 47 -0.17 -11.96 1.10
N ALA A 48 -0.74 -11.97 2.30
CA ALA A 48 0.03 -12.16 3.52
C ALA A 48 -0.25 -13.54 4.13
N ARG A 49 0.80 -14.31 4.35
CA ARG A 49 0.66 -15.65 4.93
C ARG A 49 0.89 -15.61 6.44
N ASP A 50 2.04 -15.09 6.85
CA ASP A 50 2.38 -15.01 8.26
C ASP A 50 2.67 -13.56 8.66
N ALA A 51 2.00 -12.63 7.99
CA ALA A 51 2.17 -11.21 8.28
C ALA A 51 1.33 -10.79 9.48
N GLY A 52 0.80 -11.77 10.20
CA GLY A 52 -0.02 -11.46 11.36
C GLY A 52 -1.06 -10.40 11.08
N GLU A 53 -1.43 -9.65 12.12
CA GLU A 53 -2.43 -8.60 11.97
C GLU A 53 -1.85 -7.24 12.37
N GLY A 54 -1.85 -6.30 11.43
CA GLY A 54 -1.32 -4.97 11.70
C GLY A 54 -2.03 -3.90 10.91
N LEU A 55 -1.66 -2.65 11.15
CA LEU A 55 -2.26 -1.52 10.45
C LEU A 55 -1.56 -1.26 9.12
N LEU A 56 -2.20 -1.63 8.03
CA LEU A 56 -1.64 -1.44 6.69
C LEU A 56 -1.75 0.02 6.26
N ALA A 57 -0.64 0.58 5.79
CA ALA A 57 -0.61 1.97 5.35
C ALA A 57 -0.14 2.07 3.90
N VAL A 58 -0.95 2.71 3.07
CA VAL A 58 -0.62 2.88 1.65
C VAL A 58 -0.01 4.25 1.40
N GLN A 59 1.25 4.26 0.97
CA GLN A 59 1.95 5.51 0.69
C GLN A 59 2.33 5.60 -0.79
N ILE A 60 1.67 6.49 -1.51
CA ILE A 60 1.95 6.68 -2.94
C ILE A 60 2.38 8.11 -3.24
N THR A 61 3.56 8.25 -3.82
CA THR A 61 4.09 9.57 -4.15
C THR A 61 4.55 9.62 -5.61
N ASP A 62 4.57 10.82 -6.17
CA ASP A 62 4.99 11.01 -7.56
C ASP A 62 6.28 11.82 -7.64
N GLN A 63 6.75 12.07 -8.86
CA GLN A 63 7.97 12.83 -9.07
C GLN A 63 7.94 14.13 -8.28
N GLU A 64 6.75 14.60 -7.96
CA GLU A 64 6.58 15.84 -7.20
C GLU A 64 6.70 15.58 -5.70
N GLY A 65 6.39 14.35 -5.29
CA GLY A 65 6.46 14.00 -3.88
C GLY A 65 5.17 14.29 -3.15
N LYS A 66 4.11 14.55 -3.90
CA LYS A 66 2.81 14.85 -3.30
C LYS A 66 1.94 13.59 -3.25
N PRO A 67 1.01 13.55 -2.29
CA PRO A 67 0.09 12.42 -2.11
C PRO A 67 -0.92 12.32 -3.23
N LYS A 68 -1.00 11.14 -3.85
CA LYS A 68 -1.94 10.91 -4.94
C LYS A 68 -3.20 10.21 -4.43
N ARG A 69 -4.31 10.42 -5.14
CA ARG A 69 -5.58 9.81 -4.77
C ARG A 69 -5.52 8.30 -4.91
N ALA A 70 -5.75 7.59 -3.81
CA ALA A 70 -5.72 6.13 -3.82
C ALA A 70 -6.96 5.56 -3.14
N ILE A 71 -7.35 4.36 -3.54
CA ILE A 71 -8.52 3.70 -2.97
C ILE A 71 -8.13 2.41 -2.25
N VAL A 72 -8.79 2.14 -1.13
CA VAL A 72 -8.51 0.94 -0.35
C VAL A 72 -9.69 -0.03 -0.40
N HIS A 73 -9.38 -1.29 -0.67
CA HIS A 73 -10.42 -2.32 -0.75
C HIS A 73 -10.16 -3.43 0.27
N ASP A 74 -11.16 -3.72 1.09
CA ASP A 74 -11.04 -4.76 2.11
C ASP A 74 -11.77 -6.02 1.68
N ASN A 75 -11.02 -7.12 1.58
CA ASN A 75 -11.59 -8.40 1.17
C ASN A 75 -11.91 -9.26 2.40
N LYS A 76 -11.27 -8.97 3.51
CA LYS A 76 -11.48 -9.71 4.75
C LYS A 76 -11.35 -11.21 4.51
N ASP A 77 -10.57 -11.57 3.49
CA ASP A 77 -10.37 -12.98 3.16
C ASP A 77 -8.88 -13.33 3.19
N GLY A 78 -8.11 -12.54 3.93
CA GLY A 78 -6.68 -12.78 4.03
C GLY A 78 -5.91 -12.09 2.93
N THR A 79 -6.47 -11.00 2.39
CA THR A 79 -5.82 -10.25 1.33
C THR A 79 -6.23 -8.78 1.38
N TYR A 80 -5.56 -7.96 0.58
CA TYR A 80 -5.85 -6.54 0.53
C TYR A 80 -5.64 -5.98 -0.89
N ALA A 81 -6.58 -5.15 -1.33
CA ALA A 81 -6.50 -4.55 -2.65
C ALA A 81 -6.40 -3.04 -2.56
N VAL A 82 -5.64 -2.44 -3.48
CA VAL A 82 -5.47 -1.00 -3.51
C VAL A 82 -5.43 -0.47 -4.95
N THR A 83 -6.36 0.42 -5.27
CA THR A 83 -6.44 0.99 -6.62
C THR A 83 -5.77 2.36 -6.65
N TYR A 84 -5.02 2.61 -7.72
CA TYR A 84 -4.33 3.89 -7.88
C TYR A 84 -4.30 4.31 -9.34
N ILE A 85 -4.67 5.56 -9.59
CA ILE A 85 -4.69 6.10 -10.95
C ILE A 85 -3.59 7.13 -11.15
N PRO A 86 -2.51 6.73 -11.83
CA PRO A 86 -1.37 7.60 -12.11
C PRO A 86 -1.71 8.70 -13.11
N ASP A 87 -2.21 9.82 -12.62
CA ASP A 87 -2.57 10.94 -13.47
C ASP A 87 -1.34 11.53 -14.15
N LYS A 88 -0.25 11.63 -13.40
CA LYS A 88 1.00 12.17 -13.92
C LYS A 88 1.86 11.07 -14.54
N THR A 89 2.89 11.47 -15.27
CA THR A 89 3.79 10.52 -15.91
C THR A 89 5.22 10.69 -15.42
N GLY A 90 5.90 9.58 -15.16
CA GLY A 90 7.27 9.63 -14.70
C GLY A 90 7.60 8.48 -13.76
N ARG A 91 8.09 8.81 -12.56
CA ARG A 91 8.45 7.80 -11.57
C ARG A 91 7.49 7.83 -10.40
N TYR A 92 7.16 6.65 -9.88
CA TYR A 92 6.24 6.54 -8.74
C TYR A 92 6.87 5.71 -7.63
N MET A 93 6.92 6.29 -6.43
CA MET A 93 7.49 5.62 -5.28
C MET A 93 6.39 5.14 -4.32
N ILE A 94 6.36 3.84 -4.07
CA ILE A 94 5.36 3.26 -3.18
C ILE A 94 6.03 2.63 -1.95
N GLY A 95 5.62 3.10 -0.77
CA GLY A 95 6.18 2.57 0.46
C GLY A 95 5.16 1.79 1.26
N VAL A 96 5.15 0.47 1.08
CA VAL A 96 4.22 -0.40 1.81
C VAL A 96 4.71 -0.68 3.22
N THR A 97 4.05 -0.10 4.20
CA THR A 97 4.41 -0.30 5.60
C THR A 97 3.40 -1.18 6.32
N TYR A 98 3.90 -2.03 7.21
CA TYR A 98 3.05 -2.93 7.96
C TYR A 98 3.38 -2.89 9.45
N GLY A 99 2.41 -2.50 10.27
CA GLY A 99 2.62 -2.43 11.70
C GLY A 99 3.80 -1.54 12.06
N GLY A 100 3.85 -0.35 11.48
CA GLY A 100 4.94 0.57 11.75
C GLY A 100 6.28 0.00 11.38
N ASP A 101 6.33 -0.77 10.29
CA ASP A 101 7.57 -1.37 9.84
C ASP A 101 7.54 -1.60 8.33
N ASP A 102 8.45 -0.94 7.61
CA ASP A 102 8.52 -1.06 6.16
C ASP A 102 9.20 -2.38 5.77
N ILE A 103 8.65 -3.04 4.76
CA ILE A 103 9.20 -4.30 4.28
C ILE A 103 10.53 -4.09 3.57
N PRO A 104 11.37 -5.13 3.55
CA PRO A 104 12.68 -5.08 2.90
C PRO A 104 12.57 -5.03 1.38
N LEU A 105 11.34 -4.98 0.88
CA LEU A 105 11.09 -4.93 -0.55
C LEU A 105 10.74 -3.51 -0.99
N SER A 106 10.21 -2.72 -0.06
CA SER A 106 9.83 -1.34 -0.36
C SER A 106 10.98 -0.39 -0.08
N PRO A 107 10.91 0.81 -0.67
CA PRO A 107 9.79 1.21 -1.53
C PRO A 107 9.77 0.45 -2.85
N TYR A 108 8.80 0.76 -3.69
CA TYR A 108 8.67 0.11 -4.99
C TYR A 108 8.82 1.12 -6.13
N ARG A 109 9.63 0.77 -7.11
CA ARG A 109 9.87 1.65 -8.26
C ARG A 109 8.98 1.26 -9.42
N ILE A 110 8.23 2.23 -9.94
CA ILE A 110 7.32 1.99 -11.07
C ILE A 110 7.34 3.16 -12.04
N ARG A 111 7.11 2.86 -13.32
CA ARG A 111 7.11 3.88 -14.36
C ARG A 111 5.86 3.77 -15.23
N ALA A 112 5.13 4.87 -15.37
CA ALA A 112 3.92 4.89 -16.17
C ALA A 112 4.24 5.05 -17.65
N THR A 113 3.98 4.00 -18.43
CA THR A 113 4.25 4.02 -19.86
C THR A 113 3.12 4.72 -20.63
N GLN A 114 3.35 5.97 -21.00
CA GLN A 114 2.36 6.75 -21.73
C GLN A 114 2.42 6.44 -23.22
N THR A 115 1.27 6.09 -23.79
CA THR A 115 1.19 5.76 -25.21
C THR A 115 0.95 7.02 -26.05
N GLY A 116 -0.06 7.79 -25.67
CA GLY A 116 -0.37 9.02 -26.40
C GLY A 116 -1.77 9.52 -26.11
N ASP A 117 -2.52 9.80 -27.15
CA ASP A 117 -3.88 10.31 -27.01
C ASP A 117 -4.72 9.37 -26.13
N ALA A 118 -5.72 9.93 -25.45
CA ALA A 118 -6.58 9.14 -24.58
C ALA A 118 -7.98 9.03 -25.17
N SER A 119 -8.27 7.88 -25.77
CA SER A 119 -9.58 7.65 -26.38
C SER A 119 -10.20 6.35 -25.86
N GLY A 1 -31.81 14.70 31.21
CA GLY A 1 -30.83 13.72 31.65
C GLY A 1 -29.41 14.20 31.48
N SER A 2 -28.45 13.37 31.91
CA SER A 2 -27.04 13.71 31.80
C SER A 2 -26.28 12.65 31.01
N SER A 3 -24.99 12.88 30.82
CA SER A 3 -24.14 11.96 30.09
C SER A 3 -23.24 11.17 31.03
N GLY A 4 -22.37 11.88 31.74
CA GLY A 4 -21.47 11.24 32.67
C GLY A 4 -20.17 10.80 32.02
N SER A 5 -19.50 9.84 32.64
CA SER A 5 -18.24 9.33 32.11
C SER A 5 -18.20 7.80 32.13
N SER A 6 -17.13 7.23 31.61
CA SER A 6 -16.98 5.78 31.57
C SER A 6 -15.57 5.37 31.96
N GLY A 7 -15.41 4.10 32.33
CA GLY A 7 -14.10 3.60 32.73
C GLY A 7 -13.39 2.89 31.59
N ARG A 8 -12.19 2.37 31.88
CA ARG A 8 -11.41 1.67 30.88
C ARG A 8 -10.75 0.43 31.47
N SER A 9 -10.09 -0.35 30.61
CA SER A 9 -9.44 -1.57 31.05
C SER A 9 -7.97 -1.59 30.62
N PRO A 10 -7.14 -0.81 31.34
CA PRO A 10 -5.71 -0.72 31.05
C PRO A 10 -4.95 -2.00 31.39
N PHE A 11 -3.77 -2.16 30.81
CA PHE A 11 -2.96 -3.35 31.05
C PHE A 11 -1.51 -3.11 30.63
N LYS A 12 -0.58 -3.73 31.34
CA LYS A 12 0.84 -3.58 31.04
C LYS A 12 1.46 -4.94 30.70
N VAL A 13 1.51 -5.25 29.41
CA VAL A 13 2.08 -6.51 28.95
C VAL A 13 3.32 -6.26 28.11
N LYS A 14 4.44 -6.85 28.53
CA LYS A 14 5.71 -6.69 27.82
C LYS A 14 5.98 -7.91 26.94
N VAL A 15 5.25 -8.01 25.84
CA VAL A 15 5.41 -9.12 24.90
C VAL A 15 5.66 -8.62 23.49
N LEU A 16 5.89 -9.55 22.57
CA LEU A 16 6.15 -9.20 21.18
C LEU A 16 4.95 -9.56 20.30
N PRO A 17 4.67 -8.71 19.29
CA PRO A 17 3.57 -8.93 18.36
C PRO A 17 3.79 -10.11 17.43
N THR A 18 2.72 -10.59 16.80
CA THR A 18 2.81 -11.73 15.90
C THR A 18 2.97 -11.26 14.46
N TYR A 19 2.58 -10.02 14.20
CA TYR A 19 2.68 -9.44 12.86
C TYR A 19 4.14 -9.24 12.45
N ASP A 20 4.41 -9.38 11.16
CA ASP A 20 5.77 -9.21 10.65
C ASP A 20 5.74 -8.63 9.24
N ALA A 21 6.25 -7.41 9.09
CA ALA A 21 6.29 -6.75 7.80
C ALA A 21 7.00 -7.62 6.76
N SER A 22 8.14 -8.18 7.14
CA SER A 22 8.92 -9.02 6.24
C SER A 22 8.04 -10.06 5.58
N LYS A 23 7.02 -10.52 6.30
CA LYS A 23 6.09 -11.53 5.79
C LYS A 23 4.97 -10.86 4.99
N VAL A 24 5.29 -9.75 4.34
CA VAL A 24 4.30 -9.03 3.53
C VAL A 24 4.79 -8.84 2.11
N THR A 25 4.05 -9.39 1.15
CA THR A 25 4.42 -9.29 -0.26
C THR A 25 3.20 -8.95 -1.11
N ALA A 26 3.44 -8.37 -2.28
CA ALA A 26 2.37 -7.99 -3.20
C ALA A 26 2.70 -8.39 -4.63
N SER A 27 1.67 -8.68 -5.42
CA SER A 27 1.86 -9.06 -6.81
C SER A 27 0.68 -8.60 -7.67
N GLY A 28 1.00 -8.08 -8.85
CA GLY A 28 -0.05 -7.62 -9.74
C GLY A 28 0.43 -6.51 -10.67
N PRO A 29 -0.50 -5.93 -11.44
CA PRO A 29 -0.18 -4.85 -12.37
C PRO A 29 0.17 -3.55 -11.66
N GLY A 30 -0.45 -3.31 -10.51
CA GLY A 30 -0.18 -2.10 -9.76
C GLY A 30 1.30 -1.94 -9.44
N LEU A 31 1.99 -3.05 -9.26
CA LEU A 31 3.42 -3.03 -8.95
C LEU A 31 4.23 -3.66 -10.07
N SER A 32 3.71 -3.58 -11.29
CA SER A 32 4.38 -4.15 -12.45
C SER A 32 5.70 -3.42 -12.72
N SER A 33 6.79 -4.16 -12.69
CA SER A 33 8.11 -3.60 -12.93
C SER A 33 8.24 -3.10 -14.37
N TYR A 34 7.64 -3.85 -15.29
CA TYR A 34 7.69 -3.48 -16.71
C TYR A 34 7.08 -2.10 -16.94
N GLY A 35 6.07 -1.77 -16.14
CA GLY A 35 5.42 -0.48 -16.27
C GLY A 35 3.91 -0.59 -16.25
N VAL A 36 3.24 0.51 -15.91
CA VAL A 36 1.78 0.53 -15.86
C VAL A 36 1.21 1.56 -16.84
N PRO A 37 0.01 1.27 -17.36
CA PRO A 37 -0.67 2.16 -18.31
C PRO A 37 -1.16 3.45 -17.65
N ALA A 38 -0.71 4.58 -18.17
CA ALA A 38 -1.10 5.88 -17.64
C ALA A 38 -2.61 6.06 -17.70
N SER A 39 -3.12 7.02 -16.94
CA SER A 39 -4.55 7.30 -16.90
C SER A 39 -5.34 6.01 -16.86
N LEU A 40 -4.88 5.06 -16.04
CA LEU A 40 -5.57 3.76 -15.92
C LEU A 40 -5.57 3.30 -14.47
N PRO A 41 -6.78 3.17 -13.90
CA PRO A 41 -6.96 2.72 -12.51
C PRO A 41 -6.59 1.25 -12.32
N VAL A 42 -5.37 1.01 -11.85
CA VAL A 42 -4.89 -0.35 -11.62
C VAL A 42 -4.81 -0.66 -10.13
N ASP A 43 -5.16 -1.88 -9.76
CA ASP A 43 -5.12 -2.30 -8.36
C ASP A 43 -4.35 -3.62 -8.21
N PHE A 44 -3.64 -3.76 -7.09
CA PHE A 44 -2.86 -4.96 -6.83
C PHE A 44 -3.46 -5.75 -5.68
N ALA A 45 -2.78 -6.82 -5.28
CA ALA A 45 -3.25 -7.67 -4.19
C ALA A 45 -2.10 -8.03 -3.24
N ILE A 46 -2.28 -7.74 -1.96
CA ILE A 46 -1.27 -8.04 -0.95
C ILE A 46 -1.52 -9.39 -0.29
N ASP A 47 -0.78 -10.40 -0.72
CA ASP A 47 -0.93 -11.74 -0.16
C ASP A 47 -0.02 -11.93 1.05
N ALA A 48 -0.62 -12.13 2.22
CA ALA A 48 0.14 -12.32 3.44
C ALA A 48 -0.06 -13.73 3.99
N ARG A 49 1.04 -14.44 4.22
CA ARG A 49 0.99 -15.79 4.74
C ARG A 49 1.16 -15.80 6.26
N ASP A 50 2.26 -15.23 6.73
CA ASP A 50 2.54 -15.17 8.16
C ASP A 50 2.71 -13.73 8.62
N ALA A 51 2.03 -12.81 7.94
CA ALA A 51 2.11 -11.39 8.28
C ALA A 51 1.19 -11.05 9.45
N GLY A 52 0.73 -12.09 10.15
CA GLY A 52 -0.15 -11.88 11.29
C GLY A 52 -1.20 -10.82 11.02
N GLU A 53 -1.63 -10.14 12.07
CA GLU A 53 -2.64 -9.10 11.94
C GLU A 53 -2.08 -7.73 12.32
N GLY A 54 -2.18 -6.78 11.42
CA GLY A 54 -1.68 -5.44 11.68
C GLY A 54 -2.36 -4.38 10.82
N LEU A 55 -2.11 -3.12 11.14
CA LEU A 55 -2.70 -2.01 10.40
C LEU A 55 -1.93 -1.73 9.11
N LEU A 56 -2.53 -2.13 7.99
CA LEU A 56 -1.89 -1.92 6.69
C LEU A 56 -2.00 -0.46 6.25
N ALA A 57 -0.95 0.04 5.62
CA ALA A 57 -0.93 1.42 5.15
C ALA A 57 -0.31 1.51 3.76
N VAL A 58 -0.87 2.38 2.92
CA VAL A 58 -0.37 2.57 1.56
C VAL A 58 -0.09 4.03 1.28
N GLN A 59 1.18 4.34 1.01
CA GLN A 59 1.59 5.71 0.72
C GLN A 59 2.15 5.83 -0.70
N ILE A 60 1.42 6.54 -1.55
CA ILE A 60 1.84 6.72 -2.94
C ILE A 60 2.25 8.17 -3.19
N THR A 61 3.32 8.35 -3.99
CA THR A 61 3.81 9.67 -4.31
C THR A 61 4.28 9.74 -5.76
N ASP A 62 4.63 10.95 -6.20
CA ASP A 62 5.10 11.15 -7.57
C ASP A 62 6.57 11.54 -7.58
N GLN A 63 7.08 11.84 -8.78
CA GLN A 63 8.48 12.22 -8.93
C GLN A 63 8.84 13.36 -7.98
N GLU A 64 7.91 14.30 -7.82
CA GLU A 64 8.13 15.44 -6.94
C GLU A 64 7.89 15.07 -5.49
N GLY A 65 7.11 14.02 -5.28
CA GLY A 65 6.80 13.58 -3.92
C GLY A 65 5.51 14.16 -3.39
N LYS A 66 4.53 14.32 -4.28
CA LYS A 66 3.23 14.86 -3.90
C LYS A 66 2.23 13.75 -3.59
N PRO A 67 1.24 14.06 -2.77
CA PRO A 67 0.20 13.10 -2.38
C PRO A 67 -0.73 12.74 -3.54
N LYS A 68 -0.97 11.45 -3.72
CA LYS A 68 -1.84 10.99 -4.80
C LYS A 68 -3.06 10.26 -4.23
N ARG A 69 -4.18 10.37 -4.93
CA ARG A 69 -5.42 9.72 -4.50
C ARG A 69 -5.29 8.21 -4.59
N ALA A 70 -5.46 7.54 -3.45
CA ALA A 70 -5.38 6.08 -3.40
C ALA A 70 -6.59 5.49 -2.71
N ILE A 71 -7.27 4.57 -3.40
CA ILE A 71 -8.45 3.93 -2.85
C ILE A 71 -8.07 2.69 -2.03
N VAL A 72 -8.83 2.45 -0.96
CA VAL A 72 -8.58 1.30 -0.10
C VAL A 72 -9.67 0.24 -0.24
N HIS A 73 -9.27 -0.98 -0.55
CA HIS A 73 -10.22 -2.08 -0.71
C HIS A 73 -10.07 -3.10 0.41
N ASP A 74 -11.20 -3.48 1.00
CA ASP A 74 -11.19 -4.46 2.09
C ASP A 74 -11.87 -5.76 1.66
N ASN A 75 -11.13 -6.85 1.73
CA ASN A 75 -11.65 -8.17 1.35
C ASN A 75 -11.90 -9.03 2.58
N LYS A 76 -11.07 -8.85 3.60
CA LYS A 76 -11.20 -9.61 4.83
C LYS A 76 -11.02 -11.11 4.57
N ASP A 77 -10.15 -11.44 3.63
CA ASP A 77 -9.89 -12.84 3.27
C ASP A 77 -8.40 -13.12 3.29
N GLY A 78 -7.65 -12.36 4.07
CA GLY A 78 -6.21 -12.54 4.17
C GLY A 78 -5.47 -11.80 3.08
N THR A 79 -6.17 -10.95 2.35
CA THR A 79 -5.57 -10.17 1.28
C THR A 79 -6.04 -8.73 1.31
N TYR A 80 -5.45 -7.90 0.44
CA TYR A 80 -5.81 -6.48 0.38
C TYR A 80 -5.59 -5.93 -1.03
N ALA A 81 -6.54 -5.12 -1.49
CA ALA A 81 -6.44 -4.52 -2.81
C ALA A 81 -6.43 -2.99 -2.73
N VAL A 82 -5.57 -2.36 -3.52
CA VAL A 82 -5.46 -0.91 -3.53
C VAL A 82 -5.43 -0.38 -4.97
N THR A 83 -6.40 0.47 -5.29
CA THR A 83 -6.48 1.06 -6.63
C THR A 83 -5.79 2.42 -6.68
N TYR A 84 -5.16 2.72 -7.81
CA TYR A 84 -4.47 3.99 -7.98
C TYR A 84 -4.43 4.39 -9.46
N ILE A 85 -4.73 5.65 -9.72
CA ILE A 85 -4.73 6.16 -11.08
C ILE A 85 -3.58 7.15 -11.30
N PRO A 86 -2.52 6.68 -11.97
CA PRO A 86 -1.34 7.50 -12.27
C PRO A 86 -1.64 8.58 -13.29
N ASP A 87 -1.76 9.82 -12.82
CA ASP A 87 -2.04 10.95 -13.70
C ASP A 87 -0.74 11.62 -14.17
N LYS A 88 0.12 11.96 -13.20
CA LYS A 88 1.39 12.60 -13.51
C LYS A 88 2.44 11.56 -13.94
N THR A 89 2.55 11.34 -15.24
CA THR A 89 3.50 10.39 -15.79
C THR A 89 4.88 10.58 -15.17
N GLY A 90 5.72 9.55 -15.27
CA GLY A 90 7.06 9.63 -14.71
C GLY A 90 7.37 8.47 -13.78
N ARG A 91 7.86 8.79 -12.59
CA ARG A 91 8.21 7.77 -11.61
C ARG A 91 7.18 7.74 -10.49
N TYR A 92 6.91 6.54 -9.97
CA TYR A 92 5.94 6.36 -8.89
C TYR A 92 6.55 5.56 -7.74
N MET A 93 6.74 6.22 -6.61
CA MET A 93 7.31 5.57 -5.43
C MET A 93 6.21 5.16 -4.46
N ILE A 94 6.17 3.86 -4.14
CA ILE A 94 5.16 3.34 -3.22
C ILE A 94 5.82 2.82 -1.94
N GLY A 95 5.38 3.36 -0.80
CA GLY A 95 5.93 2.94 0.47
C GLY A 95 4.94 2.16 1.30
N VAL A 96 4.91 0.84 1.11
CA VAL A 96 4.00 -0.02 1.85
C VAL A 96 4.53 -0.30 3.26
N THR A 97 3.75 0.08 4.27
CA THR A 97 4.14 -0.12 5.66
C THR A 97 3.15 -1.05 6.37
N TYR A 98 3.67 -1.92 7.21
CA TYR A 98 2.83 -2.86 7.95
C TYR A 98 3.12 -2.77 9.45
N GLY A 99 2.05 -2.59 10.23
CA GLY A 99 2.20 -2.50 11.67
C GLY A 99 3.28 -1.52 12.09
N GLY A 100 3.28 -0.35 11.45
CA GLY A 100 4.27 0.67 11.76
C GLY A 100 5.68 0.21 11.44
N ASP A 101 5.82 -0.60 10.39
CA ASP A 101 7.12 -1.10 9.99
C ASP A 101 7.19 -1.29 8.47
N ASP A 102 8.07 -0.55 7.82
CA ASP A 102 8.23 -0.63 6.37
C ASP A 102 8.78 -2.00 5.97
N ILE A 103 8.15 -2.60 4.96
CA ILE A 103 8.58 -3.92 4.48
C ILE A 103 9.93 -3.83 3.79
N PRO A 104 10.70 -4.93 3.85
CA PRO A 104 12.02 -5.00 3.23
C PRO A 104 11.96 -5.01 1.70
N LEU A 105 10.74 -4.90 1.17
CA LEU A 105 10.54 -4.89 -0.27
C LEU A 105 10.34 -3.48 -0.79
N SER A 106 9.95 -2.58 0.10
CA SER A 106 9.70 -1.19 -0.26
C SER A 106 10.97 -0.35 -0.07
N PRO A 107 11.01 0.81 -0.73
CA PRO A 107 9.92 1.28 -1.58
C PRO A 107 9.78 0.46 -2.86
N TYR A 108 8.83 0.83 -3.70
CA TYR A 108 8.59 0.12 -4.96
C TYR A 108 8.72 1.06 -6.15
N ARG A 109 9.63 0.75 -7.06
CA ARG A 109 9.85 1.56 -8.24
C ARG A 109 8.84 1.21 -9.34
N ILE A 110 8.27 2.23 -9.95
CA ILE A 110 7.29 2.04 -11.02
C ILE A 110 7.28 3.23 -11.98
N ARG A 111 7.02 2.94 -13.25
CA ARG A 111 6.97 3.98 -14.27
C ARG A 111 5.72 3.85 -15.13
N ALA A 112 4.98 4.95 -15.27
CA ALA A 112 3.77 4.96 -16.08
C ALA A 112 4.08 5.12 -17.56
N THR A 113 3.69 4.14 -18.35
CA THR A 113 3.93 4.16 -19.79
C THR A 113 2.87 4.99 -20.50
N GLN A 114 3.19 6.26 -20.77
CA GLN A 114 2.26 7.16 -21.45
C GLN A 114 2.08 6.74 -22.91
N THR A 115 0.88 6.28 -23.24
CA THR A 115 0.58 5.85 -24.60
C THR A 115 -0.92 5.91 -24.88
N GLY A 116 -1.31 6.70 -25.88
CA GLY A 116 -2.72 6.81 -26.23
C GLY A 116 -3.30 8.15 -25.80
N ASP A 117 -4.54 8.40 -26.20
CA ASP A 117 -5.21 9.64 -25.86
C ASP A 117 -4.30 10.84 -26.11
N ALA A 118 -3.60 10.82 -27.24
CA ALA A 118 -2.70 11.91 -27.60
C ALA A 118 -3.32 12.80 -28.67
N SER A 119 -3.66 14.02 -28.29
CA SER A 119 -4.27 14.97 -29.22
C SER A 119 -3.30 16.11 -29.53
N GLY A 1 -30.13 16.67 36.25
CA GLY A 1 -29.49 15.51 35.65
C GLY A 1 -28.25 15.09 36.40
N SER A 2 -27.65 13.97 35.98
CA SER A 2 -26.45 13.46 36.62
C SER A 2 -25.70 12.51 35.68
N SER A 3 -24.52 12.06 36.12
CA SER A 3 -23.70 11.16 35.32
C SER A 3 -22.98 10.15 36.21
N GLY A 4 -22.24 9.25 35.59
CA GLY A 4 -21.50 8.24 36.33
C GLY A 4 -20.14 7.96 35.75
N SER A 5 -19.51 6.88 36.20
CA SER A 5 -18.18 6.52 35.72
C SER A 5 -17.88 5.05 36.04
N SER A 6 -16.81 4.54 35.45
CA SER A 6 -16.41 3.14 35.65
C SER A 6 -14.90 2.99 35.57
N GLY A 7 -14.40 1.86 36.05
CA GLY A 7 -12.97 1.61 36.03
C GLY A 7 -12.62 0.28 35.41
N ARG A 8 -11.42 0.18 34.84
CA ARG A 8 -10.98 -1.06 34.20
C ARG A 8 -9.59 -1.45 34.70
N SER A 9 -9.31 -2.74 34.71
CA SER A 9 -8.02 -3.25 35.16
C SER A 9 -7.48 -4.30 34.19
N PRO A 10 -6.76 -3.84 33.15
CA PRO A 10 -6.18 -4.71 32.14
C PRO A 10 -5.02 -5.54 32.68
N PHE A 11 -4.58 -6.53 31.90
CA PHE A 11 -3.49 -7.39 32.31
C PHE A 11 -2.22 -6.59 32.53
N LYS A 12 -1.15 -7.27 32.95
CA LYS A 12 0.13 -6.62 33.20
C LYS A 12 1.27 -7.39 32.53
N VAL A 13 1.02 -7.84 31.30
CA VAL A 13 2.03 -8.59 30.56
C VAL A 13 2.15 -8.07 29.13
N LYS A 14 3.39 -7.95 28.65
CA LYS A 14 3.63 -7.46 27.29
C LYS A 14 4.68 -8.34 26.60
N VAL A 15 4.29 -8.90 25.45
CA VAL A 15 5.19 -9.75 24.68
C VAL A 15 5.27 -9.29 23.23
N LEU A 16 6.40 -9.58 22.59
CA LEU A 16 6.61 -9.19 21.19
C LEU A 16 5.39 -9.56 20.34
N PRO A 17 5.08 -8.72 19.35
CA PRO A 17 3.95 -8.93 18.44
C PRO A 17 4.19 -10.12 17.51
N THR A 18 3.11 -10.58 16.87
CA THR A 18 3.19 -11.71 15.95
C THR A 18 3.26 -11.23 14.51
N TYR A 19 2.84 -9.98 14.27
CA TYR A 19 2.86 -9.42 12.94
C TYR A 19 4.29 -9.18 12.46
N ASP A 20 4.51 -9.31 11.15
CA ASP A 20 5.82 -9.11 10.58
C ASP A 20 5.71 -8.54 9.16
N ALA A 21 6.15 -7.30 9.00
CA ALA A 21 6.10 -6.64 7.70
C ALA A 21 6.84 -7.45 6.64
N SER A 22 8.06 -7.86 6.97
CA SER A 22 8.88 -8.64 6.04
C SER A 22 8.08 -9.79 5.45
N LYS A 23 7.11 -10.29 6.22
CA LYS A 23 6.28 -11.39 5.78
C LYS A 23 5.10 -10.89 4.93
N VAL A 24 5.30 -9.73 4.30
CA VAL A 24 4.27 -9.14 3.46
C VAL A 24 4.75 -8.97 2.02
N THR A 25 3.95 -9.46 1.07
CA THR A 25 4.31 -9.35 -0.34
C THR A 25 3.11 -8.93 -1.17
N ALA A 26 3.38 -8.33 -2.33
CA ALA A 26 2.33 -7.87 -3.22
C ALA A 26 2.66 -8.19 -4.68
N SER A 27 1.64 -8.59 -5.44
CA SER A 27 1.83 -8.93 -6.85
C SER A 27 0.63 -8.48 -7.68
N GLY A 28 0.88 -8.17 -8.94
CA GLY A 28 -0.18 -7.72 -9.83
C GLY A 28 0.29 -6.66 -10.81
N PRO A 29 -0.67 -6.11 -11.57
CA PRO A 29 -0.37 -5.07 -12.57
C PRO A 29 0.03 -3.74 -11.93
N GLY A 30 -0.60 -3.44 -10.78
CA GLY A 30 -0.29 -2.20 -10.09
C GLY A 30 1.15 -2.12 -9.64
N LEU A 31 1.78 -3.28 -9.49
CA LEU A 31 3.17 -3.34 -9.05
C LEU A 31 4.05 -3.96 -10.14
N SER A 32 3.59 -3.91 -11.39
CA SER A 32 4.32 -4.46 -12.50
C SER A 32 5.63 -3.71 -12.73
N SER A 33 6.75 -4.42 -12.62
CA SER A 33 8.06 -3.82 -12.81
C SER A 33 8.23 -3.30 -14.24
N TYR A 34 7.60 -3.98 -15.18
CA TYR A 34 7.67 -3.60 -16.58
C TYR A 34 7.08 -2.21 -16.79
N GLY A 35 6.14 -1.83 -15.93
CA GLY A 35 5.51 -0.53 -16.04
C GLY A 35 4.01 -0.60 -15.97
N VAL A 36 3.37 0.51 -15.62
CA VAL A 36 1.92 0.57 -15.51
C VAL A 36 1.33 1.60 -16.47
N PRO A 37 0.12 1.33 -16.97
CA PRO A 37 -0.57 2.22 -17.90
C PRO A 37 -1.04 3.52 -17.23
N ALA A 38 -0.53 4.64 -17.73
CA ALA A 38 -0.89 5.94 -17.18
C ALA A 38 -2.40 6.17 -17.24
N SER A 39 -2.87 7.16 -16.51
CA SER A 39 -4.30 7.48 -16.48
C SER A 39 -5.14 6.21 -16.53
N LEU A 40 -4.68 5.18 -15.83
CA LEU A 40 -5.39 3.90 -15.79
C LEU A 40 -5.52 3.39 -14.37
N PRO A 41 -6.77 3.22 -13.90
CA PRO A 41 -7.05 2.74 -12.55
C PRO A 41 -6.69 1.27 -12.38
N VAL A 42 -5.50 1.02 -11.84
CA VAL A 42 -5.03 -0.34 -11.62
C VAL A 42 -5.00 -0.68 -10.13
N ASP A 43 -5.14 -1.96 -9.81
CA ASP A 43 -5.12 -2.41 -8.42
C ASP A 43 -4.39 -3.75 -8.30
N PHE A 44 -3.67 -3.92 -7.19
CA PHE A 44 -2.93 -5.15 -6.96
C PHE A 44 -3.53 -5.93 -5.79
N ALA A 45 -2.92 -7.06 -5.46
CA ALA A 45 -3.40 -7.90 -4.37
C ALA A 45 -2.29 -8.17 -3.35
N ILE A 46 -2.61 -7.98 -2.08
CA ILE A 46 -1.63 -8.20 -1.01
C ILE A 46 -1.97 -9.46 -0.21
N ASP A 47 -1.13 -10.47 -0.33
CA ASP A 47 -1.34 -11.73 0.38
C ASP A 47 -0.31 -11.90 1.50
N ALA A 48 -0.80 -12.02 2.73
CA ALA A 48 0.09 -12.18 3.89
C ALA A 48 0.02 -13.61 4.42
N ARG A 49 1.19 -14.24 4.52
CA ARG A 49 1.28 -15.61 5.02
C ARG A 49 1.56 -15.64 6.52
N ASP A 50 2.65 -15.00 6.91
CA ASP A 50 3.05 -14.94 8.31
C ASP A 50 3.15 -13.50 8.79
N ALA A 51 2.41 -12.61 8.14
CA ALA A 51 2.42 -11.20 8.50
C ALA A 51 1.48 -10.92 9.68
N GLY A 52 1.11 -11.98 10.38
CA GLY A 52 0.22 -11.83 11.51
C GLY A 52 -0.88 -10.83 11.27
N GLU A 53 -1.35 -10.18 12.34
CA GLU A 53 -2.41 -9.18 12.23
C GLU A 53 -1.85 -7.77 12.34
N GLY A 54 -2.03 -6.98 11.29
CA GLY A 54 -1.52 -5.62 11.29
C GLY A 54 -2.30 -4.72 10.34
N LEU A 55 -2.13 -3.42 10.50
CA LEU A 55 -2.82 -2.44 9.66
C LEU A 55 -1.98 -2.11 8.43
N LEU A 56 -2.55 -2.31 7.25
CA LEU A 56 -1.85 -2.04 6.00
C LEU A 56 -1.95 -0.55 5.64
N ALA A 57 -0.83 0.03 5.25
CA ALA A 57 -0.78 1.44 4.88
C ALA A 57 -0.13 1.64 3.52
N VAL A 58 -0.85 2.29 2.62
CA VAL A 58 -0.34 2.55 1.27
C VAL A 58 0.01 4.02 1.09
N GLN A 59 1.22 4.28 0.59
CA GLN A 59 1.68 5.64 0.36
C GLN A 59 2.19 5.81 -1.07
N ILE A 60 1.46 6.57 -1.87
CA ILE A 60 1.85 6.81 -3.26
C ILE A 60 2.28 8.25 -3.46
N THR A 61 3.39 8.44 -4.18
CA THR A 61 3.92 9.77 -4.45
C THR A 61 4.36 9.90 -5.90
N ASP A 62 4.55 11.14 -6.34
CA ASP A 62 4.98 11.40 -7.72
C ASP A 62 6.43 11.86 -7.76
N GLN A 63 6.91 12.20 -8.95
CA GLN A 63 8.29 12.65 -9.12
C GLN A 63 8.60 13.80 -8.17
N GLU A 64 7.63 14.70 -7.99
CA GLU A 64 7.81 15.85 -7.11
C GLU A 64 7.60 15.45 -5.66
N GLY A 65 6.83 14.40 -5.43
CA GLY A 65 6.56 13.94 -4.09
C GLY A 65 5.24 14.45 -3.54
N LYS A 66 4.24 14.52 -4.41
CA LYS A 66 2.91 14.99 -4.01
C LYS A 66 1.98 13.82 -3.71
N PRO A 67 0.99 14.07 -2.85
CA PRO A 67 0.02 13.05 -2.45
C PRO A 67 -0.94 12.68 -3.59
N LYS A 68 -1.16 11.39 -3.77
CA LYS A 68 -2.06 10.91 -4.82
C LYS A 68 -3.23 10.14 -4.23
N ARG A 69 -4.43 10.41 -4.76
CA ARG A 69 -5.63 9.75 -4.28
C ARG A 69 -5.54 8.24 -4.47
N ALA A 70 -5.53 7.51 -3.36
CA ALA A 70 -5.44 6.05 -3.40
C ALA A 70 -6.68 5.41 -2.78
N ILE A 71 -7.19 4.37 -3.44
CA ILE A 71 -8.37 3.67 -2.94
C ILE A 71 -7.98 2.42 -2.16
N VAL A 72 -8.64 2.21 -1.02
CA VAL A 72 -8.36 1.04 -0.20
C VAL A 72 -9.52 0.05 -0.23
N HIS A 73 -9.31 -1.07 -0.92
CA HIS A 73 -10.34 -2.09 -1.04
C HIS A 73 -10.27 -3.07 0.14
N ASP A 74 -11.41 -3.30 0.77
CA ASP A 74 -11.48 -4.21 1.91
C ASP A 74 -12.22 -5.50 1.54
N ASN A 75 -11.50 -6.62 1.58
CA ASN A 75 -12.08 -7.91 1.24
C ASN A 75 -12.37 -8.72 2.50
N LYS A 76 -11.63 -8.43 3.57
CA LYS A 76 -11.79 -9.12 4.83
C LYS A 76 -11.60 -10.63 4.66
N ASP A 77 -10.73 -10.99 3.72
CA ASP A 77 -10.45 -12.41 3.45
C ASP A 77 -8.96 -12.69 3.56
N GLY A 78 -8.27 -11.92 4.39
CA GLY A 78 -6.84 -12.10 4.56
C GLY A 78 -6.03 -11.27 3.60
N THR A 79 -6.59 -11.00 2.42
CA THR A 79 -5.90 -10.22 1.41
C THR A 79 -6.38 -8.76 1.43
N TYR A 80 -5.76 -7.94 0.59
CA TYR A 80 -6.13 -6.52 0.52
C TYR A 80 -5.86 -5.96 -0.88
N ALA A 81 -6.81 -5.21 -1.40
CA ALA A 81 -6.67 -4.61 -2.73
C ALA A 81 -6.50 -3.10 -2.64
N VAL A 82 -5.67 -2.55 -3.52
CA VAL A 82 -5.43 -1.11 -3.53
C VAL A 82 -5.38 -0.58 -4.96
N THR A 83 -6.28 0.34 -5.27
CA THR A 83 -6.34 0.93 -6.60
C THR A 83 -5.69 2.31 -6.62
N TYR A 84 -5.07 2.65 -7.74
CA TYR A 84 -4.40 3.95 -7.90
C TYR A 84 -4.40 4.40 -9.35
N ILE A 85 -4.85 5.62 -9.59
CA ILE A 85 -4.90 6.17 -10.93
C ILE A 85 -3.76 7.16 -11.17
N PRO A 86 -2.66 6.68 -11.77
CA PRO A 86 -1.49 7.50 -12.07
C PRO A 86 -1.77 8.53 -13.16
N ASP A 87 -2.12 9.74 -12.75
CA ASP A 87 -2.40 10.81 -13.70
C ASP A 87 -1.14 11.24 -14.44
N LYS A 88 -0.19 11.79 -13.69
CA LYS A 88 1.07 12.25 -14.26
C LYS A 88 1.92 11.07 -14.72
N THR A 89 3.06 11.37 -15.33
CA THR A 89 3.96 10.33 -15.82
C THR A 89 5.38 10.54 -15.29
N GLY A 90 6.10 9.45 -15.08
CA GLY A 90 7.46 9.53 -14.59
C GLY A 90 7.80 8.40 -13.63
N ARG A 91 8.48 8.75 -12.53
CA ARG A 91 8.87 7.77 -11.54
C ARG A 91 7.92 7.78 -10.34
N TYR A 92 7.39 6.61 -9.99
CA TYR A 92 6.46 6.50 -8.87
C TYR A 92 7.11 5.76 -7.70
N MET A 93 6.94 6.31 -6.50
CA MET A 93 7.50 5.70 -5.30
C MET A 93 6.39 5.31 -4.33
N ILE A 94 6.23 4.01 -4.11
CA ILE A 94 5.22 3.51 -3.20
C ILE A 94 5.85 2.86 -1.96
N GLY A 95 5.54 3.41 -0.79
CA GLY A 95 6.09 2.87 0.44
C GLY A 95 5.05 2.12 1.25
N VAL A 96 4.98 0.81 1.03
CA VAL A 96 4.03 -0.03 1.76
C VAL A 96 4.57 -0.41 3.13
N THR A 97 3.71 -0.29 4.15
CA THR A 97 4.10 -0.63 5.51
C THR A 97 3.01 -1.43 6.20
N TYR A 98 3.42 -2.32 7.10
CA TYR A 98 2.47 -3.15 7.85
C TYR A 98 2.79 -3.15 9.33
N GLY A 99 1.81 -2.76 10.15
CA GLY A 99 2.01 -2.72 11.58
C GLY A 99 3.10 -1.74 11.99
N GLY A 100 3.15 -0.60 11.32
CA GLY A 100 4.14 0.40 11.64
C GLY A 100 5.55 -0.06 11.31
N ASP A 101 5.67 -0.91 10.29
CA ASP A 101 6.97 -1.42 9.87
C ASP A 101 7.01 -1.59 8.35
N ASP A 102 7.95 -0.90 7.72
CA ASP A 102 8.10 -0.97 6.26
C ASP A 102 8.73 -2.30 5.86
N ILE A 103 8.30 -2.82 4.70
CA ILE A 103 8.82 -4.08 4.20
C ILE A 103 10.24 -3.93 3.67
N PRO A 104 10.99 -5.04 3.66
CA PRO A 104 12.38 -5.05 3.17
C PRO A 104 12.48 -4.84 1.67
N LEU A 105 11.32 -4.62 1.03
CA LEU A 105 11.28 -4.40 -0.41
C LEU A 105 11.05 -2.94 -0.74
N SER A 106 10.35 -2.24 0.16
CA SER A 106 10.06 -0.83 -0.03
C SER A 106 11.33 0.01 0.06
N PRO A 107 11.33 1.16 -0.63
CA PRO A 107 10.18 1.61 -1.42
C PRO A 107 9.98 0.75 -2.66
N TYR A 108 9.00 1.14 -3.48
CA TYR A 108 8.70 0.40 -4.70
C TYR A 108 8.90 1.28 -5.93
N ARG A 109 9.86 0.91 -6.76
CA ARG A 109 10.16 1.67 -7.97
C ARG A 109 9.25 1.23 -9.12
N ILE A 110 8.46 2.17 -9.64
CA ILE A 110 7.55 1.88 -10.74
C ILE A 110 7.44 3.07 -11.68
N ARG A 111 7.14 2.79 -12.94
CA ARG A 111 7.00 3.84 -13.94
C ARG A 111 5.65 3.75 -14.64
N ALA A 112 5.17 4.88 -15.16
CA ALA A 112 3.89 4.92 -15.85
C ALA A 112 4.08 5.11 -17.36
N THR A 113 3.99 4.01 -18.10
CA THR A 113 4.15 4.06 -19.54
C THR A 113 2.96 4.73 -20.22
N GLN A 114 3.16 5.96 -20.65
CA GLN A 114 2.09 6.72 -21.31
C GLN A 114 1.77 6.13 -22.68
N THR A 115 0.55 5.63 -22.84
CA THR A 115 0.13 5.04 -24.10
C THR A 115 -1.39 5.15 -24.28
N GLY A 116 -1.84 5.10 -25.53
CA GLY A 116 -3.26 5.20 -25.80
C GLY A 116 -3.73 6.64 -25.90
N ASP A 117 -4.02 7.08 -27.12
CA ASP A 117 -4.49 8.45 -27.34
C ASP A 117 -5.96 8.46 -27.74
N ALA A 118 -6.78 9.15 -26.96
CA ALA A 118 -8.21 9.24 -27.23
C ALA A 118 -8.47 9.48 -28.71
N SER A 119 -9.68 9.13 -29.16
CA SER A 119 -10.05 9.30 -30.57
C SER A 119 -11.46 9.88 -30.68
N GLY A 1 -11.28 31.37 20.15
CA GLY A 1 -11.04 31.03 21.54
C GLY A 1 -10.13 29.83 21.70
N SER A 2 -9.61 29.63 22.92
CA SER A 2 -8.72 28.52 23.19
C SER A 2 -8.94 27.99 24.60
N SER A 3 -9.18 26.68 24.72
CA SER A 3 -9.41 26.05 26.01
C SER A 3 -8.22 25.17 26.40
N GLY A 4 -7.95 24.16 25.58
CA GLY A 4 -6.85 23.26 25.86
C GLY A 4 -7.30 21.84 26.09
N SER A 5 -6.38 20.97 26.47
CA SER A 5 -6.69 19.57 26.72
C SER A 5 -5.51 18.86 27.39
N SER A 6 -5.70 17.58 27.70
CA SER A 6 -4.65 16.78 28.34
C SER A 6 -4.64 15.36 27.79
N GLY A 7 -3.70 14.56 28.27
CA GLY A 7 -3.59 13.19 27.82
C GLY A 7 -2.86 12.31 28.82
N ARG A 8 -2.91 10.99 28.60
CA ARG A 8 -2.26 10.04 29.48
C ARG A 8 -2.36 8.62 28.92
N SER A 9 -1.40 7.78 29.30
CA SER A 9 -1.38 6.40 28.83
C SER A 9 -0.44 5.55 29.69
N PRO A 10 -1.03 4.62 30.46
CA PRO A 10 -0.28 3.72 31.34
C PRO A 10 0.55 2.71 30.56
N PHE A 11 1.28 1.87 31.30
CA PHE A 11 2.13 0.85 30.67
C PHE A 11 2.06 -0.46 31.45
N LYS A 12 2.53 -1.53 30.83
CA LYS A 12 2.53 -2.85 31.46
C LYS A 12 3.26 -3.87 30.60
N VAL A 13 3.41 -5.08 31.12
CA VAL A 13 4.09 -6.15 30.40
C VAL A 13 3.74 -6.12 28.91
N LYS A 14 4.77 -6.05 28.08
CA LYS A 14 4.57 -6.03 26.63
C LYS A 14 5.43 -7.09 25.94
N VAL A 15 4.86 -7.74 24.94
CA VAL A 15 5.57 -8.78 24.19
C VAL A 15 5.53 -8.50 22.70
N LEU A 16 6.43 -9.14 21.96
CA LEU A 16 6.49 -8.97 20.51
C LEU A 16 5.20 -9.43 19.85
N PRO A 17 4.73 -8.65 18.86
CA PRO A 17 3.50 -8.95 18.13
C PRO A 17 3.65 -10.17 17.22
N THR A 18 2.55 -10.84 16.94
CA THR A 18 2.55 -12.02 16.09
C THR A 18 2.72 -11.64 14.63
N TYR A 19 2.17 -10.49 14.25
CA TYR A 19 2.25 -10.01 12.89
C TYR A 19 3.70 -9.69 12.50
N ASP A 20 3.97 -9.66 11.20
CA ASP A 20 5.31 -9.37 10.71
C ASP A 20 5.24 -8.69 9.34
N ALA A 21 5.62 -7.41 9.31
CA ALA A 21 5.61 -6.64 8.07
C ALA A 21 6.52 -7.28 7.02
N SER A 22 7.73 -7.64 7.43
CA SER A 22 8.69 -8.25 6.53
C SER A 22 8.07 -9.43 5.79
N LYS A 23 7.14 -10.11 6.45
CA LYS A 23 6.47 -11.26 5.86
C LYS A 23 5.28 -10.82 5.01
N VAL A 24 5.36 -9.61 4.47
CA VAL A 24 4.30 -9.07 3.63
C VAL A 24 4.78 -8.87 2.20
N THR A 25 4.04 -9.42 1.24
CA THR A 25 4.39 -9.30 -0.17
C THR A 25 3.18 -8.89 -1.00
N ALA A 26 3.44 -8.34 -2.17
CA ALA A 26 2.38 -7.90 -3.07
C ALA A 26 2.69 -8.25 -4.51
N SER A 27 1.65 -8.53 -5.29
CA SER A 27 1.82 -8.89 -6.70
C SER A 27 0.64 -8.38 -7.53
N GLY A 28 0.91 -8.08 -8.80
CA GLY A 28 -0.14 -7.59 -9.68
C GLY A 28 0.35 -6.51 -10.63
N PRO A 29 -0.58 -5.95 -11.40
CA PRO A 29 -0.26 -4.89 -12.37
C PRO A 29 0.14 -3.58 -11.69
N GLY A 30 -0.53 -3.27 -10.59
CA GLY A 30 -0.24 -2.04 -9.86
C GLY A 30 1.24 -1.90 -9.55
N LEU A 31 1.90 -3.01 -9.29
CA LEU A 31 3.33 -3.00 -8.97
C LEU A 31 4.13 -3.65 -10.10
N SER A 32 3.58 -3.64 -11.30
CA SER A 32 4.24 -4.21 -12.46
C SER A 32 5.57 -3.51 -12.74
N SER A 33 6.66 -4.27 -12.70
CA SER A 33 7.99 -3.71 -12.94
C SER A 33 8.10 -3.19 -14.37
N TYR A 34 7.49 -3.91 -15.31
CA TYR A 34 7.53 -3.51 -16.71
C TYR A 34 6.93 -2.12 -16.91
N GLY A 35 5.92 -1.81 -16.10
CA GLY A 35 5.28 -0.51 -16.20
C GLY A 35 3.77 -0.61 -16.19
N VAL A 36 3.09 0.48 -15.84
CA VAL A 36 1.64 0.50 -15.79
C VAL A 36 1.07 1.52 -16.78
N PRO A 37 -0.13 1.22 -17.31
CA PRO A 37 -0.79 2.10 -18.28
C PRO A 37 -1.28 3.40 -17.64
N ALA A 38 -0.77 4.52 -18.15
CA ALA A 38 -1.16 5.83 -17.62
C ALA A 38 -2.67 6.03 -17.70
N SER A 39 -3.18 7.00 -16.95
CA SER A 39 -4.60 7.29 -16.92
C SER A 39 -5.42 6.00 -16.90
N LEU A 40 -4.98 5.05 -16.07
CA LEU A 40 -5.67 3.76 -15.95
C LEU A 40 -5.67 3.29 -14.50
N PRO A 41 -6.87 3.04 -13.96
CA PRO A 41 -7.04 2.57 -12.59
C PRO A 41 -6.55 1.13 -12.40
N VAL A 42 -5.37 0.99 -11.81
CA VAL A 42 -4.79 -0.33 -11.58
C VAL A 42 -4.69 -0.63 -10.08
N ASP A 43 -4.93 -1.88 -9.71
CA ASP A 43 -4.86 -2.30 -8.32
C ASP A 43 -4.10 -3.61 -8.18
N PHE A 44 -3.42 -3.77 -7.05
CA PHE A 44 -2.65 -4.99 -6.80
C PHE A 44 -3.27 -5.80 -5.66
N ALA A 45 -2.62 -6.90 -5.30
CA ALA A 45 -3.12 -7.76 -4.23
C ALA A 45 -2.00 -8.08 -3.24
N ILE A 46 -2.24 -7.77 -1.97
CA ILE A 46 -1.26 -8.03 -0.92
C ILE A 46 -1.53 -9.35 -0.22
N ASP A 47 -0.77 -10.39 -0.58
CA ASP A 47 -0.94 -11.70 0.01
C ASP A 47 0.06 -11.91 1.16
N ALA A 48 -0.47 -12.11 2.36
CA ALA A 48 0.37 -12.33 3.54
C ALA A 48 0.25 -13.76 4.04
N ARG A 49 1.39 -14.43 4.17
CA ARG A 49 1.42 -15.81 4.64
C ARG A 49 1.67 -15.88 6.15
N ASP A 50 2.77 -15.26 6.58
CA ASP A 50 3.13 -15.25 8.00
C ASP A 50 3.27 -13.81 8.50
N ALA A 51 2.47 -12.91 7.93
CA ALA A 51 2.50 -11.50 8.33
C ALA A 51 1.45 -11.23 9.40
N GLY A 52 0.44 -12.08 9.48
CA GLY A 52 -0.62 -11.91 10.46
C GLY A 52 -1.46 -10.68 10.18
N GLU A 53 -1.89 -10.01 11.24
CA GLU A 53 -2.71 -8.81 11.12
C GLU A 53 -2.01 -7.60 11.69
N GLY A 54 -2.20 -6.44 11.05
CA GLY A 54 -1.57 -5.22 11.52
C GLY A 54 -2.04 -4.01 10.74
N LEU A 55 -1.96 -2.84 11.38
CA LEU A 55 -2.38 -1.60 10.74
C LEU A 55 -1.69 -1.41 9.39
N LEU A 56 -2.47 -1.54 8.33
CA LEU A 56 -1.94 -1.38 6.98
C LEU A 56 -2.04 0.06 6.51
N ALA A 57 -0.97 0.56 5.89
CA ALA A 57 -0.94 1.92 5.39
C ALA A 57 -0.38 1.98 3.97
N VAL A 58 -0.89 2.92 3.18
CA VAL A 58 -0.44 3.07 1.80
C VAL A 58 0.07 4.49 1.56
N GLN A 59 1.34 4.60 1.17
CA GLN A 59 1.95 5.89 0.90
C GLN A 59 2.41 5.98 -0.56
N ILE A 60 1.70 6.80 -1.34
CA ILE A 60 2.04 6.98 -2.74
C ILE A 60 2.46 8.41 -3.03
N THR A 61 3.56 8.56 -3.77
CA THR A 61 4.09 9.88 -4.11
C THR A 61 4.52 9.94 -5.57
N ASP A 62 4.83 11.13 -6.04
CA ASP A 62 5.27 11.32 -7.43
C ASP A 62 6.77 11.55 -7.49
N GLN A 63 7.30 11.60 -8.71
CA GLN A 63 8.73 11.81 -8.90
C GLN A 63 9.25 12.91 -7.99
N GLU A 64 8.51 14.00 -7.91
CA GLU A 64 8.89 15.13 -7.07
C GLU A 64 8.51 14.89 -5.61
N GLY A 65 7.51 14.04 -5.41
CA GLY A 65 7.05 13.73 -4.06
C GLY A 65 5.72 14.38 -3.74
N LYS A 66 4.80 14.33 -4.69
CA LYS A 66 3.47 14.91 -4.51
C LYS A 66 2.46 13.84 -4.10
N PRO A 67 1.44 14.25 -3.33
CA PRO A 67 0.39 13.35 -2.87
C PRO A 67 -0.52 12.88 -3.99
N LYS A 68 -0.88 11.60 -3.97
CA LYS A 68 -1.76 11.03 -4.99
C LYS A 68 -2.98 10.39 -4.36
N ARG A 69 -4.04 10.26 -5.15
CA ARG A 69 -5.29 9.66 -4.66
C ARG A 69 -5.19 8.13 -4.65
N ALA A 70 -5.36 7.55 -3.47
CA ALA A 70 -5.29 6.10 -3.32
C ALA A 70 -6.56 5.54 -2.69
N ILE A 71 -7.04 4.42 -3.21
CA ILE A 71 -8.25 3.78 -2.70
C ILE A 71 -7.92 2.54 -1.89
N VAL A 72 -8.75 2.25 -0.89
CA VAL A 72 -8.55 1.09 -0.04
C VAL A 72 -9.72 0.12 -0.16
N HIS A 73 -9.41 -1.13 -0.48
CA HIS A 73 -10.45 -2.16 -0.61
C HIS A 73 -10.25 -3.27 0.41
N ASP A 74 -11.32 -3.62 1.12
CA ASP A 74 -11.27 -4.66 2.13
C ASP A 74 -11.87 -5.96 1.60
N ASN A 75 -11.07 -7.02 1.61
CA ASN A 75 -11.52 -8.32 1.12
C ASN A 75 -11.86 -9.25 2.29
N LYS A 76 -11.15 -9.08 3.40
CA LYS A 76 -11.38 -9.88 4.59
C LYS A 76 -11.20 -11.37 4.28
N ASP A 77 -10.34 -11.67 3.31
CA ASP A 77 -10.07 -13.04 2.91
C ASP A 77 -8.58 -13.35 3.00
N GLY A 78 -7.89 -12.67 3.90
CA GLY A 78 -6.46 -12.90 4.07
C GLY A 78 -5.64 -12.14 3.05
N THR A 79 -6.20 -11.07 2.51
CA THR A 79 -5.51 -10.26 1.51
C THR A 79 -5.97 -8.81 1.56
N TYR A 80 -5.37 -7.97 0.72
CA TYR A 80 -5.71 -6.56 0.67
C TYR A 80 -5.47 -5.98 -0.72
N ALA A 81 -6.47 -5.26 -1.24
CA ALA A 81 -6.35 -4.66 -2.56
C ALA A 81 -6.23 -3.14 -2.45
N VAL A 82 -5.50 -2.54 -3.39
CA VAL A 82 -5.30 -1.09 -3.41
C VAL A 82 -5.31 -0.56 -4.83
N THR A 83 -6.29 0.29 -5.13
CA THR A 83 -6.41 0.89 -6.46
C THR A 83 -5.80 2.29 -6.50
N TYR A 84 -5.19 2.62 -7.62
CA TYR A 84 -4.57 3.93 -7.79
C TYR A 84 -4.59 4.37 -9.25
N ILE A 85 -4.92 5.63 -9.48
CA ILE A 85 -4.98 6.18 -10.83
C ILE A 85 -3.90 7.23 -11.05
N PRO A 86 -2.81 6.83 -11.71
CA PRO A 86 -1.69 7.73 -12.00
C PRO A 86 -2.03 8.78 -13.03
N ASP A 87 -2.22 10.02 -12.57
CA ASP A 87 -2.56 11.12 -13.47
C ASP A 87 -1.34 11.59 -14.25
N LYS A 88 -0.29 11.95 -13.52
CA LYS A 88 0.95 12.42 -14.15
C LYS A 88 1.73 11.25 -14.74
N THR A 89 2.78 11.57 -15.50
CA THR A 89 3.60 10.54 -16.12
C THR A 89 5.04 10.62 -15.62
N GLY A 90 5.65 9.45 -15.40
CA GLY A 90 7.02 9.41 -14.92
C GLY A 90 7.26 8.25 -13.99
N ARG A 91 7.84 8.53 -12.82
CA ARG A 91 8.14 7.48 -11.85
C ARG A 91 7.27 7.65 -10.60
N TYR A 92 6.94 6.53 -9.97
CA TYR A 92 6.11 6.55 -8.76
C TYR A 92 6.77 5.75 -7.64
N MET A 93 6.67 6.27 -6.42
CA MET A 93 7.24 5.61 -5.26
C MET A 93 6.16 5.18 -4.28
N ILE A 94 6.04 3.87 -4.06
CA ILE A 94 5.04 3.33 -3.15
C ILE A 94 5.69 2.75 -1.90
N GLY A 95 5.37 3.33 -0.75
CA GLY A 95 5.93 2.85 0.50
C GLY A 95 4.92 2.11 1.35
N VAL A 96 4.86 0.79 1.18
CA VAL A 96 3.92 -0.03 1.93
C VAL A 96 4.44 -0.29 3.34
N THR A 97 3.52 -0.38 4.30
CA THR A 97 3.88 -0.62 5.69
C THR A 97 2.83 -1.49 6.38
N TYR A 98 3.28 -2.34 7.31
CA TYR A 98 2.39 -3.22 8.04
C TYR A 98 2.68 -3.17 9.53
N GLY A 99 1.72 -2.67 10.30
CA GLY A 99 1.89 -2.57 11.74
C GLY A 99 2.96 -1.58 12.13
N GLY A 100 2.93 -0.41 11.51
CA GLY A 100 3.92 0.62 11.81
C GLY A 100 5.33 0.19 11.48
N ASP A 101 5.46 -0.58 10.40
CA ASP A 101 6.78 -1.07 9.98
C ASP A 101 6.87 -1.10 8.45
N ASP A 102 8.07 -0.87 7.93
CA ASP A 102 8.29 -0.87 6.48
C ASP A 102 8.88 -2.20 6.04
N ILE A 103 8.32 -2.76 4.97
CA ILE A 103 8.79 -4.04 4.44
C ILE A 103 10.15 -3.88 3.75
N PRO A 104 10.95 -4.95 3.78
CA PRO A 104 12.28 -4.96 3.15
C PRO A 104 12.21 -4.92 1.64
N LEU A 105 11.00 -4.81 1.11
CA LEU A 105 10.80 -4.75 -0.34
C LEU A 105 10.61 -3.31 -0.81
N SER A 106 10.03 -2.49 0.05
CA SER A 106 9.78 -1.09 -0.27
C SER A 106 11.05 -0.26 -0.06
N PRO A 107 11.08 0.93 -0.68
CA PRO A 107 9.99 1.42 -1.53
C PRO A 107 9.87 0.63 -2.82
N TYR A 108 8.91 1.02 -3.66
CA TYR A 108 8.68 0.34 -4.93
C TYR A 108 8.86 1.31 -6.10
N ARG A 109 9.65 0.90 -7.08
CA ARG A 109 9.90 1.73 -8.26
C ARG A 109 9.02 1.31 -9.42
N ILE A 110 8.20 2.24 -9.90
CA ILE A 110 7.29 1.97 -11.02
C ILE A 110 7.34 3.09 -12.04
N ARG A 111 7.00 2.76 -13.29
CA ARG A 111 7.00 3.74 -14.36
C ARG A 111 5.68 3.72 -15.12
N ALA A 112 4.95 4.84 -15.10
CA ALA A 112 3.67 4.93 -15.78
C ALA A 112 3.87 5.20 -17.27
N THR A 113 3.80 4.15 -18.07
CA THR A 113 3.96 4.28 -19.52
C THR A 113 2.84 5.10 -20.14
N GLN A 114 3.17 6.29 -20.62
CA GLN A 114 2.19 7.17 -21.25
C GLN A 114 1.72 6.60 -22.58
N THR A 115 0.67 7.21 -23.14
CA THR A 115 0.13 6.77 -24.42
C THR A 115 -0.90 7.76 -24.94
N GLY A 116 -1.01 7.84 -26.26
CA GLY A 116 -1.97 8.75 -26.86
C GLY A 116 -3.18 8.04 -27.40
N ASP A 117 -4.30 8.15 -26.69
CA ASP A 117 -5.54 7.51 -27.10
C ASP A 117 -6.67 8.53 -27.22
N ALA A 118 -7.00 8.90 -28.46
CA ALA A 118 -8.06 9.87 -28.72
C ALA A 118 -8.47 9.85 -30.18
N SER A 119 -9.78 9.77 -30.43
CA SER A 119 -10.30 9.75 -31.79
C SER A 119 -10.40 11.17 -32.36
N GLY A 1 -14.24 23.59 20.23
CA GLY A 1 -14.86 22.78 21.25
C GLY A 1 -13.88 21.88 21.96
N SER A 2 -14.38 20.86 22.65
CA SER A 2 -13.53 19.92 23.37
C SER A 2 -14.08 18.50 23.27
N SER A 3 -13.34 17.55 23.84
CA SER A 3 -13.75 16.16 23.79
C SER A 3 -13.38 15.44 25.10
N GLY A 4 -13.90 14.24 25.28
CA GLY A 4 -13.63 13.48 26.48
C GLY A 4 -12.17 13.05 26.58
N SER A 5 -11.95 11.90 27.20
CA SER A 5 -10.59 11.38 27.37
C SER A 5 -10.61 9.86 27.52
N SER A 6 -10.03 9.16 26.55
CA SER A 6 -9.98 7.70 26.59
C SER A 6 -8.65 7.21 27.11
N GLY A 7 -8.57 5.93 27.41
CA GLY A 7 -7.34 5.35 27.93
C GLY A 7 -6.98 4.04 27.25
N ARG A 8 -5.91 4.05 26.46
CA ARG A 8 -5.47 2.85 25.75
C ARG A 8 -3.99 2.59 26.01
N SER A 9 -3.56 1.36 25.75
CA SER A 9 -2.17 0.97 25.96
C SER A 9 -1.80 1.04 27.44
N PRO A 10 -2.58 0.35 28.28
CA PRO A 10 -2.36 0.32 29.72
C PRO A 10 -1.09 -0.45 30.10
N PHE A 11 -0.64 -0.27 31.34
CA PHE A 11 0.56 -0.94 31.82
C PHE A 11 0.30 -2.44 31.99
N LYS A 12 0.86 -3.24 31.07
CA LYS A 12 0.69 -4.68 31.11
C LYS A 12 1.92 -5.38 30.53
N VAL A 13 1.89 -6.71 30.52
CA VAL A 13 3.00 -7.49 29.99
C VAL A 13 3.26 -7.15 28.53
N LYS A 14 4.54 -6.98 28.20
CA LYS A 14 4.94 -6.65 26.83
C LYS A 14 5.49 -7.86 26.11
N VAL A 15 4.79 -8.31 25.08
CA VAL A 15 5.22 -9.47 24.31
C VAL A 15 5.24 -9.15 22.81
N LEU A 16 6.27 -9.64 22.13
CA LEU A 16 6.42 -9.42 20.69
C LEU A 16 5.14 -9.80 19.96
N PRO A 17 4.76 -8.98 18.97
CA PRO A 17 3.56 -9.21 18.16
C PRO A 17 3.71 -10.42 17.24
N THR A 18 2.57 -10.97 16.81
CA THR A 18 2.58 -12.12 15.92
C THR A 18 2.71 -11.70 14.47
N TYR A 19 2.25 -10.50 14.16
CA TYR A 19 2.32 -9.97 12.80
C TYR A 19 3.77 -9.67 12.40
N ASP A 20 4.04 -9.66 11.11
CA ASP A 20 5.37 -9.38 10.59
C ASP A 20 5.30 -8.73 9.22
N ALA A 21 5.90 -7.55 9.10
CA ALA A 21 5.91 -6.83 7.83
C ALA A 21 6.77 -7.56 6.79
N SER A 22 7.99 -7.92 7.18
CA SER A 22 8.91 -8.61 6.29
C SER A 22 8.21 -9.78 5.59
N LYS A 23 7.23 -10.37 6.27
CA LYS A 23 6.48 -11.49 5.73
C LYS A 23 5.32 -11.00 4.87
N VAL A 24 5.49 -9.83 4.26
CA VAL A 24 4.46 -9.26 3.41
C VAL A 24 4.94 -9.14 1.96
N THR A 25 4.12 -9.64 1.03
CA THR A 25 4.46 -9.59 -0.38
C THR A 25 3.23 -9.26 -1.23
N ALA A 26 3.44 -8.45 -2.26
CA ALA A 26 2.35 -8.06 -3.15
C ALA A 26 2.72 -8.28 -4.61
N SER A 27 1.72 -8.53 -5.44
CA SER A 27 1.96 -8.77 -6.86
C SER A 27 0.76 -8.29 -7.69
N GLY A 28 0.99 -8.11 -8.99
CA GLY A 28 -0.07 -7.65 -9.87
C GLY A 28 0.39 -6.56 -10.80
N PRO A 29 -0.56 -5.97 -11.55
CA PRO A 29 -0.26 -4.90 -12.51
C PRO A 29 0.12 -3.60 -11.81
N GLY A 30 -0.50 -3.33 -10.67
CA GLY A 30 -0.21 -2.12 -9.93
C GLY A 30 1.27 -1.97 -9.62
N LEU A 31 1.95 -3.09 -9.47
CA LEU A 31 3.38 -3.09 -9.17
C LEU A 31 4.18 -3.73 -10.31
N SER A 32 3.65 -3.62 -11.52
CA SER A 32 4.32 -4.19 -12.69
C SER A 32 5.63 -3.47 -12.97
N SER A 33 6.73 -4.21 -12.87
CA SER A 33 8.06 -3.65 -13.11
C SER A 33 8.18 -3.12 -14.54
N TYR A 34 7.58 -3.84 -15.48
CA TYR A 34 7.63 -3.45 -16.88
C TYR A 34 6.98 -2.08 -17.09
N GLY A 35 5.97 -1.79 -16.29
CA GLY A 35 5.28 -0.51 -16.39
C GLY A 35 3.78 -0.63 -16.19
N VAL A 36 3.15 0.47 -15.84
CA VAL A 36 1.70 0.48 -15.62
C VAL A 36 1.00 1.40 -16.62
N PRO A 37 -0.25 1.08 -16.95
CA PRO A 37 -1.07 1.86 -17.89
C PRO A 37 -1.46 3.22 -17.32
N ALA A 38 -0.95 4.28 -17.94
CA ALA A 38 -1.25 5.64 -17.49
C ALA A 38 -2.76 5.89 -17.50
N SER A 39 -3.18 6.97 -16.84
CA SER A 39 -4.59 7.32 -16.77
C SER A 39 -5.46 6.07 -16.72
N LEU A 40 -5.01 5.07 -15.98
CA LEU A 40 -5.75 3.82 -15.84
C LEU A 40 -5.74 3.34 -14.39
N PRO A 41 -6.95 3.11 -13.84
CA PRO A 41 -7.10 2.64 -12.47
C PRO A 41 -6.64 1.20 -12.28
N VAL A 42 -5.40 1.04 -11.82
CA VAL A 42 -4.83 -0.29 -11.60
C VAL A 42 -4.72 -0.59 -10.11
N ASP A 43 -5.02 -1.84 -9.75
CA ASP A 43 -4.94 -2.27 -8.35
C ASP A 43 -4.15 -3.57 -8.23
N PHE A 44 -3.53 -3.77 -7.07
CA PHE A 44 -2.76 -4.97 -6.82
C PHE A 44 -3.34 -5.77 -5.65
N ALA A 45 -2.69 -6.88 -5.32
CA ALA A 45 -3.14 -7.73 -4.23
C ALA A 45 -2.01 -8.06 -3.27
N ILE A 46 -2.23 -7.81 -1.99
CA ILE A 46 -1.21 -8.07 -0.97
C ILE A 46 -1.46 -9.42 -0.30
N ASP A 47 -0.67 -10.41 -0.66
CA ASP A 47 -0.80 -11.75 -0.09
C ASP A 47 0.18 -11.94 1.06
N ALA A 48 -0.35 -12.19 2.26
CA ALA A 48 0.49 -12.40 3.44
C ALA A 48 0.40 -13.84 3.93
N ARG A 49 1.55 -14.49 4.06
CA ARG A 49 1.59 -15.86 4.53
C ARG A 49 1.84 -15.93 6.04
N ASP A 50 2.92 -15.29 6.48
CA ASP A 50 3.26 -15.28 7.90
C ASP A 50 3.36 -13.85 8.41
N ALA A 51 2.54 -12.96 7.85
CA ALA A 51 2.54 -11.56 8.25
C ALA A 51 1.45 -11.30 9.29
N GLY A 52 0.45 -12.18 9.34
CA GLY A 52 -0.63 -12.03 10.28
C GLY A 52 -1.49 -10.81 9.99
N GLU A 53 -1.93 -10.13 11.05
CA GLU A 53 -2.77 -8.95 10.89
C GLU A 53 -2.09 -7.73 11.51
N GLY A 54 -2.17 -6.60 10.80
CA GLY A 54 -1.55 -5.37 11.29
C GLY A 54 -2.08 -4.14 10.59
N LEU A 55 -1.88 -2.98 11.21
CA LEU A 55 -2.34 -1.72 10.64
C LEU A 55 -1.67 -1.46 9.29
N LEU A 56 -2.44 -1.60 8.22
CA LEU A 56 -1.93 -1.39 6.87
C LEU A 56 -2.06 0.09 6.47
N ALA A 57 -0.99 0.63 5.89
CA ALA A 57 -0.99 2.03 5.46
C ALA A 57 -0.48 2.16 4.03
N VAL A 58 -1.26 2.84 3.20
CA VAL A 58 -0.88 3.03 1.80
C VAL A 58 -0.21 4.39 1.60
N GLN A 59 0.92 4.39 0.91
CA GLN A 59 1.67 5.62 0.64
C GLN A 59 2.10 5.69 -0.82
N ILE A 60 1.59 6.69 -1.53
CA ILE A 60 1.94 6.87 -2.94
C ILE A 60 2.40 8.30 -3.22
N THR A 61 3.51 8.43 -3.92
CA THR A 61 4.06 9.74 -4.25
C THR A 61 4.50 9.79 -5.71
N ASP A 62 4.68 11.00 -6.23
CA ASP A 62 5.11 11.19 -7.60
C ASP A 62 6.62 11.35 -7.69
N GLN A 63 7.13 11.53 -8.91
CA GLN A 63 8.56 11.69 -9.12
C GLN A 63 9.13 12.80 -8.23
N GLU A 64 8.37 13.88 -8.10
CA GLU A 64 8.79 15.01 -7.27
C GLU A 64 8.47 14.76 -5.81
N GLY A 65 7.47 13.92 -5.55
CA GLY A 65 7.09 13.62 -4.19
C GLY A 65 5.78 14.28 -3.79
N LYS A 66 4.81 14.26 -4.70
CA LYS A 66 3.52 14.87 -4.44
C LYS A 66 2.51 13.82 -3.95
N PRO A 67 1.52 14.27 -3.17
CA PRO A 67 0.48 13.40 -2.63
C PRO A 67 -0.48 12.89 -3.71
N LYS A 68 -0.77 11.60 -3.68
CA LYS A 68 -1.67 10.99 -4.65
C LYS A 68 -2.79 10.23 -3.96
N ARG A 69 -4.02 10.47 -4.40
CA ARG A 69 -5.18 9.81 -3.81
C ARG A 69 -5.25 8.35 -4.26
N ALA A 70 -5.45 7.44 -3.30
CA ALA A 70 -5.53 6.02 -3.60
C ALA A 70 -6.69 5.37 -2.84
N ILE A 71 -7.39 4.45 -3.51
CA ILE A 71 -8.51 3.76 -2.89
C ILE A 71 -8.04 2.57 -2.07
N VAL A 72 -8.79 2.25 -1.02
CA VAL A 72 -8.45 1.13 -0.15
C VAL A 72 -9.60 0.13 -0.08
N HIS A 73 -9.36 -1.08 -0.58
CA HIS A 73 -10.38 -2.13 -0.57
C HIS A 73 -10.10 -3.15 0.53
N ASP A 74 -11.09 -3.37 1.38
CA ASP A 74 -10.95 -4.32 2.48
C ASP A 74 -11.65 -5.64 2.16
N ASN A 75 -10.86 -6.68 1.92
CA ASN A 75 -11.40 -8.00 1.60
C ASN A 75 -11.61 -8.82 2.87
N LYS A 76 -10.82 -8.54 3.89
CA LYS A 76 -10.91 -9.26 5.15
C LYS A 76 -10.72 -10.76 4.95
N ASP A 77 -9.93 -11.12 3.95
CA ASP A 77 -9.66 -12.51 3.64
C ASP A 77 -8.16 -12.79 3.65
N GLY A 78 -7.42 -12.02 4.44
CA GLY A 78 -5.98 -12.20 4.53
C GLY A 78 -5.23 -11.30 3.56
N THR A 79 -5.86 -11.00 2.42
CA THR A 79 -5.25 -10.15 1.42
C THR A 79 -5.83 -8.73 1.46
N TYR A 80 -5.29 -7.85 0.64
CA TYR A 80 -5.74 -6.46 0.58
C TYR A 80 -5.62 -5.90 -0.83
N ALA A 81 -6.61 -5.13 -1.25
CA ALA A 81 -6.61 -4.52 -2.58
C ALA A 81 -6.44 -3.01 -2.49
N VAL A 82 -5.67 -2.46 -3.41
CA VAL A 82 -5.43 -1.02 -3.44
C VAL A 82 -5.38 -0.50 -4.87
N THR A 83 -6.27 0.44 -5.19
CA THR A 83 -6.33 1.02 -6.53
C THR A 83 -5.64 2.37 -6.57
N TYR A 84 -5.00 2.67 -7.69
CA TYR A 84 -4.29 3.94 -7.85
C TYR A 84 -4.23 4.34 -9.32
N ILE A 85 -4.62 5.58 -9.61
CA ILE A 85 -4.62 6.09 -10.98
C ILE A 85 -3.43 7.03 -11.20
N PRO A 86 -2.42 6.54 -11.93
CA PRO A 86 -1.22 7.33 -12.24
C PRO A 86 -1.50 8.47 -13.20
N ASP A 87 -1.79 9.64 -12.66
CA ASP A 87 -2.08 10.82 -13.48
C ASP A 87 -0.79 11.43 -14.02
N LYS A 88 0.20 11.59 -13.15
CA LYS A 88 1.48 12.17 -13.54
C LYS A 88 2.44 11.08 -14.03
N THR A 89 2.34 10.76 -15.32
CA THR A 89 3.19 9.75 -15.92
C THR A 89 4.65 9.98 -15.58
N GLY A 90 5.38 8.91 -15.30
CA GLY A 90 6.79 9.03 -14.97
C GLY A 90 7.22 8.03 -13.91
N ARG A 91 7.86 8.52 -12.87
CA ARG A 91 8.33 7.66 -11.78
C ARG A 91 7.37 7.70 -10.60
N TYR A 92 7.16 6.55 -9.97
CA TYR A 92 6.26 6.45 -8.83
C TYR A 92 6.91 5.66 -7.69
N MET A 93 6.78 6.18 -6.48
CA MET A 93 7.35 5.53 -5.30
C MET A 93 6.27 5.20 -4.28
N ILE A 94 6.00 3.91 -4.10
CA ILE A 94 4.99 3.46 -3.16
C ILE A 94 5.64 2.93 -1.88
N GLY A 95 5.12 3.37 -0.74
CA GLY A 95 5.65 2.92 0.54
C GLY A 95 4.63 2.16 1.36
N VAL A 96 4.64 0.84 1.25
CA VAL A 96 3.72 -0.01 1.98
C VAL A 96 4.20 -0.26 3.40
N THR A 97 3.28 -0.27 4.35
CA THR A 97 3.61 -0.50 5.75
C THR A 97 2.59 -1.41 6.43
N TYR A 98 3.05 -2.22 7.38
CA TYR A 98 2.18 -3.14 8.09
C TYR A 98 2.48 -3.13 9.59
N GLY A 99 1.53 -2.63 10.37
CA GLY A 99 1.72 -2.58 11.81
C GLY A 99 2.76 -1.55 12.22
N GLY A 100 2.68 -0.37 11.62
CA GLY A 100 3.63 0.69 11.95
C GLY A 100 5.06 0.30 11.61
N ASP A 101 5.22 -0.48 10.55
CA ASP A 101 6.55 -0.94 10.13
C ASP A 101 6.58 -1.19 8.63
N ASP A 102 7.40 -0.43 7.92
CA ASP A 102 7.53 -0.57 6.47
C ASP A 102 8.26 -1.86 6.11
N ILE A 103 7.84 -2.49 5.03
CA ILE A 103 8.45 -3.73 4.58
C ILE A 103 9.81 -3.47 3.93
N PRO A 104 10.70 -4.48 3.97
CA PRO A 104 12.03 -4.38 3.39
C PRO A 104 12.00 -4.33 1.86
N LEU A 105 10.79 -4.26 1.31
CA LEU A 105 10.63 -4.21 -0.14
C LEU A 105 10.35 -2.79 -0.61
N SER A 106 9.79 -1.98 0.28
CA SER A 106 9.47 -0.59 -0.05
C SER A 106 10.69 0.31 0.15
N PRO A 107 10.71 1.44 -0.57
CA PRO A 107 9.64 1.81 -1.49
C PRO A 107 9.59 0.92 -2.73
N TYR A 108 8.69 1.24 -3.65
CA TYR A 108 8.54 0.46 -4.87
C TYR A 108 8.84 1.32 -6.10
N ARG A 109 9.65 0.78 -7.01
CA ARG A 109 10.01 1.49 -8.23
C ARG A 109 9.10 1.10 -9.38
N ILE A 110 8.35 2.06 -9.90
CA ILE A 110 7.44 1.82 -11.00
C ILE A 110 7.48 2.96 -12.01
N ARG A 111 7.23 2.64 -13.28
CA ARG A 111 7.24 3.63 -14.34
C ARG A 111 5.93 3.60 -15.13
N ALA A 112 5.21 4.71 -15.12
CA ALA A 112 3.94 4.80 -15.84
C ALA A 112 4.17 5.10 -17.31
N THR A 113 3.92 4.09 -18.15
CA THR A 113 4.09 4.24 -19.59
C THR A 113 2.76 4.41 -20.30
N GLN A 114 2.73 5.28 -21.31
CA GLN A 114 1.51 5.53 -22.07
C GLN A 114 1.79 5.54 -23.56
N THR A 115 1.41 4.47 -24.24
CA THR A 115 1.62 4.35 -25.68
C THR A 115 0.64 5.23 -26.45
N GLY A 116 -0.63 5.18 -26.06
CA GLY A 116 -1.64 5.98 -26.72
C GLY A 116 -2.20 7.06 -25.82
N ASP A 117 -3.45 7.44 -26.08
CA ASP A 117 -4.10 8.48 -25.29
C ASP A 117 -5.59 8.16 -25.09
N ALA A 118 -6.23 8.91 -24.21
CA ALA A 118 -7.65 8.70 -23.94
C ALA A 118 -8.49 9.86 -24.49
N SER A 119 -9.63 9.51 -25.09
CA SER A 119 -10.52 10.52 -25.66
C SER A 119 -11.98 10.15 -25.42
N GLY A 1 -6.73 22.04 5.94
CA GLY A 1 -7.07 20.65 6.18
C GLY A 1 -6.87 20.24 7.63
N SER A 2 -7.17 18.97 7.93
CA SER A 2 -7.03 18.46 9.28
C SER A 2 -7.10 16.94 9.29
N SER A 3 -6.67 16.34 10.41
CA SER A 3 -6.69 14.89 10.55
C SER A 3 -6.42 14.48 12.00
N GLY A 4 -6.61 13.19 12.28
CA GLY A 4 -6.38 12.70 13.62
C GLY A 4 -6.13 11.20 13.65
N SER A 5 -5.76 10.69 14.83
CA SER A 5 -5.49 9.26 14.98
C SER A 5 -5.63 8.84 16.45
N SER A 6 -5.70 7.54 16.67
CA SER A 6 -5.85 7.00 18.02
C SER A 6 -5.16 5.64 18.14
N GLY A 7 -5.04 5.16 19.38
CA GLY A 7 -4.41 3.87 19.60
C GLY A 7 -4.73 3.30 20.97
N ARG A 8 -4.07 2.21 21.33
CA ARG A 8 -4.29 1.56 22.61
C ARG A 8 -3.01 0.93 23.15
N SER A 9 -2.97 0.70 24.45
CA SER A 9 -1.80 0.11 25.08
C SER A 9 -2.17 -1.17 25.84
N PRO A 10 -1.53 -2.29 25.46
CA PRO A 10 -1.78 -3.59 26.07
C PRO A 10 -1.25 -3.66 27.50
N PHE A 11 -1.49 -4.79 28.16
CA PHE A 11 -1.04 -4.99 29.54
C PHE A 11 0.46 -4.71 29.66
N LYS A 12 0.96 -4.77 30.89
CA LYS A 12 2.38 -4.53 31.15
C LYS A 12 3.22 -5.70 30.67
N VAL A 13 3.76 -5.59 29.45
CA VAL A 13 4.60 -6.63 28.88
C VAL A 13 5.22 -6.18 27.56
N LYS A 14 6.54 -6.30 27.47
CA LYS A 14 7.26 -5.89 26.27
C LYS A 14 7.68 -7.12 25.45
N VAL A 15 6.79 -7.56 24.56
CA VAL A 15 7.07 -8.72 23.72
C VAL A 15 6.84 -8.39 22.25
N LEU A 16 7.41 -9.22 21.37
CA LEU A 16 7.26 -9.02 19.93
C LEU A 16 5.84 -9.32 19.48
N PRO A 17 5.34 -8.54 18.52
CA PRO A 17 3.99 -8.72 17.98
C PRO A 17 3.85 -9.99 17.15
N THR A 18 2.66 -10.56 17.14
CA THR A 18 2.39 -11.78 16.39
C THR A 18 2.51 -11.54 14.89
N TYR A 19 2.09 -10.36 14.45
CA TYR A 19 2.15 -10.01 13.04
C TYR A 19 3.59 -9.83 12.58
N ASP A 20 3.78 -9.71 11.28
CA ASP A 20 5.12 -9.53 10.71
C ASP A 20 5.04 -8.82 9.36
N ALA A 21 5.73 -7.69 9.26
CA ALA A 21 5.74 -6.91 8.03
C ALA A 21 6.55 -7.62 6.95
N SER A 22 7.76 -8.03 7.30
CA SER A 22 8.65 -8.71 6.35
C SER A 22 7.91 -9.83 5.63
N LYS A 23 6.88 -10.38 6.29
CA LYS A 23 6.09 -11.46 5.72
C LYS A 23 4.93 -10.90 4.90
N VAL A 24 5.10 -9.68 4.38
CA VAL A 24 4.07 -9.04 3.57
C VAL A 24 4.57 -8.75 2.17
N THR A 25 3.84 -9.23 1.17
CA THR A 25 4.22 -9.02 -0.23
C THR A 25 2.98 -8.77 -1.09
N ALA A 26 3.21 -8.23 -2.29
CA ALA A 26 2.12 -7.95 -3.21
C ALA A 26 2.52 -8.25 -4.65
N SER A 27 1.54 -8.54 -5.49
CA SER A 27 1.79 -8.86 -6.88
C SER A 27 0.64 -8.38 -7.76
N GLY A 28 0.96 -8.04 -9.01
CA GLY A 28 -0.06 -7.57 -9.94
C GLY A 28 0.45 -6.46 -10.84
N PRO A 29 -0.45 -5.88 -11.64
CA PRO A 29 -0.12 -4.81 -12.57
C PRO A 29 0.23 -3.51 -11.86
N GLY A 30 -0.47 -3.23 -10.76
CA GLY A 30 -0.22 -2.02 -10.00
C GLY A 30 1.24 -1.87 -9.62
N LEU A 31 1.90 -2.99 -9.37
CA LEU A 31 3.32 -2.97 -9.00
C LEU A 31 4.18 -3.59 -10.09
N SER A 32 3.69 -3.52 -11.33
CA SER A 32 4.41 -4.08 -12.46
C SER A 32 5.73 -3.33 -12.68
N SER A 33 6.84 -4.07 -12.67
CA SER A 33 8.16 -3.48 -12.87
C SER A 33 8.36 -3.08 -14.32
N TYR A 34 7.80 -3.87 -15.23
CA TYR A 34 7.92 -3.60 -16.66
C TYR A 34 7.29 -2.25 -17.02
N GLY A 35 6.25 -1.88 -16.28
CA GLY A 35 5.57 -0.64 -16.53
C GLY A 35 4.07 -0.72 -16.30
N VAL A 36 3.45 0.42 -16.05
CA VAL A 36 2.00 0.46 -15.82
C VAL A 36 1.31 1.36 -16.83
N PRO A 37 0.04 1.04 -17.13
CA PRO A 37 -0.76 1.81 -18.08
C PRO A 37 -1.13 3.19 -17.55
N ALA A 38 -0.64 4.22 -18.23
CA ALA A 38 -0.91 5.61 -17.83
C ALA A 38 -2.41 5.90 -17.88
N SER A 39 -2.84 6.85 -17.07
CA SER A 39 -4.25 7.23 -17.02
C SER A 39 -5.14 5.99 -16.97
N LEU A 40 -4.73 5.01 -16.19
CA LEU A 40 -5.49 3.77 -16.05
C LEU A 40 -5.50 3.30 -14.60
N PRO A 41 -6.71 3.05 -14.07
CA PRO A 41 -6.90 2.59 -12.70
C PRO A 41 -6.42 1.15 -12.49
N VAL A 42 -5.22 1.00 -11.95
CA VAL A 42 -4.65 -0.31 -11.71
C VAL A 42 -4.61 -0.64 -10.22
N ASP A 43 -4.81 -1.90 -9.88
CA ASP A 43 -4.81 -2.34 -8.50
C ASP A 43 -4.04 -3.65 -8.34
N PHE A 44 -3.32 -3.78 -7.24
CA PHE A 44 -2.53 -4.99 -6.97
C PHE A 44 -3.16 -5.81 -5.85
N ALA A 45 -2.52 -6.92 -5.51
CA ALA A 45 -3.02 -7.79 -4.46
C ALA A 45 -1.94 -8.07 -3.42
N ILE A 46 -2.30 -7.93 -2.14
CA ILE A 46 -1.36 -8.16 -1.05
C ILE A 46 -1.68 -9.47 -0.34
N ASP A 47 -0.83 -10.48 -0.56
CA ASP A 47 -1.02 -11.78 0.06
C ASP A 47 -0.05 -11.95 1.23
N ALA A 48 -0.61 -12.19 2.42
CA ALA A 48 0.20 -12.38 3.61
C ALA A 48 0.13 -13.82 4.10
N ARG A 49 1.29 -14.43 4.30
CA ARG A 49 1.37 -15.81 4.77
C ARG A 49 1.51 -15.86 6.29
N ASP A 50 2.54 -15.21 6.80
CA ASP A 50 2.79 -15.19 8.24
C ASP A 50 2.82 -13.75 8.77
N ALA A 51 2.25 -12.84 7.99
CA ALA A 51 2.21 -11.43 8.37
C ALA A 51 1.18 -11.19 9.48
N GLY A 52 0.15 -12.03 9.50
CA GLY A 52 -0.88 -11.89 10.52
C GLY A 52 -1.68 -10.61 10.35
N GLU A 53 -2.11 -10.05 11.48
CA GLU A 53 -2.90 -8.81 11.46
C GLU A 53 -2.02 -7.61 11.81
N GLY A 54 -1.93 -6.66 10.88
CA GLY A 54 -1.13 -5.47 11.11
C GLY A 54 -1.70 -4.25 10.43
N LEU A 55 -1.52 -3.09 11.05
CA LEU A 55 -2.03 -1.84 10.50
C LEU A 55 -1.44 -1.58 9.11
N LEU A 56 -2.27 -1.75 8.08
CA LEU A 56 -1.83 -1.53 6.71
C LEU A 56 -2.01 -0.07 6.31
N ALA A 57 -1.00 0.48 5.64
CA ALA A 57 -1.06 1.87 5.20
C ALA A 57 -0.57 2.00 3.75
N VAL A 58 -1.20 2.89 3.01
CA VAL A 58 -0.83 3.12 1.61
C VAL A 58 -0.24 4.50 1.41
N GLN A 59 1.04 4.54 1.04
CA GLN A 59 1.73 5.80 0.82
C GLN A 59 2.21 5.91 -0.63
N ILE A 60 1.55 6.76 -1.40
CA ILE A 60 1.91 6.96 -2.80
C ILE A 60 2.35 8.40 -3.06
N THR A 61 3.50 8.56 -3.71
CA THR A 61 4.02 9.88 -4.01
C THR A 61 4.56 9.95 -5.43
N ASP A 62 4.57 11.14 -6.01
CA ASP A 62 5.05 11.34 -7.37
C ASP A 62 6.57 11.49 -7.38
N GLN A 63 7.13 11.71 -8.56
CA GLN A 63 8.58 11.87 -8.72
C GLN A 63 9.10 12.98 -7.80
N GLU A 64 8.33 14.05 -7.69
CA GLU A 64 8.72 15.18 -6.85
C GLU A 64 8.28 14.96 -5.41
N GLY A 65 7.26 14.12 -5.23
CA GLY A 65 6.74 13.86 -3.90
C GLY A 65 5.38 14.47 -3.65
N LYS A 66 4.49 14.33 -4.63
CA LYS A 66 3.15 14.89 -4.52
C LYS A 66 2.15 13.81 -4.07
N PRO A 67 1.09 14.25 -3.37
CA PRO A 67 0.05 13.34 -2.87
C PRO A 67 -0.80 12.77 -4.00
N LYS A 68 -1.07 11.47 -3.93
CA LYS A 68 -1.88 10.79 -4.94
C LYS A 68 -3.06 10.09 -4.31
N ARG A 69 -4.26 10.33 -4.85
CA ARG A 69 -5.46 9.71 -4.33
C ARG A 69 -5.40 8.19 -4.45
N ALA A 70 -5.42 7.50 -3.31
CA ALA A 70 -5.37 6.05 -3.28
C ALA A 70 -6.62 5.46 -2.64
N ILE A 71 -7.19 4.46 -3.29
CA ILE A 71 -8.39 3.80 -2.78
C ILE A 71 -8.04 2.60 -1.92
N VAL A 72 -8.85 2.33 -0.90
CA VAL A 72 -8.63 1.20 -0.01
C VAL A 72 -9.73 0.16 -0.16
N HIS A 73 -9.36 -1.04 -0.56
CA HIS A 73 -10.32 -2.12 -0.74
C HIS A 73 -10.18 -3.16 0.37
N ASP A 74 -11.28 -3.43 1.06
CA ASP A 74 -11.27 -4.40 2.15
C ASP A 74 -11.92 -5.72 1.71
N ASN A 75 -11.16 -6.80 1.78
CA ASN A 75 -11.65 -8.11 1.38
C ASN A 75 -11.97 -8.96 2.61
N LYS A 76 -11.19 -8.79 3.66
CA LYS A 76 -11.39 -9.54 4.90
C LYS A 76 -11.28 -11.03 4.64
N ASP A 77 -10.47 -11.41 3.67
CA ASP A 77 -10.27 -12.82 3.34
C ASP A 77 -8.79 -13.19 3.37
N GLY A 78 -8.04 -12.50 4.23
CA GLY A 78 -6.62 -12.77 4.34
C GLY A 78 -5.80 -12.08 3.26
N THR A 79 -6.36 -11.02 2.70
CA THR A 79 -5.68 -10.26 1.65
C THR A 79 -6.10 -8.81 1.66
N TYR A 80 -5.51 -8.02 0.77
CA TYR A 80 -5.83 -6.60 0.67
C TYR A 80 -5.60 -6.08 -0.75
N ALA A 81 -6.51 -5.22 -1.21
CA ALA A 81 -6.42 -4.66 -2.55
C ALA A 81 -6.32 -3.14 -2.49
N VAL A 82 -5.54 -2.57 -3.41
CA VAL A 82 -5.35 -1.12 -3.47
C VAL A 82 -5.37 -0.62 -4.90
N THR A 83 -6.19 0.39 -5.17
CA THR A 83 -6.29 0.96 -6.50
C THR A 83 -5.67 2.35 -6.56
N TYR A 84 -5.01 2.66 -7.67
CA TYR A 84 -4.38 3.96 -7.85
C TYR A 84 -4.38 4.36 -9.32
N ILE A 85 -4.67 5.64 -9.57
CA ILE A 85 -4.72 6.17 -10.92
C ILE A 85 -3.61 7.20 -11.15
N PRO A 86 -2.54 6.78 -11.83
CA PRO A 86 -1.40 7.65 -12.13
C PRO A 86 -1.75 8.74 -13.15
N ASP A 87 -2.22 9.88 -12.65
CA ASP A 87 -2.59 11.00 -13.51
C ASP A 87 -1.38 11.47 -14.33
N LYS A 88 -0.30 11.80 -13.62
CA LYS A 88 0.91 12.27 -14.28
C LYS A 88 1.89 11.13 -14.51
N THR A 89 2.53 11.13 -15.68
CA THR A 89 3.49 10.08 -16.02
C THR A 89 4.81 10.28 -15.29
N GLY A 90 5.69 9.29 -15.38
CA GLY A 90 6.98 9.38 -14.71
C GLY A 90 7.24 8.21 -13.80
N ARG A 91 7.83 8.47 -12.64
CA ARG A 91 8.14 7.43 -11.67
C ARG A 91 7.32 7.61 -10.40
N TYR A 92 6.95 6.49 -9.78
CA TYR A 92 6.16 6.53 -8.55
C TYR A 92 6.84 5.73 -7.44
N MET A 93 6.80 6.27 -6.23
CA MET A 93 7.41 5.60 -5.08
C MET A 93 6.35 5.20 -4.06
N ILE A 94 6.06 3.91 -3.98
CA ILE A 94 5.08 3.39 -3.05
C ILE A 94 5.74 2.75 -1.83
N GLY A 95 5.37 3.19 -0.64
CA GLY A 95 5.94 2.65 0.57
C GLY A 95 4.92 1.95 1.43
N VAL A 96 4.83 0.63 1.29
CA VAL A 96 3.88 -0.17 2.06
C VAL A 96 4.40 -0.44 3.46
N THR A 97 3.51 -0.31 4.45
CA THR A 97 3.88 -0.54 5.84
C THR A 97 2.85 -1.42 6.54
N TYR A 98 3.34 -2.29 7.43
CA TYR A 98 2.46 -3.19 8.17
C TYR A 98 2.78 -3.16 9.66
N GLY A 99 1.83 -2.68 10.46
CA GLY A 99 2.03 -2.62 11.88
C GLY A 99 3.08 -1.61 12.28
N GLY A 100 3.05 -0.44 11.64
CA GLY A 100 4.02 0.60 11.94
C GLY A 100 5.43 0.19 11.61
N ASP A 101 5.58 -0.63 10.56
CA ASP A 101 6.90 -1.10 10.14
C ASP A 101 6.94 -1.31 8.63
N ASP A 102 7.81 -0.57 7.95
CA ASP A 102 7.94 -0.68 6.51
C ASP A 102 8.52 -2.04 6.13
N ILE A 103 8.01 -2.60 5.03
CA ILE A 103 8.46 -3.90 4.55
C ILE A 103 9.80 -3.78 3.82
N PRO A 104 10.58 -4.86 3.84
CA PRO A 104 11.90 -4.91 3.18
C PRO A 104 11.78 -4.88 1.66
N LEU A 105 10.55 -4.78 1.16
CA LEU A 105 10.31 -4.75 -0.27
C LEU A 105 10.17 -3.31 -0.76
N SER A 106 9.75 -2.43 0.13
CA SER A 106 9.56 -1.02 -0.22
C SER A 106 10.85 -0.23 0.01
N PRO A 107 10.94 0.95 -0.62
CA PRO A 107 9.87 1.46 -1.49
C PRO A 107 9.74 0.67 -2.79
N TYR A 108 8.79 1.07 -3.62
CA TYR A 108 8.56 0.39 -4.89
C TYR A 108 8.79 1.33 -6.07
N ARG A 109 9.60 0.89 -7.02
CA ARG A 109 9.91 1.69 -8.20
C ARG A 109 9.01 1.32 -9.37
N ILE A 110 8.21 2.28 -9.82
CA ILE A 110 7.29 2.05 -10.93
C ILE A 110 7.36 3.20 -11.95
N ARG A 111 7.13 2.87 -13.21
CA ARG A 111 7.15 3.87 -14.27
C ARG A 111 5.88 3.82 -15.09
N ALA A 112 5.25 4.98 -15.27
CA ALA A 112 4.01 5.08 -16.04
C ALA A 112 4.30 5.26 -17.52
N THR A 113 4.11 4.20 -18.30
CA THR A 113 4.36 4.25 -19.73
C THR A 113 3.10 4.67 -20.49
N GLN A 114 3.27 5.53 -21.48
CA GLN A 114 2.15 6.00 -22.29
C GLN A 114 2.38 5.72 -23.76
N THR A 115 1.29 5.65 -24.53
CA THR A 115 1.37 5.39 -25.95
C THR A 115 0.62 6.44 -26.76
N GLY A 116 1.15 6.78 -27.93
CA GLY A 116 0.52 7.78 -28.77
C GLY A 116 1.12 9.16 -28.59
N ASP A 117 0.96 10.01 -29.60
CA ASP A 117 1.49 11.37 -29.56
C ASP A 117 0.38 12.37 -29.32
N ALA A 118 0.76 13.64 -29.14
CA ALA A 118 -0.20 14.70 -28.90
C ALA A 118 0.11 15.93 -29.76
N SER A 119 -0.94 16.66 -30.14
CA SER A 119 -0.78 17.85 -30.96
C SER A 119 -0.58 19.09 -30.09
N GLY A 1 -35.95 0.52 13.16
CA GLY A 1 -34.87 1.14 13.91
C GLY A 1 -34.27 0.23 14.94
N SER A 2 -33.00 0.46 15.27
CA SER A 2 -32.30 -0.37 16.25
C SER A 2 -30.91 0.19 16.53
N SER A 3 -30.19 -0.46 17.43
CA SER A 3 -28.84 -0.03 17.79
C SER A 3 -28.16 -1.08 18.68
N GLY A 4 -26.90 -0.83 19.01
CA GLY A 4 -26.15 -1.75 19.84
C GLY A 4 -24.90 -1.12 20.44
N SER A 5 -24.06 -1.95 21.05
CA SER A 5 -22.84 -1.46 21.67
C SER A 5 -21.85 -2.60 21.87
N SER A 6 -20.65 -2.26 22.35
CA SER A 6 -19.61 -3.26 22.60
C SER A 6 -18.62 -2.77 23.64
N GLY A 7 -17.93 -3.70 24.29
CA GLY A 7 -16.97 -3.35 25.31
C GLY A 7 -15.66 -4.12 25.17
N ARG A 8 -14.81 -4.00 26.17
CA ARG A 8 -13.52 -4.69 26.15
C ARG A 8 -12.86 -4.64 27.52
N SER A 9 -11.68 -5.27 27.63
CA SER A 9 -10.95 -5.30 28.90
C SER A 9 -9.46 -5.57 28.65
N PRO A 10 -8.61 -4.76 29.30
CA PRO A 10 -7.16 -4.89 29.17
C PRO A 10 -6.62 -6.15 29.84
N PHE A 11 -5.30 -6.26 29.91
CA PHE A 11 -4.67 -7.42 30.52
C PHE A 11 -3.45 -7.01 31.34
N LYS A 12 -2.79 -7.99 31.95
CA LYS A 12 -1.61 -7.73 32.77
C LYS A 12 -0.37 -8.40 32.17
N VAL A 13 -0.29 -8.40 30.85
CA VAL A 13 0.85 -9.01 30.16
C VAL A 13 1.12 -8.31 28.83
N LYS A 14 2.40 -8.15 28.50
CA LYS A 14 2.80 -7.50 27.26
C LYS A 14 3.95 -8.24 26.61
N VAL A 15 3.70 -8.84 25.45
CA VAL A 15 4.72 -9.59 24.73
C VAL A 15 4.80 -9.12 23.27
N LEU A 16 5.82 -9.60 22.57
CA LEU A 16 6.02 -9.23 21.17
C LEU A 16 4.74 -9.44 20.36
N PRO A 17 4.50 -8.54 19.41
CA PRO A 17 3.31 -8.60 18.54
C PRO A 17 3.36 -9.77 17.57
N THR A 18 2.20 -10.15 17.04
CA THR A 18 2.12 -11.26 16.09
C THR A 18 2.30 -10.76 14.66
N TYR A 19 1.95 -9.50 14.42
CA TYR A 19 2.08 -8.92 13.09
C TYR A 19 3.53 -8.94 12.62
N ASP A 20 3.73 -8.88 11.30
CA ASP A 20 5.07 -8.88 10.72
C ASP A 20 5.06 -8.29 9.33
N ALA A 21 5.83 -7.22 9.14
CA ALA A 21 5.90 -6.56 7.84
C ALA A 21 6.61 -7.43 6.81
N SER A 22 7.75 -8.00 7.20
CA SER A 22 8.52 -8.86 6.32
C SER A 22 7.64 -9.92 5.68
N LYS A 23 6.57 -10.28 6.38
CA LYS A 23 5.63 -11.28 5.88
C LYS A 23 4.55 -10.64 5.02
N VAL A 24 4.90 -9.54 4.36
CA VAL A 24 3.95 -8.84 3.51
C VAL A 24 4.48 -8.72 2.08
N THR A 25 3.77 -9.31 1.13
CA THR A 25 4.16 -9.27 -0.26
C THR A 25 2.97 -8.93 -1.17
N ALA A 26 3.25 -8.26 -2.27
CA ALA A 26 2.21 -7.88 -3.22
C ALA A 26 2.63 -8.18 -4.66
N SER A 27 1.65 -8.49 -5.50
CA SER A 27 1.92 -8.81 -6.90
C SER A 27 0.77 -8.35 -7.79
N GLY A 28 1.09 -8.07 -9.05
CA GLY A 28 0.07 -7.62 -9.99
C GLY A 28 0.56 -6.53 -10.91
N PRO A 29 -0.35 -5.96 -11.71
CA PRO A 29 -0.03 -4.90 -12.66
C PRO A 29 0.32 -3.59 -11.95
N GLY A 30 -0.34 -3.33 -10.83
CA GLY A 30 -0.09 -2.11 -10.09
C GLY A 30 1.38 -1.94 -9.74
N LEU A 31 2.08 -3.06 -9.59
CA LEU A 31 3.50 -3.03 -9.26
C LEU A 31 4.35 -3.61 -10.39
N SER A 32 3.82 -3.53 -11.61
CA SER A 32 4.52 -4.06 -12.78
C SER A 32 5.76 -3.23 -13.07
N SER A 33 6.94 -3.84 -12.90
CA SER A 33 8.19 -3.15 -13.14
C SER A 33 8.29 -2.69 -14.60
N TYR A 34 7.69 -3.46 -15.50
CA TYR A 34 7.70 -3.12 -16.91
C TYR A 34 6.99 -1.79 -17.17
N GLY A 35 6.04 -1.46 -16.30
CA GLY A 35 5.30 -0.22 -16.46
C GLY A 35 3.80 -0.41 -16.33
N VAL A 36 3.09 0.67 -16.02
CA VAL A 36 1.64 0.61 -15.88
C VAL A 36 0.95 1.53 -16.88
N PRO A 37 -0.29 1.18 -17.25
CA PRO A 37 -1.08 1.96 -18.20
C PRO A 37 -1.54 3.29 -17.62
N ALA A 38 -1.09 4.38 -18.22
CA ALA A 38 -1.45 5.72 -17.77
C ALA A 38 -2.97 5.90 -17.77
N SER A 39 -3.43 6.92 -17.05
CA SER A 39 -4.86 7.20 -16.96
C SER A 39 -5.67 5.91 -16.94
N LEU A 40 -5.19 4.93 -16.18
CA LEU A 40 -5.87 3.64 -16.07
C LEU A 40 -5.90 3.15 -14.62
N PRO A 41 -7.11 2.85 -14.13
CA PRO A 41 -7.29 2.37 -12.75
C PRO A 41 -6.74 0.96 -12.56
N VAL A 42 -5.55 0.87 -11.98
CA VAL A 42 -4.92 -0.42 -11.74
C VAL A 42 -4.81 -0.70 -10.24
N ASP A 43 -4.95 -1.97 -9.88
CA ASP A 43 -4.87 -2.37 -8.47
C ASP A 43 -4.10 -3.68 -8.32
N PHE A 44 -3.32 -3.78 -7.25
CA PHE A 44 -2.53 -4.98 -7.00
C PHE A 44 -3.13 -5.80 -5.86
N ALA A 45 -2.50 -6.92 -5.54
CA ALA A 45 -2.97 -7.80 -4.48
C ALA A 45 -1.87 -8.08 -3.46
N ILE A 46 -2.20 -7.95 -2.18
CA ILE A 46 -1.23 -8.19 -1.12
C ILE A 46 -1.43 -9.57 -0.49
N ASP A 47 -0.48 -10.47 -0.73
CA ASP A 47 -0.56 -11.82 -0.18
C ASP A 47 0.28 -11.94 1.08
N ALA A 48 -0.39 -12.12 2.22
CA ALA A 48 0.30 -12.25 3.49
C ALA A 48 0.08 -13.63 4.09
N ARG A 49 1.18 -14.32 4.41
CA ARG A 49 1.10 -15.66 4.98
C ARG A 49 1.18 -15.59 6.51
N ASP A 50 2.25 -14.98 7.02
CA ASP A 50 2.44 -14.85 8.46
C ASP A 50 2.55 -13.38 8.86
N ALA A 51 1.83 -12.52 8.14
CA ALA A 51 1.86 -11.09 8.44
C ALA A 51 0.99 -10.76 9.64
N GLY A 52 0.56 -11.80 10.36
CA GLY A 52 -0.27 -11.60 11.54
C GLY A 52 -1.38 -10.59 11.29
N GLU A 53 -1.69 -9.79 12.31
CA GLU A 53 -2.74 -8.79 12.21
C GLU A 53 -2.21 -7.41 12.62
N GLY A 54 -2.02 -6.54 11.64
CA GLY A 54 -1.53 -5.20 11.91
C GLY A 54 -2.16 -4.15 11.02
N LEU A 55 -1.90 -2.88 11.33
CA LEU A 55 -2.46 -1.78 10.56
C LEU A 55 -1.73 -1.64 9.23
N LEU A 56 -2.47 -1.82 8.14
CA LEU A 56 -1.89 -1.70 6.80
C LEU A 56 -2.18 -0.33 6.20
N ALA A 57 -1.20 0.20 5.48
CA ALA A 57 -1.33 1.51 4.84
C ALA A 57 -0.36 1.67 3.69
N VAL A 58 -0.81 2.33 2.62
CA VAL A 58 0.02 2.56 1.45
C VAL A 58 0.37 4.03 1.30
N GLN A 59 1.61 4.29 0.88
CA GLN A 59 2.08 5.66 0.70
C GLN A 59 2.56 5.88 -0.73
N ILE A 60 1.73 6.54 -1.53
CA ILE A 60 2.08 6.81 -2.93
C ILE A 60 2.48 8.27 -3.11
N THR A 61 3.56 8.49 -3.87
CA THR A 61 4.04 9.84 -4.12
C THR A 61 4.56 9.98 -5.55
N ASP A 62 4.75 11.22 -5.98
CA ASP A 62 5.24 11.48 -7.33
C ASP A 62 6.75 11.69 -7.33
N GLN A 63 7.32 11.82 -8.52
CA GLN A 63 8.76 12.02 -8.66
C GLN A 63 9.27 13.09 -7.70
N GLU A 64 8.49 14.17 -7.57
CA GLU A 64 8.86 15.26 -6.68
C GLU A 64 8.45 14.96 -5.24
N GLY A 65 7.44 14.11 -5.09
CA GLY A 65 6.97 13.75 -3.76
C GLY A 65 5.62 14.36 -3.44
N LYS A 66 4.73 14.37 -4.44
CA LYS A 66 3.39 14.92 -4.26
C LYS A 66 2.43 13.86 -3.73
N PRO A 67 1.39 14.31 -3.00
CA PRO A 67 0.39 13.42 -2.42
C PRO A 67 -0.50 12.79 -3.47
N LYS A 68 -0.64 11.46 -3.41
CA LYS A 68 -1.47 10.74 -4.37
C LYS A 68 -2.66 10.09 -3.68
N ARG A 69 -3.78 9.98 -4.39
CA ARG A 69 -4.98 9.39 -3.84
C ARG A 69 -4.94 7.86 -3.97
N ALA A 70 -4.82 7.18 -2.84
CA ALA A 70 -4.77 5.72 -2.82
C ALA A 70 -6.01 5.14 -2.18
N ILE A 71 -6.68 4.24 -2.89
CA ILE A 71 -7.89 3.60 -2.38
C ILE A 71 -7.56 2.33 -1.62
N VAL A 72 -8.34 2.06 -0.57
CA VAL A 72 -8.13 0.87 0.25
C VAL A 72 -9.30 -0.10 0.12
N HIS A 73 -9.00 -1.35 -0.23
CA HIS A 73 -10.03 -2.37 -0.39
C HIS A 73 -9.91 -3.42 0.71
N ASP A 74 -11.06 -3.83 1.24
CA ASP A 74 -11.10 -4.84 2.30
C ASP A 74 -11.79 -6.11 1.82
N ASN A 75 -11.05 -7.21 1.79
CA ASN A 75 -11.58 -8.49 1.36
C ASN A 75 -11.89 -9.39 2.56
N LYS A 76 -11.12 -9.21 3.63
CA LYS A 76 -11.30 -10.01 4.84
C LYS A 76 -11.12 -11.49 4.55
N ASP A 77 -10.28 -11.80 3.56
CA ASP A 77 -10.01 -13.18 3.18
C ASP A 77 -8.51 -13.48 3.21
N GLY A 78 -7.80 -12.79 4.09
CA GLY A 78 -6.36 -12.98 4.19
C GLY A 78 -5.59 -12.28 3.10
N THR A 79 -6.17 -11.21 2.57
CA THR A 79 -5.54 -10.45 1.49
C THR A 79 -5.99 -8.99 1.52
N TYR A 80 -5.37 -8.17 0.67
CA TYR A 80 -5.70 -6.76 0.58
C TYR A 80 -5.46 -6.22 -0.82
N ALA A 81 -6.37 -5.37 -1.29
CA ALA A 81 -6.26 -4.78 -2.62
C ALA A 81 -6.18 -3.26 -2.53
N VAL A 82 -5.42 -2.66 -3.45
CA VAL A 82 -5.26 -1.21 -3.48
C VAL A 82 -5.39 -0.68 -4.91
N THR A 83 -6.31 0.26 -5.10
CA THR A 83 -6.54 0.85 -6.41
C THR A 83 -5.94 2.25 -6.49
N TYR A 84 -5.30 2.55 -7.62
CA TYR A 84 -4.68 3.86 -7.82
C TYR A 84 -4.67 4.23 -9.30
N ILE A 85 -4.94 5.51 -9.58
CA ILE A 85 -4.96 6.00 -10.96
C ILE A 85 -3.85 7.01 -11.19
N PRO A 86 -2.81 6.58 -11.94
CA PRO A 86 -1.67 7.44 -12.25
C PRO A 86 -2.03 8.56 -13.23
N ASP A 87 -2.09 9.78 -12.71
CA ASP A 87 -2.43 10.93 -13.54
C ASP A 87 -1.19 11.46 -14.28
N LYS A 88 -0.18 11.85 -13.51
CA LYS A 88 1.06 12.37 -14.09
C LYS A 88 1.95 11.23 -14.56
N THR A 89 2.81 11.53 -15.54
CA THR A 89 3.72 10.53 -16.09
C THR A 89 5.13 10.74 -15.57
N GLY A 90 5.85 9.64 -15.32
CA GLY A 90 7.20 9.73 -14.83
C GLY A 90 7.56 8.59 -13.90
N ARG A 91 8.09 8.91 -12.73
CA ARG A 91 8.48 7.91 -11.75
C ARG A 91 7.60 7.99 -10.50
N TYR A 92 7.11 6.85 -10.06
CA TYR A 92 6.25 6.79 -8.87
C TYR A 92 6.91 5.97 -7.76
N MET A 93 6.94 6.53 -6.56
CA MET A 93 7.53 5.85 -5.42
C MET A 93 6.46 5.47 -4.39
N ILE A 94 6.33 4.18 -4.12
CA ILE A 94 5.35 3.70 -3.17
C ILE A 94 6.03 2.98 -2.00
N GLY A 95 5.43 3.08 -0.82
CA GLY A 95 5.99 2.44 0.35
C GLY A 95 4.93 1.76 1.20
N VAL A 96 4.85 0.43 1.08
CA VAL A 96 3.88 -0.34 1.84
C VAL A 96 4.37 -0.62 3.25
N THR A 97 3.72 -0.02 4.25
CA THR A 97 4.11 -0.21 5.63
C THR A 97 3.08 -1.06 6.38
N TYR A 98 3.56 -2.02 7.16
CA TYR A 98 2.68 -2.90 7.92
C TYR A 98 3.03 -2.87 9.41
N GLY A 99 2.07 -2.48 10.23
CA GLY A 99 2.30 -2.41 11.66
C GLY A 99 3.47 -1.52 12.02
N GLY A 100 3.49 -0.33 11.44
CA GLY A 100 4.57 0.60 11.72
C GLY A 100 5.94 0.04 11.33
N ASP A 101 5.98 -0.70 10.24
CA ASP A 101 7.22 -1.30 9.77
C ASP A 101 7.18 -1.52 8.26
N ASP A 102 8.07 -0.84 7.55
CA ASP A 102 8.14 -0.97 6.09
C ASP A 102 8.78 -2.29 5.67
N ILE A 103 8.31 -2.85 4.57
CA ILE A 103 8.84 -4.11 4.07
C ILE A 103 10.21 -3.93 3.43
N PRO A 104 10.99 -5.02 3.37
CA PRO A 104 12.33 -5.00 2.79
C PRO A 104 12.31 -4.82 1.27
N LEU A 105 11.10 -4.76 0.72
CA LEU A 105 10.94 -4.58 -0.72
C LEU A 105 10.74 -3.11 -1.08
N SER A 106 9.98 -2.41 -0.24
CA SER A 106 9.71 -0.99 -0.46
C SER A 106 10.99 -0.17 -0.34
N PRO A 107 11.01 1.00 -1.01
CA PRO A 107 9.86 1.48 -1.80
C PRO A 107 9.66 0.64 -3.07
N TYR A 108 8.69 1.05 -3.87
CA TYR A 108 8.38 0.34 -5.11
C TYR A 108 8.58 1.25 -6.32
N ARG A 109 9.41 0.80 -7.26
CA ARG A 109 9.69 1.58 -8.46
C ARG A 109 8.65 1.28 -9.55
N ILE A 110 7.98 2.32 -10.03
CA ILE A 110 6.97 2.16 -11.07
C ILE A 110 6.97 3.36 -12.01
N ARG A 111 6.66 3.11 -13.27
CA ARG A 111 6.63 4.17 -14.28
C ARG A 111 5.48 3.94 -15.26
N ALA A 112 4.64 4.96 -15.42
CA ALA A 112 3.49 4.87 -16.32
C ALA A 112 3.93 5.14 -17.76
N THR A 113 3.65 4.18 -18.65
CA THR A 113 4.01 4.32 -20.05
C THR A 113 2.87 4.93 -20.86
N GLN A 114 2.81 6.26 -20.88
CA GLN A 114 1.77 6.96 -21.61
C GLN A 114 2.13 7.10 -23.08
N THR A 115 1.34 6.45 -23.94
CA THR A 115 1.58 6.49 -25.38
C THR A 115 0.35 7.02 -26.12
N GLY A 116 0.56 8.02 -26.97
CA GLY A 116 -0.53 8.58 -27.73
C GLY A 116 -0.55 8.10 -29.17
N ASP A 117 -1.48 7.20 -29.47
CA ASP A 117 -1.61 6.65 -30.82
C ASP A 117 -3.05 6.76 -31.32
N ALA A 118 -3.67 7.92 -31.06
CA ALA A 118 -5.05 8.15 -31.49
C ALA A 118 -5.12 8.36 -33.00
N SER A 119 -5.54 7.33 -33.72
CA SER A 119 -5.66 7.41 -35.18
C SER A 119 -7.12 7.32 -35.61
N GLY A 1 -21.15 19.42 17.22
CA GLY A 1 -21.44 18.39 18.22
C GLY A 1 -20.45 17.25 18.17
N SER A 2 -20.77 16.17 18.88
CA SER A 2 -19.89 15.00 18.92
C SER A 2 -20.61 13.81 19.54
N SER A 3 -20.63 12.69 18.82
CA SER A 3 -21.28 11.48 19.31
C SER A 3 -20.49 10.85 20.45
N GLY A 4 -19.19 10.72 20.26
CA GLY A 4 -18.33 10.14 21.28
C GLY A 4 -17.13 9.43 20.70
N SER A 5 -16.19 9.06 21.56
CA SER A 5 -14.97 8.38 21.12
C SER A 5 -15.27 6.92 20.78
N SER A 6 -15.91 6.22 21.71
CA SER A 6 -16.24 4.81 21.51
C SER A 6 -14.98 3.99 21.22
N GLY A 7 -13.92 4.27 21.97
CA GLY A 7 -12.67 3.55 21.78
C GLY A 7 -12.25 2.78 23.01
N ARG A 8 -11.11 2.10 22.92
CA ARG A 8 -10.60 1.32 24.04
C ARG A 8 -9.10 1.49 24.18
N SER A 9 -8.60 1.39 25.41
CA SER A 9 -7.18 1.53 25.68
C SER A 9 -6.45 0.22 25.49
N PRO A 10 -5.23 0.29 24.92
CA PRO A 10 -4.39 -0.89 24.67
C PRO A 10 -3.87 -1.51 25.95
N PHE A 11 -4.13 -2.81 26.12
CA PHE A 11 -3.68 -3.52 27.31
C PHE A 11 -2.16 -3.59 27.37
N LYS A 12 -1.63 -3.88 28.55
CA LYS A 12 -0.18 -3.96 28.75
C LYS A 12 0.37 -5.24 28.14
N VAL A 13 1.43 -5.11 27.34
CA VAL A 13 2.06 -6.26 26.70
C VAL A 13 3.57 -6.09 26.62
N LYS A 14 4.30 -7.17 26.90
CA LYS A 14 5.75 -7.14 26.87
C LYS A 14 6.30 -8.34 26.10
N VAL A 15 5.64 -8.69 25.01
CA VAL A 15 6.06 -9.82 24.18
C VAL A 15 6.00 -9.48 22.70
N LEU A 16 7.01 -9.93 21.95
CA LEU A 16 7.06 -9.67 20.52
C LEU A 16 5.71 -9.96 19.86
N PRO A 17 5.34 -9.13 18.89
CA PRO A 17 4.07 -9.29 18.15
C PRO A 17 4.09 -10.50 17.24
N THR A 18 2.89 -10.98 16.87
CA THR A 18 2.77 -12.13 15.99
C THR A 18 2.92 -11.74 14.53
N TYR A 19 2.58 -10.50 14.22
CA TYR A 19 2.68 -9.99 12.85
C TYR A 19 4.14 -9.75 12.46
N ASP A 20 4.40 -9.70 11.17
CA ASP A 20 5.75 -9.47 10.66
C ASP A 20 5.70 -8.77 9.30
N ALA A 21 6.08 -7.50 9.29
CA ALA A 21 6.09 -6.71 8.06
C ALA A 21 6.81 -7.46 6.94
N SER A 22 8.04 -7.87 7.22
CA SER A 22 8.84 -8.58 6.23
C SER A 22 8.04 -9.71 5.59
N LYS A 23 7.08 -10.25 6.34
CA LYS A 23 6.24 -11.32 5.84
C LYS A 23 5.06 -10.78 5.04
N VAL A 24 5.26 -9.61 4.43
CA VAL A 24 4.22 -8.98 3.63
C VAL A 24 4.67 -8.84 2.17
N THR A 25 3.89 -9.43 1.27
CA THR A 25 4.20 -9.38 -0.15
C THR A 25 2.98 -8.97 -0.96
N ALA A 26 3.20 -8.20 -2.03
CA ALA A 26 2.11 -7.75 -2.88
C ALA A 26 2.38 -8.11 -4.34
N SER A 27 1.30 -8.34 -5.09
CA SER A 27 1.41 -8.70 -6.49
C SER A 27 0.34 -8.01 -7.32
N GLY A 28 0.45 -8.11 -8.65
CA GLY A 28 -0.51 -7.49 -9.52
C GLY A 28 0.14 -6.63 -10.59
N PRO A 29 -0.69 -6.02 -11.46
CA PRO A 29 -0.21 -5.16 -12.54
C PRO A 29 0.37 -3.84 -12.03
N GLY A 30 -0.28 -3.29 -11.00
CA GLY A 30 0.18 -2.04 -10.43
C GLY A 30 1.65 -2.08 -10.04
N LEU A 31 2.10 -3.24 -9.58
CA LEU A 31 3.49 -3.41 -9.17
C LEU A 31 4.37 -3.77 -10.36
N SER A 32 3.75 -4.23 -11.44
CA SER A 32 4.47 -4.60 -12.65
C SER A 32 5.68 -3.70 -12.86
N SER A 33 6.87 -4.30 -12.83
CA SER A 33 8.11 -3.55 -13.01
C SER A 33 8.29 -3.14 -14.47
N TYR A 34 7.75 -3.95 -15.37
CA TYR A 34 7.85 -3.69 -16.80
C TYR A 34 7.20 -2.36 -17.16
N GLY A 35 6.16 -2.00 -16.40
CA GLY A 35 5.46 -0.76 -16.65
C GLY A 35 3.95 -0.91 -16.54
N VAL A 36 3.27 0.17 -16.18
CA VAL A 36 1.82 0.17 -16.03
C VAL A 36 1.16 1.11 -17.02
N PRO A 37 -0.08 0.79 -17.41
CA PRO A 37 -0.86 1.61 -18.35
C PRO A 37 -1.28 2.94 -17.76
N ALA A 38 -0.75 4.03 -18.31
CA ALA A 38 -1.08 5.37 -17.84
C ALA A 38 -2.57 5.65 -17.94
N SER A 39 -3.00 6.78 -17.41
CA SER A 39 -4.41 7.16 -17.44
C SER A 39 -5.30 5.93 -17.31
N LEU A 40 -4.92 5.02 -16.42
CA LEU A 40 -5.68 3.80 -16.19
C LEU A 40 -5.63 3.39 -14.73
N PRO A 41 -6.82 3.23 -14.11
CA PRO A 41 -6.94 2.84 -12.71
C PRO A 41 -6.50 1.40 -12.47
N VAL A 42 -5.28 1.22 -11.99
CA VAL A 42 -4.75 -0.11 -11.73
C VAL A 42 -4.73 -0.41 -10.23
N ASP A 43 -5.09 -1.64 -9.88
CA ASP A 43 -5.13 -2.05 -8.48
C ASP A 43 -4.43 -3.39 -8.30
N PHE A 44 -3.60 -3.48 -7.25
CA PHE A 44 -2.88 -4.70 -6.96
C PHE A 44 -3.51 -5.46 -5.80
N ALA A 45 -2.93 -6.61 -5.45
CA ALA A 45 -3.44 -7.42 -4.36
C ALA A 45 -2.33 -7.81 -3.39
N ILE A 46 -2.53 -7.51 -2.11
CA ILE A 46 -1.55 -7.84 -1.09
C ILE A 46 -1.88 -9.15 -0.39
N ASP A 47 -1.03 -10.16 -0.61
CA ASP A 47 -1.25 -11.47 -0.01
C ASP A 47 -0.23 -11.71 1.11
N ALA A 48 -0.73 -11.89 2.32
CA ALA A 48 0.14 -12.14 3.47
C ALA A 48 0.00 -13.57 3.97
N ARG A 49 1.13 -14.28 4.06
CA ARG A 49 1.14 -15.66 4.51
C ARG A 49 1.42 -15.74 6.01
N ASP A 50 2.55 -15.17 6.42
CA ASP A 50 2.95 -15.17 7.83
C ASP A 50 3.10 -13.75 8.36
N ALA A 51 2.38 -12.81 7.74
CA ALA A 51 2.44 -11.41 8.15
C ALA A 51 1.48 -11.14 9.30
N GLY A 52 0.46 -11.98 9.43
CA GLY A 52 -0.51 -11.81 10.50
C GLY A 52 -1.36 -10.57 10.32
N GLU A 53 -1.68 -9.89 11.43
CA GLU A 53 -2.49 -8.68 11.38
C GLU A 53 -1.70 -7.48 11.87
N GLY A 54 -1.73 -6.41 11.08
CA GLY A 54 -1.01 -5.20 11.45
C GLY A 54 -1.50 -3.98 10.71
N LEU A 55 -1.19 -2.80 11.24
CA LEU A 55 -1.61 -1.55 10.61
C LEU A 55 -1.11 -1.47 9.17
N LEU A 56 -2.04 -1.61 8.23
CA LEU A 56 -1.70 -1.55 6.81
C LEU A 56 -1.97 -0.16 6.24
N ALA A 57 -0.97 0.41 5.58
CA ALA A 57 -1.10 1.74 4.99
C ALA A 57 -0.64 1.74 3.54
N VAL A 58 -1.11 2.71 2.77
CA VAL A 58 -0.75 2.82 1.36
C VAL A 58 -0.36 4.25 1.01
N GLN A 59 0.95 4.50 0.97
CA GLN A 59 1.46 5.83 0.65
C GLN A 59 1.97 5.88 -0.79
N ILE A 60 1.23 6.57 -1.65
CA ILE A 60 1.60 6.70 -3.05
C ILE A 60 2.05 8.11 -3.37
N THR A 61 3.27 8.23 -3.89
CA THR A 61 3.82 9.54 -4.25
C THR A 61 4.25 9.57 -5.71
N ASP A 62 4.43 10.78 -6.24
CA ASP A 62 4.83 10.95 -7.62
C ASP A 62 6.30 11.36 -7.72
N GLN A 63 6.76 11.63 -8.94
CA GLN A 63 8.14 12.03 -9.16
C GLN A 63 8.52 13.20 -8.25
N GLU A 64 7.59 14.10 -8.04
CA GLU A 64 7.82 15.27 -7.19
C GLU A 64 7.71 14.89 -5.71
N GLY A 65 6.96 13.84 -5.43
CA GLY A 65 6.81 13.41 -4.06
C GLY A 65 5.54 13.97 -3.41
N LYS A 66 4.51 14.16 -4.23
CA LYS A 66 3.25 14.70 -3.73
C LYS A 66 2.25 13.58 -3.45
N PRO A 67 1.31 13.84 -2.53
CA PRO A 67 0.29 12.86 -2.15
C PRO A 67 -0.73 12.63 -3.26
N LYS A 68 -1.01 11.36 -3.54
CA LYS A 68 -1.97 11.00 -4.59
C LYS A 68 -3.18 10.31 -4.00
N ARG A 69 -4.33 10.47 -4.66
CA ARG A 69 -5.58 9.84 -4.19
C ARG A 69 -5.59 8.36 -4.52
N ALA A 70 -5.75 7.54 -3.49
CA ALA A 70 -5.78 6.09 -3.66
C ALA A 70 -7.00 5.48 -2.97
N ILE A 71 -7.51 4.39 -3.51
CA ILE A 71 -8.67 3.71 -2.94
C ILE A 71 -8.26 2.43 -2.23
N VAL A 72 -8.90 2.17 -1.08
CA VAL A 72 -8.60 0.98 -0.29
C VAL A 72 -9.82 0.07 -0.21
N HIS A 73 -9.76 -1.05 -0.94
CA HIS A 73 -10.86 -2.01 -0.94
C HIS A 73 -10.67 -3.06 0.15
N ASP A 74 -11.77 -3.48 0.76
CA ASP A 74 -11.73 -4.48 1.82
C ASP A 74 -12.32 -5.80 1.35
N ASN A 75 -11.50 -6.85 1.35
CA ASN A 75 -11.94 -8.17 0.92
C ASN A 75 -12.22 -9.07 2.12
N LYS A 76 -11.51 -8.82 3.22
CA LYS A 76 -11.68 -9.61 4.43
C LYS A 76 -11.37 -11.08 4.18
N ASP A 77 -10.42 -11.33 3.28
CA ASP A 77 -10.03 -12.69 2.95
C ASP A 77 -8.53 -12.88 3.11
N GLY A 78 -7.93 -12.11 4.02
CA GLY A 78 -6.50 -12.21 4.26
C GLY A 78 -5.70 -11.41 3.25
N THR A 79 -6.39 -10.67 2.39
CA THR A 79 -5.72 -9.86 1.37
C THR A 79 -6.23 -8.43 1.39
N TYR A 80 -5.64 -7.58 0.54
CA TYR A 80 -6.04 -6.19 0.46
C TYR A 80 -5.77 -5.63 -0.93
N ALA A 81 -6.75 -4.91 -1.47
CA ALA A 81 -6.62 -4.31 -2.80
C ALA A 81 -6.52 -2.80 -2.71
N VAL A 82 -5.69 -2.21 -3.56
CA VAL A 82 -5.51 -0.76 -3.58
C VAL A 82 -5.50 -0.23 -5.01
N THR A 83 -6.50 0.58 -5.34
CA THR A 83 -6.61 1.16 -6.67
C THR A 83 -5.95 2.53 -6.73
N TYR A 84 -5.22 2.77 -7.82
CA TYR A 84 -4.53 4.05 -8.00
C TYR A 84 -4.41 4.40 -9.48
N ILE A 85 -4.76 5.64 -9.82
CA ILE A 85 -4.68 6.10 -11.20
C ILE A 85 -3.48 7.01 -11.42
N PRO A 86 -2.52 6.54 -12.21
CA PRO A 86 -1.29 7.30 -12.51
C PRO A 86 -1.57 8.50 -13.41
N ASP A 87 -2.02 9.58 -12.81
CA ASP A 87 -2.33 10.80 -13.55
C ASP A 87 -1.06 11.38 -14.19
N LYS A 88 0.00 11.48 -13.39
CA LYS A 88 1.27 12.01 -13.88
C LYS A 88 2.12 10.90 -14.50
N THR A 89 3.24 11.30 -15.10
CA THR A 89 4.14 10.34 -15.73
C THR A 89 5.57 10.53 -15.24
N GLY A 90 6.20 9.43 -14.82
CA GLY A 90 7.57 9.50 -14.33
C GLY A 90 7.90 8.36 -13.38
N ARG A 91 8.30 8.70 -12.17
CA ARG A 91 8.66 7.70 -11.17
C ARG A 91 7.65 7.67 -10.03
N TYR A 92 7.12 6.49 -9.74
CA TYR A 92 6.14 6.35 -8.66
C TYR A 92 6.71 5.54 -7.50
N MET A 93 6.66 6.12 -6.30
CA MET A 93 7.17 5.45 -5.11
C MET A 93 6.03 5.07 -4.17
N ILE A 94 6.05 3.81 -3.72
CA ILE A 94 5.02 3.31 -2.82
C ILE A 94 5.63 2.79 -1.52
N GLY A 95 5.33 3.45 -0.41
CA GLY A 95 5.85 3.03 0.87
C GLY A 95 4.86 2.21 1.67
N VAL A 96 4.90 0.90 1.51
CA VAL A 96 4.00 0.00 2.22
C VAL A 96 4.53 -0.33 3.61
N THR A 97 3.78 0.06 4.63
CA THR A 97 4.19 -0.20 6.01
C THR A 97 3.21 -1.15 6.70
N TYR A 98 3.72 -1.95 7.64
CA TYR A 98 2.89 -2.90 8.37
C TYR A 98 3.28 -2.94 9.83
N GLY A 99 2.40 -2.41 10.68
CA GLY A 99 2.67 -2.39 12.11
C GLY A 99 3.75 -1.40 12.50
N GLY A 100 3.67 -0.19 11.92
CA GLY A 100 4.65 0.83 12.22
C GLY A 100 6.05 0.42 11.80
N ASP A 101 6.15 -0.40 10.76
CA ASP A 101 7.44 -0.86 10.26
C ASP A 101 7.37 -1.18 8.77
N ASP A 102 8.14 -0.46 7.98
CA ASP A 102 8.16 -0.67 6.53
C ASP A 102 8.92 -1.95 6.18
N ILE A 103 8.44 -2.64 5.15
CA ILE A 103 9.07 -3.89 4.72
C ILE A 103 10.43 -3.63 4.07
N PRO A 104 11.28 -4.66 4.06
CA PRO A 104 12.62 -4.56 3.48
C PRO A 104 12.58 -4.46 1.96
N LEU A 105 11.38 -4.36 1.40
CA LEU A 105 11.20 -4.26 -0.03
C LEU A 105 10.51 -2.96 -0.41
N SER A 106 10.27 -2.11 0.59
CA SER A 106 9.61 -0.83 0.37
C SER A 106 10.59 0.33 0.60
N PRO A 107 10.33 1.46 -0.09
CA PRO A 107 9.18 1.59 -0.99
C PRO A 107 9.33 0.75 -2.25
N TYR A 108 8.38 0.87 -3.16
CA TYR A 108 8.40 0.13 -4.41
C TYR A 108 8.56 1.07 -5.61
N ARG A 109 9.50 0.74 -6.48
CA ARG A 109 9.76 1.56 -7.66
C ARG A 109 8.87 1.11 -8.82
N ILE A 110 8.24 2.09 -9.48
CA ILE A 110 7.36 1.81 -10.61
C ILE A 110 7.29 3.00 -11.56
N ARG A 111 7.07 2.71 -12.84
CA ARG A 111 6.97 3.75 -13.85
C ARG A 111 5.92 3.42 -14.89
N ALA A 112 5.16 4.43 -15.32
CA ALA A 112 4.11 4.23 -16.31
C ALA A 112 4.70 4.12 -17.72
N THR A 113 4.11 3.24 -18.53
CA THR A 113 4.58 3.04 -19.90
C THR A 113 4.25 4.24 -20.78
N GLN A 114 3.08 4.84 -20.55
CA GLN A 114 2.65 5.99 -21.32
C GLN A 114 2.61 5.66 -22.82
N THR A 115 2.14 4.46 -23.14
CA THR A 115 2.05 4.03 -24.53
C THR A 115 0.73 4.46 -25.16
N GLY A 116 0.70 4.53 -26.48
CA GLY A 116 -0.51 4.93 -27.18
C GLY A 116 -0.23 5.90 -28.31
N ASP A 117 -1.00 5.78 -29.39
CA ASP A 117 -0.83 6.65 -30.55
C ASP A 117 -1.35 8.06 -30.25
N ALA A 118 -0.58 9.06 -30.63
CA ALA A 118 -0.96 10.45 -30.41
C ALA A 118 -1.93 10.94 -31.49
N SER A 119 -3.17 11.16 -31.09
CA SER A 119 -4.20 11.63 -32.02
C SER A 119 -3.93 13.07 -32.46
N GLY A 1 -26.61 15.83 9.24
CA GLY A 1 -26.50 15.00 10.42
C GLY A 1 -25.19 15.19 11.14
N SER A 2 -24.98 14.43 12.21
CA SER A 2 -23.75 14.53 13.00
C SER A 2 -23.17 13.15 13.27
N SER A 3 -21.89 12.98 12.96
CA SER A 3 -21.21 11.72 13.17
C SER A 3 -20.84 11.52 14.63
N GLY A 4 -20.28 10.35 14.95
CA GLY A 4 -19.90 10.07 16.32
C GLY A 4 -18.41 9.79 16.45
N SER A 5 -18.05 8.93 17.39
CA SER A 5 -16.66 8.58 17.63
C SER A 5 -16.54 7.22 18.31
N SER A 6 -15.31 6.78 18.54
CA SER A 6 -15.05 5.51 19.19
C SER A 6 -14.04 5.65 20.31
N GLY A 7 -13.73 4.55 20.98
CA GLY A 7 -12.77 4.57 22.07
C GLY A 7 -11.73 3.47 21.96
N ARG A 8 -11.08 3.17 23.07
CA ARG A 8 -10.05 2.14 23.09
C ARG A 8 -9.54 1.89 24.51
N SER A 9 -8.80 0.81 24.69
CA SER A 9 -8.26 0.46 26.01
C SER A 9 -6.80 0.03 25.89
N PRO A 10 -5.97 0.53 26.81
CA PRO A 10 -4.54 0.21 26.85
C PRO A 10 -4.27 -1.22 27.26
N PHE A 11 -3.01 -1.54 27.51
CA PHE A 11 -2.62 -2.89 27.92
C PHE A 11 -1.22 -2.90 28.53
N LYS A 12 -1.08 -3.55 29.68
CA LYS A 12 0.20 -3.63 30.37
C LYS A 12 0.94 -4.91 29.99
N VAL A 13 1.28 -5.05 28.71
CA VAL A 13 1.98 -6.22 28.22
C VAL A 13 3.14 -5.83 27.32
N LYS A 14 4.36 -6.15 27.75
CA LYS A 14 5.55 -5.84 26.98
C LYS A 14 6.09 -7.08 26.27
N VAL A 15 5.42 -7.47 25.21
CA VAL A 15 5.83 -8.64 24.43
C VAL A 15 5.89 -8.33 22.94
N LEU A 16 6.40 -9.27 22.17
CA LEU A 16 6.53 -9.09 20.72
C LEU A 16 5.17 -9.26 20.04
N PRO A 17 4.92 -8.42 19.02
CA PRO A 17 3.66 -8.45 18.26
C PRO A 17 3.53 -9.71 17.40
N THR A 18 2.31 -10.00 16.97
CA THR A 18 2.06 -11.17 16.13
C THR A 18 2.13 -10.82 14.65
N TYR A 19 2.09 -9.53 14.35
CA TYR A 19 2.15 -9.07 12.97
C TYR A 19 3.59 -9.02 12.47
N ASP A 20 3.76 -9.04 11.15
CA ASP A 20 5.08 -8.99 10.54
C ASP A 20 5.03 -8.33 9.17
N ALA A 21 5.95 -7.40 8.94
CA ALA A 21 6.00 -6.69 7.66
C ALA A 21 6.69 -7.54 6.59
N SER A 22 7.81 -8.16 6.97
CA SER A 22 8.56 -9.00 6.03
C SER A 22 7.69 -10.13 5.51
N LYS A 23 6.62 -10.45 6.24
CA LYS A 23 5.71 -11.52 5.84
C LYS A 23 4.65 -11.00 4.88
N VAL A 24 4.80 -9.75 4.45
CA VAL A 24 3.86 -9.14 3.53
C VAL A 24 4.44 -9.04 2.12
N THR A 25 3.73 -9.60 1.16
CA THR A 25 4.18 -9.58 -0.23
C THR A 25 3.17 -8.85 -1.12
N ALA A 26 3.64 -8.39 -2.28
CA ALA A 26 2.79 -7.68 -3.22
C ALA A 26 3.05 -8.15 -4.65
N SER A 27 1.97 -8.44 -5.38
CA SER A 27 2.08 -8.89 -6.76
C SER A 27 0.89 -8.43 -7.58
N GLY A 28 1.12 -8.16 -8.86
CA GLY A 28 0.05 -7.72 -9.73
C GLY A 28 0.52 -6.68 -10.74
N PRO A 29 -0.43 -6.13 -11.51
CA PRO A 29 -0.13 -5.11 -12.53
C PRO A 29 0.29 -3.78 -11.91
N GLY A 30 -0.30 -3.45 -10.77
CA GLY A 30 0.03 -2.21 -10.10
C GLY A 30 1.51 -2.09 -9.79
N LEU A 31 2.15 -3.22 -9.57
CA LEU A 31 3.58 -3.24 -9.26
C LEU A 31 4.39 -3.81 -10.42
N SER A 32 3.79 -3.80 -11.61
CA SER A 32 4.45 -4.31 -12.80
C SER A 32 5.73 -3.54 -13.09
N SER A 33 6.86 -4.25 -13.09
CA SER A 33 8.15 -3.64 -13.35
C SER A 33 8.25 -3.19 -14.80
N TYR A 34 7.61 -3.93 -15.69
CA TYR A 34 7.63 -3.60 -17.12
C TYR A 34 7.03 -2.22 -17.37
N GLY A 35 6.06 -1.84 -16.54
CA GLY A 35 5.42 -0.55 -16.70
C GLY A 35 3.92 -0.61 -16.47
N VAL A 36 3.33 0.53 -16.14
CA VAL A 36 1.89 0.60 -15.90
C VAL A 36 1.23 1.66 -16.78
N PRO A 37 0.00 1.37 -17.23
CA PRO A 37 -0.76 2.28 -18.09
C PRO A 37 -1.22 3.53 -17.34
N ALA A 38 -0.78 4.70 -17.80
CA ALA A 38 -1.14 5.96 -17.18
C ALA A 38 -2.64 6.19 -17.26
N SER A 39 -3.13 7.13 -16.47
CA SER A 39 -4.55 7.45 -16.45
C SER A 39 -5.40 6.18 -16.43
N LEU A 40 -4.86 5.12 -15.85
CA LEU A 40 -5.55 3.85 -15.77
C LEU A 40 -5.59 3.34 -14.33
N PRO A 41 -6.80 3.07 -13.83
CA PRO A 41 -7.00 2.58 -12.46
C PRO A 41 -6.50 1.14 -12.29
N VAL A 42 -5.29 0.99 -11.76
CA VAL A 42 -4.71 -0.32 -11.54
C VAL A 42 -4.56 -0.62 -10.06
N ASP A 43 -4.79 -1.88 -9.68
CA ASP A 43 -4.69 -2.30 -8.30
C ASP A 43 -3.87 -3.59 -8.17
N PHE A 44 -3.17 -3.74 -7.06
CA PHE A 44 -2.35 -4.92 -6.82
C PHE A 44 -2.97 -5.80 -5.73
N ALA A 45 -2.40 -6.97 -5.53
CA ALA A 45 -2.89 -7.90 -4.52
C ALA A 45 -1.83 -8.16 -3.46
N ILE A 46 -2.25 -8.13 -2.20
CA ILE A 46 -1.34 -8.37 -1.09
C ILE A 46 -1.73 -9.61 -0.30
N ASP A 47 -1.06 -10.72 -0.59
CA ASP A 47 -1.34 -11.98 0.10
C ASP A 47 -0.40 -12.18 1.28
N ALA A 48 -0.96 -12.17 2.48
CA ALA A 48 -0.18 -12.35 3.70
C ALA A 48 -0.33 -13.76 4.25
N ARG A 49 0.80 -14.42 4.45
CA ARG A 49 0.80 -15.79 4.97
C ARG A 49 0.98 -15.80 6.49
N ASP A 50 2.05 -15.15 6.95
CA ASP A 50 2.33 -15.08 8.38
C ASP A 50 2.41 -13.63 8.84
N ALA A 51 1.83 -12.73 8.05
CA ALA A 51 1.83 -11.31 8.39
C ALA A 51 0.90 -11.03 9.57
N GLY A 52 0.28 -12.07 10.09
CA GLY A 52 -0.64 -11.91 11.21
C GLY A 52 -1.73 -10.89 10.92
N GLU A 53 -1.98 -10.02 11.90
CA GLU A 53 -3.01 -8.99 11.76
C GLU A 53 -2.45 -7.62 12.14
N GLY A 54 -2.66 -6.64 11.26
CA GLY A 54 -2.18 -5.30 11.52
C GLY A 54 -2.83 -4.27 10.62
N LEU A 55 -2.28 -3.06 10.61
CA LEU A 55 -2.81 -1.98 9.78
C LEU A 55 -2.04 -1.87 8.47
N LEU A 56 -2.75 -1.61 7.39
CA LEU A 56 -2.13 -1.47 6.08
C LEU A 56 -2.28 -0.05 5.55
N ALA A 57 -1.24 0.46 4.91
CA ALA A 57 -1.26 1.81 4.36
C ALA A 57 -0.41 1.89 3.08
N VAL A 58 -0.84 2.75 2.16
CA VAL A 58 -0.12 2.92 0.89
C VAL A 58 0.24 4.38 0.67
N GLN A 59 1.53 4.64 0.47
CA GLN A 59 2.00 6.01 0.24
C GLN A 59 2.51 6.17 -1.19
N ILE A 60 1.76 6.89 -2.00
CA ILE A 60 2.14 7.13 -3.39
C ILE A 60 2.64 8.55 -3.59
N THR A 61 3.74 8.69 -4.34
CA THR A 61 4.32 10.00 -4.61
C THR A 61 4.80 10.10 -6.05
N ASP A 62 5.02 11.34 -6.51
CA ASP A 62 5.48 11.57 -7.87
C ASP A 62 6.96 11.96 -7.88
N GLN A 63 7.53 12.06 -9.08
CA GLN A 63 8.94 12.43 -9.23
C GLN A 63 9.29 13.61 -8.32
N GLU A 64 8.30 14.46 -8.05
CA GLU A 64 8.51 15.63 -7.20
C GLU A 64 8.19 15.30 -5.74
N GLY A 65 7.36 14.28 -5.54
CA GLY A 65 6.99 13.88 -4.19
C GLY A 65 5.68 14.49 -3.74
N LYS A 66 4.66 14.40 -4.60
CA LYS A 66 3.34 14.95 -4.28
C LYS A 66 2.44 13.87 -3.69
N PRO A 67 1.49 14.30 -2.84
CA PRO A 67 0.54 13.39 -2.20
C PRO A 67 -0.47 12.81 -3.19
N LYS A 68 -0.63 11.49 -3.15
CA LYS A 68 -1.55 10.80 -4.03
C LYS A 68 -2.57 9.99 -3.24
N ARG A 69 -3.80 9.94 -3.74
CA ARG A 69 -4.86 9.20 -3.07
C ARG A 69 -4.92 7.76 -3.58
N ALA A 70 -5.15 6.81 -2.66
CA ALA A 70 -5.23 5.41 -3.01
C ALA A 70 -6.39 4.73 -2.30
N ILE A 71 -7.16 3.95 -3.05
CA ILE A 71 -8.30 3.24 -2.48
C ILE A 71 -7.86 2.03 -1.68
N VAL A 72 -8.58 1.75 -0.60
CA VAL A 72 -8.27 0.61 0.26
C VAL A 72 -9.33 -0.48 0.14
N HIS A 73 -8.95 -1.59 -0.47
CA HIS A 73 -9.87 -2.72 -0.65
C HIS A 73 -9.73 -3.72 0.50
N ASP A 74 -10.79 -3.86 1.28
CA ASP A 74 -10.79 -4.78 2.41
C ASP A 74 -11.53 -6.07 2.06
N ASN A 75 -10.78 -7.16 1.96
CA ASN A 75 -11.36 -8.46 1.62
C ASN A 75 -11.54 -9.31 2.87
N LYS A 76 -10.95 -8.87 3.98
CA LYS A 76 -11.05 -9.59 5.25
C LYS A 76 -11.19 -11.08 5.01
N ASP A 77 -10.47 -11.59 4.02
CA ASP A 77 -10.52 -13.02 3.69
C ASP A 77 -9.11 -13.61 3.69
N GLY A 78 -8.12 -12.79 4.01
CA GLY A 78 -6.74 -13.25 4.03
C GLY A 78 -5.87 -12.53 3.02
N THR A 79 -6.42 -11.48 2.41
CA THR A 79 -5.69 -10.71 1.42
C THR A 79 -6.06 -9.23 1.49
N TYR A 80 -5.40 -8.41 0.67
CA TYR A 80 -5.67 -6.98 0.65
C TYR A 80 -5.37 -6.40 -0.73
N ALA A 81 -6.32 -5.63 -1.25
CA ALA A 81 -6.16 -5.01 -2.56
C ALA A 81 -6.10 -3.49 -2.45
N VAL A 82 -5.29 -2.87 -3.30
CA VAL A 82 -5.15 -1.42 -3.29
C VAL A 82 -5.14 -0.86 -4.71
N THR A 83 -6.02 0.10 -4.98
CA THR A 83 -6.11 0.71 -6.30
C THR A 83 -5.54 2.12 -6.28
N TYR A 84 -4.93 2.52 -7.39
CA TYR A 84 -4.33 3.85 -7.52
C TYR A 84 -4.38 4.34 -8.96
N ILE A 85 -4.90 5.55 -9.15
CA ILE A 85 -5.00 6.14 -10.47
C ILE A 85 -3.96 7.24 -10.67
N PRO A 86 -2.83 6.87 -11.29
CA PRO A 86 -1.74 7.81 -11.56
C PRO A 86 -2.10 8.84 -12.62
N ASP A 87 -2.09 10.11 -12.24
CA ASP A 87 -2.42 11.20 -13.15
C ASP A 87 -1.19 11.67 -13.91
N LYS A 88 -0.22 12.20 -13.17
CA LYS A 88 1.02 12.69 -13.77
C LYS A 88 1.99 11.54 -14.02
N THR A 89 2.16 11.18 -15.29
CA THR A 89 3.05 10.10 -15.67
C THR A 89 4.50 10.41 -15.26
N GLY A 90 5.16 9.42 -14.68
CA GLY A 90 6.54 9.62 -14.25
C GLY A 90 6.93 8.69 -13.12
N ARG A 91 8.12 8.91 -12.57
CA ARG A 91 8.62 8.08 -11.47
C ARG A 91 7.59 8.01 -10.34
N TYR A 92 7.18 6.79 -10.00
CA TYR A 92 6.19 6.59 -8.94
C TYR A 92 6.77 5.74 -7.82
N MET A 93 6.92 6.33 -6.64
CA MET A 93 7.46 5.64 -5.49
C MET A 93 6.35 5.29 -4.50
N ILE A 94 6.18 3.98 -4.25
CA ILE A 94 5.16 3.52 -3.33
C ILE A 94 5.78 2.96 -2.05
N GLY A 95 5.29 3.41 -0.90
CA GLY A 95 5.81 2.95 0.37
C GLY A 95 4.79 2.18 1.17
N VAL A 96 4.86 0.86 1.11
CA VAL A 96 3.93 0.00 1.84
C VAL A 96 4.39 -0.24 3.26
N THR A 97 3.50 0.02 4.23
CA THR A 97 3.82 -0.16 5.63
C THR A 97 2.83 -1.10 6.31
N TYR A 98 3.33 -1.91 7.23
CA TYR A 98 2.47 -2.86 7.94
C TYR A 98 2.83 -2.89 9.43
N GLY A 99 1.82 -2.66 10.28
CA GLY A 99 2.04 -2.67 11.71
C GLY A 99 3.11 -1.68 12.13
N GLY A 100 3.20 -0.56 11.42
CA GLY A 100 4.19 0.44 11.74
C GLY A 100 5.59 0.04 11.32
N ASP A 101 5.67 -0.81 10.30
CA ASP A 101 6.96 -1.28 9.80
C ASP A 101 6.94 -1.39 8.28
N ASP A 102 7.92 -0.77 7.62
CA ASP A 102 8.01 -0.80 6.17
C ASP A 102 8.70 -2.07 5.71
N ILE A 103 8.05 -2.81 4.80
CA ILE A 103 8.60 -4.05 4.28
C ILE A 103 9.94 -3.80 3.59
N PRO A 104 10.78 -4.86 3.53
CA PRO A 104 12.10 -4.77 2.90
C PRO A 104 12.01 -4.63 1.38
N LEU A 105 10.78 -4.64 0.87
CA LEU A 105 10.56 -4.51 -0.57
C LEU A 105 10.33 -3.06 -0.96
N SER A 106 9.84 -2.27 -0.01
CA SER A 106 9.57 -0.85 -0.25
C SER A 106 10.83 -0.02 -0.04
N PRO A 107 10.89 1.14 -0.71
CA PRO A 107 9.83 1.60 -1.61
C PRO A 107 9.74 0.75 -2.87
N TYR A 108 8.82 1.13 -3.76
CA TYR A 108 8.64 0.40 -5.02
C TYR A 108 8.83 1.33 -6.21
N ARG A 109 9.66 0.90 -7.15
CA ARG A 109 9.93 1.69 -8.35
C ARG A 109 8.99 1.30 -9.48
N ILE A 110 8.35 2.31 -10.08
CA ILE A 110 7.42 2.08 -11.18
C ILE A 110 7.41 3.25 -12.15
N ARG A 111 7.14 2.96 -13.42
CA ARG A 111 7.10 3.99 -14.45
C ARG A 111 5.76 3.97 -15.18
N ALA A 112 5.02 5.06 -15.06
CA ALA A 112 3.71 5.18 -15.71
C ALA A 112 3.87 5.50 -17.20
N THR A 113 3.52 4.54 -18.04
CA THR A 113 3.62 4.72 -19.48
C THR A 113 2.24 4.79 -20.13
N GLN A 114 2.13 5.56 -21.20
CA GLN A 114 0.86 5.71 -21.91
C GLN A 114 1.05 5.46 -23.41
N THR A 115 0.72 4.24 -23.84
CA THR A 115 0.84 3.87 -25.25
C THR A 115 -0.44 3.25 -25.77
N GLY A 116 -0.90 3.72 -26.93
CA GLY A 116 -2.12 3.18 -27.51
C GLY A 116 -2.18 3.41 -29.01
N ASP A 117 -1.09 3.09 -29.71
CA ASP A 117 -1.03 3.26 -31.15
C ASP A 117 -1.77 4.52 -31.58
N ALA A 118 -1.60 5.60 -30.81
CA ALA A 118 -2.25 6.86 -31.12
C ALA A 118 -1.36 7.73 -32.00
N SER A 119 -0.19 8.10 -31.48
CA SER A 119 0.75 8.93 -32.22
C SER A 119 2.18 8.70 -31.74
N GLY A 1 -19.80 13.16 4.58
CA GLY A 1 -19.93 13.99 5.76
C GLY A 1 -18.86 13.68 6.80
N SER A 2 -18.91 14.38 7.92
CA SER A 2 -17.95 14.19 9.00
C SER A 2 -18.63 13.64 10.25
N SER A 3 -17.86 12.97 11.09
CA SER A 3 -18.38 12.39 12.33
C SER A 3 -17.26 12.05 13.29
N GLY A 4 -17.63 11.65 14.50
CA GLY A 4 -16.64 11.29 15.50
C GLY A 4 -16.41 9.80 15.59
N SER A 5 -15.66 9.37 16.60
CA SER A 5 -15.37 7.96 16.80
C SER A 5 -14.65 7.73 18.13
N SER A 6 -14.41 6.47 18.45
CA SER A 6 -13.75 6.11 19.70
C SER A 6 -13.02 4.78 19.57
N GLY A 7 -12.28 4.40 20.61
CA GLY A 7 -11.55 3.15 20.59
C GLY A 7 -11.15 2.69 21.98
N ARG A 8 -10.34 1.64 22.04
CA ARG A 8 -9.89 1.10 23.32
C ARG A 8 -8.48 0.53 23.21
N SER A 9 -7.90 0.17 24.34
CA SER A 9 -6.54 -0.38 24.37
C SER A 9 -6.46 -1.56 25.32
N PRO A 10 -6.14 -2.74 24.77
CA PRO A 10 -6.01 -3.98 25.54
C PRO A 10 -4.79 -3.96 26.46
N PHE A 11 -4.53 -5.11 27.08
CA PHE A 11 -3.39 -5.23 27.98
C PHE A 11 -3.05 -6.70 28.25
N LYS A 12 -1.87 -7.11 27.83
CA LYS A 12 -1.42 -8.49 28.01
C LYS A 12 0.09 -8.55 28.23
N VAL A 13 0.60 -9.76 28.41
CA VAL A 13 2.04 -9.96 28.64
C VAL A 13 2.85 -9.22 27.58
N LYS A 14 3.86 -8.48 28.04
CA LYS A 14 4.72 -7.72 27.15
C LYS A 14 5.59 -8.66 26.31
N VAL A 15 5.03 -9.14 25.21
CA VAL A 15 5.76 -10.05 24.32
C VAL A 15 5.72 -9.55 22.88
N LEU A 16 6.62 -10.08 22.05
CA LEU A 16 6.69 -9.69 20.65
C LEU A 16 5.32 -9.75 20.00
N PRO A 17 5.05 -8.80 19.08
CA PRO A 17 3.77 -8.72 18.37
C PRO A 17 3.59 -9.86 17.37
N THR A 18 2.34 -10.19 17.07
CA THR A 18 2.04 -11.27 16.15
C THR A 18 2.19 -10.81 14.71
N TYR A 19 1.96 -9.52 14.47
CA TYR A 19 2.08 -8.95 13.13
C TYR A 19 3.53 -8.90 12.68
N ASP A 20 3.73 -8.89 11.37
CA ASP A 20 5.08 -8.85 10.81
C ASP A 20 5.04 -8.36 9.36
N ALA A 21 5.73 -7.24 9.10
CA ALA A 21 5.77 -6.67 7.76
C ALA A 21 6.60 -7.55 6.82
N SER A 22 7.75 -8.02 7.31
CA SER A 22 8.62 -8.86 6.51
C SER A 22 7.85 -9.99 5.84
N LYS A 23 6.76 -10.42 6.49
CA LYS A 23 5.93 -11.48 5.96
C LYS A 23 4.81 -10.91 5.09
N VAL A 24 5.07 -9.77 4.47
CA VAL A 24 4.10 -9.12 3.61
C VAL A 24 4.61 -9.00 2.18
N THR A 25 3.81 -9.47 1.22
CA THR A 25 4.19 -9.42 -0.19
C THR A 25 3.01 -9.03 -1.06
N ALA A 26 3.30 -8.48 -2.23
CA ALA A 26 2.25 -8.07 -3.17
C ALA A 26 2.63 -8.42 -4.61
N SER A 27 1.64 -8.76 -5.42
CA SER A 27 1.86 -9.12 -6.80
C SER A 27 0.68 -8.69 -7.67
N GLY A 28 0.99 -8.24 -8.89
CA GLY A 28 -0.05 -7.80 -9.80
C GLY A 28 0.42 -6.70 -10.73
N PRO A 29 -0.51 -6.16 -11.54
CA PRO A 29 -0.20 -5.10 -12.50
C PRO A 29 0.11 -3.77 -11.81
N GLY A 30 -0.61 -3.49 -10.72
CA GLY A 30 -0.40 -2.26 -9.99
C GLY A 30 1.06 -2.05 -9.61
N LEU A 31 1.76 -3.16 -9.38
CA LEU A 31 3.17 -3.10 -8.99
C LEU A 31 4.06 -3.69 -10.08
N SER A 32 3.55 -3.67 -11.32
CA SER A 32 4.30 -4.21 -12.45
C SER A 32 5.61 -3.46 -12.64
N SER A 33 6.72 -4.18 -12.57
CA SER A 33 8.04 -3.59 -12.73
C SER A 33 8.26 -3.13 -14.17
N TYR A 34 7.72 -3.90 -15.11
CA TYR A 34 7.85 -3.58 -16.53
C TYR A 34 7.26 -2.21 -16.83
N GLY A 35 6.21 -1.85 -16.11
CA GLY A 35 5.57 -0.56 -16.32
C GLY A 35 4.06 -0.64 -16.22
N VAL A 36 3.42 0.49 -15.91
CA VAL A 36 1.98 0.54 -15.78
C VAL A 36 1.37 1.56 -16.74
N PRO A 37 0.17 1.26 -17.24
CA PRO A 37 -0.54 2.15 -18.17
C PRO A 37 -1.03 3.43 -17.50
N ALA A 38 -0.52 4.57 -17.96
CA ALA A 38 -0.91 5.86 -17.40
C ALA A 38 -2.39 6.13 -17.63
N SER A 39 -2.98 6.94 -16.76
CA SER A 39 -4.39 7.27 -16.86
C SER A 39 -5.26 6.02 -16.89
N LEU A 40 -4.91 5.05 -16.04
CA LEU A 40 -5.64 3.79 -15.98
C LEU A 40 -5.72 3.28 -14.54
N PRO A 41 -6.96 3.04 -14.07
CA PRO A 41 -7.20 2.55 -12.71
C PRO A 41 -6.74 1.10 -12.53
N VAL A 42 -5.54 0.93 -11.98
CA VAL A 42 -4.99 -0.39 -11.74
C VAL A 42 -4.90 -0.70 -10.25
N ASP A 43 -4.98 -1.98 -9.91
CA ASP A 43 -4.90 -2.41 -8.52
C ASP A 43 -4.10 -3.69 -8.39
N PHE A 44 -3.60 -3.96 -7.19
CA PHE A 44 -2.80 -5.15 -6.94
C PHE A 44 -3.39 -5.95 -5.77
N ALA A 45 -2.75 -7.07 -5.46
CA ALA A 45 -3.20 -7.93 -4.37
C ALA A 45 -2.06 -8.23 -3.39
N ILE A 46 -2.34 -8.03 -2.10
CA ILE A 46 -1.33 -8.28 -1.07
C ILE A 46 -1.58 -9.62 -0.38
N ASP A 47 -0.82 -10.63 -0.78
CA ASP A 47 -0.95 -11.96 -0.21
C ASP A 47 -0.04 -12.11 1.02
N ALA A 48 -0.66 -12.24 2.19
CA ALA A 48 0.08 -12.39 3.43
C ALA A 48 -0.08 -13.80 3.99
N ARG A 49 1.05 -14.47 4.23
CA ARG A 49 1.04 -15.82 4.78
C ARG A 49 1.20 -15.80 6.29
N ASP A 50 2.28 -15.20 6.77
CA ASP A 50 2.55 -15.10 8.19
C ASP A 50 2.68 -13.65 8.64
N ALA A 51 1.99 -12.76 7.94
CA ALA A 51 2.03 -11.34 8.26
C ALA A 51 1.13 -11.01 9.44
N GLY A 52 0.68 -12.05 10.14
CA GLY A 52 -0.19 -11.86 11.30
C GLY A 52 -1.32 -10.89 11.00
N GLU A 53 -1.48 -9.90 11.87
CA GLU A 53 -2.53 -8.91 11.70
C GLU A 53 -2.06 -7.53 12.15
N GLY A 54 -1.92 -6.61 11.20
CA GLY A 54 -1.49 -5.26 11.52
C GLY A 54 -2.15 -4.22 10.64
N LEU A 55 -1.99 -2.96 11.03
CA LEU A 55 -2.59 -1.85 10.27
C LEU A 55 -1.81 -1.60 8.98
N LEU A 56 -2.44 -1.93 7.85
CA LEU A 56 -1.81 -1.73 6.55
C LEU A 56 -2.02 -0.31 6.05
N ALA A 57 -0.98 0.27 5.45
CA ALA A 57 -1.06 1.62 4.92
C ALA A 57 -0.39 1.72 3.55
N VAL A 58 -0.91 2.60 2.71
CA VAL A 58 -0.36 2.78 1.37
C VAL A 58 0.13 4.21 1.17
N GLN A 59 1.40 4.35 0.79
CA GLN A 59 1.99 5.66 0.57
C GLN A 59 2.45 5.82 -0.88
N ILE A 60 1.70 6.59 -1.65
CA ILE A 60 2.02 6.82 -3.06
C ILE A 60 2.47 8.26 -3.29
N THR A 61 3.52 8.42 -4.09
CA THR A 61 4.05 9.74 -4.39
C THR A 61 4.35 9.89 -5.88
N ASP A 62 4.66 11.10 -6.30
CA ASP A 62 4.98 11.38 -7.70
C ASP A 62 6.44 11.76 -7.85
N GLN A 63 6.83 12.09 -9.09
CA GLN A 63 8.21 12.48 -9.38
C GLN A 63 8.67 13.57 -8.43
N GLU A 64 7.77 14.48 -8.08
CA GLU A 64 8.09 15.58 -7.18
C GLU A 64 8.02 15.13 -5.72
N GLY A 65 7.21 14.11 -5.47
CA GLY A 65 7.06 13.61 -4.11
C GLY A 65 5.83 14.16 -3.42
N LYS A 66 4.75 14.30 -4.17
CA LYS A 66 3.50 14.83 -3.62
C LYS A 66 2.52 13.70 -3.34
N PRO A 67 1.59 13.95 -2.39
CA PRO A 67 0.57 12.97 -2.01
C PRO A 67 -0.46 12.73 -3.11
N LYS A 68 -0.78 11.46 -3.35
CA LYS A 68 -1.75 11.10 -4.37
C LYS A 68 -2.93 10.36 -3.76
N ARG A 69 -4.09 10.48 -4.40
CA ARG A 69 -5.30 9.82 -3.92
C ARG A 69 -5.31 8.34 -4.32
N ALA A 70 -5.50 7.47 -3.34
CA ALA A 70 -5.54 6.03 -3.58
C ALA A 70 -6.71 5.38 -2.85
N ILE A 71 -7.35 4.43 -3.52
CA ILE A 71 -8.49 3.73 -2.93
C ILE A 71 -8.03 2.48 -2.19
N VAL A 72 -8.65 2.23 -1.04
CA VAL A 72 -8.31 1.06 -0.23
C VAL A 72 -9.44 0.03 -0.25
N HIS A 73 -9.10 -1.21 -0.58
CA HIS A 73 -10.09 -2.27 -0.63
C HIS A 73 -9.92 -3.23 0.56
N ASP A 74 -11.04 -3.57 1.20
CA ASP A 74 -11.02 -4.46 2.35
C ASP A 74 -11.75 -5.76 2.03
N ASN A 75 -11.00 -6.86 1.95
CA ASN A 75 -11.58 -8.16 1.65
C ASN A 75 -11.74 -8.98 2.93
N LYS A 76 -10.87 -8.73 3.90
CA LYS A 76 -10.92 -9.45 5.17
C LYS A 76 -10.81 -10.95 4.96
N ASP A 77 -9.99 -11.34 4.00
CA ASP A 77 -9.78 -12.76 3.69
C ASP A 77 -8.30 -13.10 3.65
N GLY A 78 -7.49 -12.32 4.36
CA GLY A 78 -6.07 -12.56 4.39
C GLY A 78 -5.31 -11.71 3.39
N THR A 79 -6.02 -11.24 2.36
CA THR A 79 -5.41 -10.41 1.33
C THR A 79 -5.98 -9.00 1.35
N TYR A 80 -5.41 -8.12 0.52
CA TYR A 80 -5.87 -6.74 0.45
C TYR A 80 -5.61 -6.15 -0.93
N ALA A 81 -6.60 -5.42 -1.44
CA ALA A 81 -6.47 -4.80 -2.76
C ALA A 81 -6.39 -3.28 -2.65
N VAL A 82 -5.67 -2.66 -3.58
CA VAL A 82 -5.51 -1.22 -3.58
C VAL A 82 -5.48 -0.67 -5.01
N THR A 83 -6.34 0.31 -5.27
CA THR A 83 -6.42 0.92 -6.60
C THR A 83 -5.73 2.28 -6.62
N TYR A 84 -5.08 2.59 -7.73
CA TYR A 84 -4.38 3.85 -7.89
C TYR A 84 -4.37 4.30 -9.34
N ILE A 85 -4.80 5.54 -9.58
CA ILE A 85 -4.85 6.09 -10.93
C ILE A 85 -3.69 7.06 -11.16
N PRO A 86 -2.60 6.55 -11.75
CA PRO A 86 -1.40 7.35 -12.04
C PRO A 86 -1.65 8.37 -13.15
N ASP A 87 -1.79 9.63 -12.77
CA ASP A 87 -2.03 10.70 -13.74
C ASP A 87 -0.72 11.36 -14.14
N LYS A 88 0.08 11.75 -13.15
CA LYS A 88 1.37 12.40 -13.41
C LYS A 88 2.40 11.38 -13.86
N THR A 89 2.68 11.37 -15.17
CA THR A 89 3.66 10.44 -15.72
C THR A 89 5.06 10.72 -15.19
N GLY A 90 5.88 9.68 -15.10
CA GLY A 90 7.24 9.83 -14.60
C GLY A 90 7.65 8.69 -13.70
N ARG A 91 8.19 9.02 -12.52
CA ARG A 91 8.64 8.01 -11.57
C ARG A 91 7.70 7.95 -10.37
N TYR A 92 7.13 6.77 -10.13
CA TYR A 92 6.22 6.58 -9.01
C TYR A 92 6.88 5.76 -7.90
N MET A 93 6.76 6.24 -6.68
CA MET A 93 7.35 5.55 -5.52
C MET A 93 6.28 5.20 -4.49
N ILE A 94 6.00 3.91 -4.36
CA ILE A 94 4.99 3.43 -3.42
C ILE A 94 5.64 2.75 -2.22
N GLY A 95 5.39 3.28 -1.03
CA GLY A 95 5.95 2.71 0.18
C GLY A 95 4.90 2.09 1.07
N VAL A 96 4.81 0.76 1.04
CA VAL A 96 3.83 0.04 1.86
C VAL A 96 4.37 -0.21 3.27
N THR A 97 3.51 -0.02 4.26
CA THR A 97 3.89 -0.23 5.65
C THR A 97 2.91 -1.14 6.36
N TYR A 98 3.43 -1.96 7.28
CA TYR A 98 2.60 -2.88 8.03
C TYR A 98 2.95 -2.85 9.51
N GLY A 99 1.98 -2.43 10.34
CA GLY A 99 2.21 -2.37 11.76
C GLY A 99 3.38 -1.47 12.13
N GLY A 100 3.39 -0.26 11.57
CA GLY A 100 4.47 0.67 11.84
C GLY A 100 5.81 0.15 11.42
N ASP A 101 5.83 -0.65 10.35
CA ASP A 101 7.07 -1.22 9.84
C ASP A 101 6.98 -1.46 8.34
N ASP A 102 7.86 -0.80 7.59
CA ASP A 102 7.88 -0.94 6.14
C ASP A 102 8.53 -2.26 5.73
N ILE A 103 8.04 -2.84 4.64
CA ILE A 103 8.58 -4.10 4.13
C ILE A 103 9.96 -3.91 3.52
N PRO A 104 10.74 -4.99 3.47
CA PRO A 104 12.09 -4.98 2.91
C PRO A 104 12.09 -4.79 1.39
N LEU A 105 10.91 -4.60 0.83
CA LEU A 105 10.76 -4.40 -0.60
C LEU A 105 10.51 -2.94 -0.94
N SER A 106 10.00 -2.20 0.04
CA SER A 106 9.69 -0.78 -0.15
C SER A 106 10.96 0.06 0.00
N PRO A 107 10.97 1.23 -0.66
CA PRO A 107 9.85 1.69 -1.47
C PRO A 107 9.67 0.87 -2.74
N TYR A 108 8.68 1.23 -3.54
CA TYR A 108 8.39 0.53 -4.79
C TYR A 108 8.55 1.45 -5.98
N ARG A 109 9.57 1.18 -6.80
CA ARG A 109 9.83 2.00 -7.99
C ARG A 109 8.99 1.53 -9.16
N ILE A 110 8.36 2.48 -9.85
CA ILE A 110 7.51 2.16 -10.99
C ILE A 110 7.41 3.35 -11.95
N ARG A 111 7.01 3.08 -13.19
CA ARG A 111 6.88 4.12 -14.18
C ARG A 111 5.57 3.97 -14.95
N ALA A 112 4.82 5.08 -15.06
CA ALA A 112 3.55 5.07 -15.77
C ALA A 112 3.74 5.26 -17.27
N THR A 113 3.74 4.16 -18.01
CA THR A 113 3.92 4.22 -19.46
C THR A 113 2.83 5.06 -20.12
N GLN A 114 3.18 6.28 -20.50
CA GLN A 114 2.23 7.18 -21.15
C GLN A 114 1.72 6.59 -22.46
N THR A 115 0.43 6.80 -22.74
CA THR A 115 -0.18 6.28 -23.95
C THR A 115 -0.85 7.40 -24.75
N GLY A 116 -1.78 8.10 -24.11
CA GLY A 116 -2.48 9.17 -24.77
C GLY A 116 -3.77 9.54 -24.07
N ASP A 117 -4.19 10.80 -24.23
CA ASP A 117 -5.42 11.27 -23.61
C ASP A 117 -5.95 12.51 -24.32
N ALA A 118 -7.26 12.54 -24.54
CA ALA A 118 -7.89 13.67 -25.22
C ALA A 118 -9.41 13.61 -25.08
N SER A 119 -10.08 14.63 -25.60
CA SER A 119 -11.54 14.69 -25.55
C SER A 119 -12.16 13.58 -26.37
N GLY A 1 -11.04 23.05 10.04
CA GLY A 1 -10.33 21.94 10.64
C GLY A 1 -10.49 20.66 9.84
N SER A 2 -9.45 19.84 9.82
CA SER A 2 -9.49 18.58 9.08
C SER A 2 -9.36 17.39 10.04
N SER A 3 -8.43 17.51 10.99
CA SER A 3 -8.20 16.44 11.96
C SER A 3 -9.44 16.22 12.83
N GLY A 4 -9.79 14.96 13.04
CA GLY A 4 -10.95 14.64 13.84
C GLY A 4 -10.96 13.19 14.30
N SER A 5 -9.87 12.78 14.94
CA SER A 5 -9.75 11.40 15.42
C SER A 5 -9.04 11.36 16.78
N SER A 6 -9.57 10.57 17.70
CA SER A 6 -8.98 10.44 19.03
C SER A 6 -9.33 9.10 19.65
N GLY A 7 -8.62 8.73 20.71
CA GLY A 7 -8.87 7.47 21.38
C GLY A 7 -8.00 7.29 22.61
N ARG A 8 -8.46 6.44 23.53
CA ARG A 8 -7.72 6.19 24.76
C ARG A 8 -7.77 4.70 25.12
N SER A 9 -6.63 4.16 25.52
CA SER A 9 -6.54 2.75 25.89
C SER A 9 -5.32 2.49 26.77
N PRO A 10 -5.48 1.61 27.76
CA PRO A 10 -4.40 1.26 28.69
C PRO A 10 -3.30 0.45 28.02
N PHE A 11 -2.36 -0.05 28.81
CA PHE A 11 -1.25 -0.85 28.30
C PHE A 11 -0.75 -1.83 29.35
N LYS A 12 -0.43 -3.05 28.91
CA LYS A 12 0.06 -4.08 29.82
C LYS A 12 1.23 -4.83 29.20
N VAL A 13 2.01 -5.50 30.03
CA VAL A 13 3.16 -6.27 29.56
C VAL A 13 2.78 -7.18 28.41
N LYS A 14 3.37 -6.93 27.24
CA LYS A 14 3.10 -7.73 26.05
C LYS A 14 4.37 -7.98 25.26
N VAL A 15 4.49 -9.18 24.68
CA VAL A 15 5.66 -9.53 23.89
C VAL A 15 5.47 -9.15 22.43
N LEU A 16 6.55 -9.21 21.66
CA LEU A 16 6.49 -8.87 20.24
C LEU A 16 5.16 -9.28 19.62
N PRO A 17 4.68 -8.47 18.68
CA PRO A 17 3.41 -8.74 17.98
C PRO A 17 3.49 -9.94 17.06
N THR A 18 2.35 -10.59 16.84
CA THR A 18 2.29 -11.76 15.96
C THR A 18 2.44 -11.37 14.51
N TYR A 19 1.96 -10.18 14.16
CA TYR A 19 2.04 -9.69 12.80
C TYR A 19 3.49 -9.41 12.39
N ASP A 20 3.75 -9.40 11.09
CA ASP A 20 5.09 -9.15 10.58
C ASP A 20 5.04 -8.37 9.27
N ALA A 21 5.66 -7.20 9.27
CA ALA A 21 5.68 -6.35 8.07
C ALA A 21 6.54 -6.97 6.98
N SER A 22 7.77 -7.35 7.33
CA SER A 22 8.70 -7.95 6.38
C SER A 22 8.02 -9.08 5.61
N LYS A 23 7.09 -9.76 6.28
CA LYS A 23 6.37 -10.87 5.66
C LYS A 23 5.20 -10.36 4.83
N VAL A 24 5.36 -9.20 4.22
CA VAL A 24 4.32 -8.60 3.39
C VAL A 24 4.79 -8.46 1.94
N THR A 25 4.02 -9.04 1.03
CA THR A 25 4.36 -8.99 -0.39
C THR A 25 3.11 -8.79 -1.25
N ALA A 26 3.25 -8.04 -2.33
CA ALA A 26 2.13 -7.78 -3.23
C ALA A 26 2.48 -8.14 -4.67
N SER A 27 1.47 -8.46 -5.45
CA SER A 27 1.67 -8.84 -6.84
C SER A 27 0.51 -8.35 -7.72
N GLY A 28 0.82 -8.05 -8.98
CA GLY A 28 -0.20 -7.57 -9.89
C GLY A 28 0.32 -6.52 -10.85
N PRO A 29 -0.58 -5.94 -11.65
CA PRO A 29 -0.23 -4.91 -12.63
C PRO A 29 0.18 -3.60 -11.98
N GLY A 30 -0.48 -3.26 -10.88
CA GLY A 30 -0.16 -2.02 -10.17
C GLY A 30 1.30 -1.94 -9.78
N LEU A 31 1.93 -3.10 -9.60
CA LEU A 31 3.34 -3.16 -9.23
C LEU A 31 4.17 -3.86 -10.30
N SER A 32 3.67 -3.82 -11.53
CA SER A 32 4.36 -4.46 -12.65
C SER A 32 5.65 -3.70 -13.00
N SER A 33 6.77 -4.39 -12.90
CA SER A 33 8.06 -3.78 -13.21
C SER A 33 8.12 -3.30 -14.65
N TYR A 34 7.42 -4.02 -15.52
CA TYR A 34 7.40 -3.68 -16.94
C TYR A 34 6.75 -2.31 -17.17
N GLY A 35 5.93 -1.89 -16.20
CA GLY A 35 5.26 -0.61 -16.30
C GLY A 35 3.76 -0.72 -16.14
N VAL A 36 3.12 0.39 -15.79
CA VAL A 36 1.68 0.40 -15.60
C VAL A 36 1.01 1.36 -16.59
N PRO A 37 -0.24 1.05 -16.96
CA PRO A 37 -1.02 1.86 -17.89
C PRO A 37 -1.43 3.20 -17.30
N ALA A 38 -0.91 4.28 -17.86
CA ALA A 38 -1.22 5.62 -17.39
C ALA A 38 -2.72 5.91 -17.49
N SER A 39 -3.18 6.94 -16.79
CA SER A 39 -4.59 7.31 -16.80
C SER A 39 -5.48 6.06 -16.78
N LEU A 40 -5.08 5.07 -15.99
CA LEU A 40 -5.83 3.82 -15.89
C LEU A 40 -5.88 3.33 -14.45
N PRO A 41 -7.09 3.09 -13.94
CA PRO A 41 -7.30 2.62 -12.57
C PRO A 41 -6.82 1.17 -12.39
N VAL A 42 -5.61 1.02 -11.85
CA VAL A 42 -5.04 -0.31 -11.62
C VAL A 42 -4.98 -0.62 -10.13
N ASP A 43 -5.20 -1.88 -9.79
CA ASP A 43 -5.17 -2.31 -8.40
C ASP A 43 -4.38 -3.61 -8.25
N PHE A 44 -3.54 -3.67 -7.22
CA PHE A 44 -2.72 -4.85 -6.98
C PHE A 44 -3.33 -5.70 -5.86
N ALA A 45 -2.65 -6.79 -5.53
CA ALA A 45 -3.12 -7.70 -4.48
C ALA A 45 -2.04 -7.91 -3.43
N ILE A 46 -2.43 -7.81 -2.15
CA ILE A 46 -1.49 -7.99 -1.05
C ILE A 46 -1.74 -9.32 -0.33
N ASP A 47 -0.88 -10.29 -0.59
CA ASP A 47 -1.01 -11.61 0.04
C ASP A 47 -0.01 -11.77 1.17
N ALA A 48 -0.51 -11.97 2.38
CA ALA A 48 0.33 -12.14 3.56
C ALA A 48 0.33 -13.60 4.03
N ARG A 49 1.52 -14.17 4.15
CA ARG A 49 1.65 -15.56 4.59
C ARG A 49 1.89 -15.63 6.10
N ASP A 50 2.94 -14.95 6.55
CA ASP A 50 3.28 -14.93 7.98
C ASP A 50 3.29 -13.50 8.51
N ALA A 51 2.54 -12.62 7.85
CA ALA A 51 2.47 -11.22 8.26
C ALA A 51 1.34 -11.00 9.26
N GLY A 52 0.46 -11.98 9.36
CA GLY A 52 -0.65 -11.87 10.29
C GLY A 52 -1.55 -10.69 10.00
N GLU A 53 -2.00 -10.00 11.05
CA GLU A 53 -2.85 -8.84 10.88
C GLU A 53 -2.21 -7.59 11.48
N GLY A 54 -2.25 -6.50 10.73
CA GLY A 54 -1.66 -5.25 11.21
C GLY A 54 -2.16 -4.05 10.43
N LEU A 55 -1.83 -2.86 10.93
CA LEU A 55 -2.25 -1.62 10.27
C LEU A 55 -1.60 -1.49 8.90
N LEU A 56 -2.40 -1.63 7.85
CA LEU A 56 -1.92 -1.52 6.49
C LEU A 56 -2.14 -0.12 5.94
N ALA A 57 -1.09 0.46 5.36
CA ALA A 57 -1.17 1.80 4.79
C ALA A 57 -0.28 1.94 3.57
N VAL A 58 -0.81 2.53 2.50
CA VAL A 58 -0.06 2.72 1.27
C VAL A 58 0.25 4.18 1.04
N GLN A 59 1.50 4.46 0.66
CA GLN A 59 1.93 5.83 0.40
C GLN A 59 2.42 6.00 -1.03
N ILE A 60 1.59 6.61 -1.87
CA ILE A 60 1.94 6.83 -3.27
C ILE A 60 2.50 8.22 -3.48
N THR A 61 3.61 8.30 -4.22
CA THR A 61 4.25 9.58 -4.50
C THR A 61 4.67 9.67 -5.96
N ASP A 62 5.03 10.87 -6.39
CA ASP A 62 5.46 11.10 -7.77
C ASP A 62 6.96 11.36 -7.83
N GLN A 63 7.46 11.66 -9.03
CA GLN A 63 8.88 11.93 -9.23
C GLN A 63 9.36 13.01 -8.27
N GLU A 64 8.51 14.00 -8.02
CA GLU A 64 8.85 15.10 -7.12
C GLU A 64 8.59 14.72 -5.67
N GLY A 65 7.71 13.74 -5.46
CA GLY A 65 7.40 13.30 -4.12
C GLY A 65 6.15 13.98 -3.57
N LYS A 66 5.11 14.05 -4.39
CA LYS A 66 3.86 14.68 -3.98
C LYS A 66 2.90 13.64 -3.42
N PRO A 67 2.06 14.08 -2.45
CA PRO A 67 1.08 13.20 -1.81
C PRO A 67 -0.05 12.80 -2.75
N LYS A 68 -0.31 11.51 -2.85
CA LYS A 68 -1.36 10.99 -3.72
C LYS A 68 -2.42 10.25 -2.90
N ARG A 69 -3.60 10.11 -3.48
CA ARG A 69 -4.70 9.41 -2.80
C ARG A 69 -4.78 7.96 -3.24
N ALA A 70 -5.14 7.08 -2.30
CA ALA A 70 -5.24 5.66 -2.59
C ALA A 70 -6.54 5.08 -2.04
N ILE A 71 -7.14 4.15 -2.78
CA ILE A 71 -8.38 3.52 -2.36
C ILE A 71 -8.12 2.20 -1.65
N VAL A 72 -8.77 2.01 -0.51
CA VAL A 72 -8.62 0.78 0.27
C VAL A 72 -9.83 -0.14 0.11
N HIS A 73 -9.57 -1.38 -0.28
CA HIS A 73 -10.63 -2.36 -0.47
C HIS A 73 -10.48 -3.52 0.50
N ASP A 74 -11.55 -3.84 1.22
CA ASP A 74 -11.54 -4.94 2.18
C ASP A 74 -12.16 -6.19 1.58
N ASN A 75 -11.41 -7.29 1.63
CA ASN A 75 -11.88 -8.55 1.08
C ASN A 75 -12.20 -9.54 2.20
N LYS A 76 -11.49 -9.41 3.31
CA LYS A 76 -11.70 -10.29 4.46
C LYS A 76 -11.49 -11.75 4.08
N ASP A 77 -10.60 -11.98 3.12
CA ASP A 77 -10.29 -13.33 2.66
C ASP A 77 -8.80 -13.62 2.77
N GLY A 78 -8.15 -12.97 3.72
CA GLY A 78 -6.72 -13.18 3.92
C GLY A 78 -5.89 -12.40 2.91
N THR A 79 -6.47 -11.34 2.36
CA THR A 79 -5.78 -10.50 1.38
C THR A 79 -6.24 -9.06 1.46
N TYR A 80 -5.65 -8.20 0.64
CA TYR A 80 -6.00 -6.78 0.62
C TYR A 80 -5.75 -6.18 -0.76
N ALA A 81 -6.73 -5.44 -1.25
CA ALA A 81 -6.62 -4.80 -2.55
C ALA A 81 -6.48 -3.29 -2.42
N VAL A 82 -5.75 -2.68 -3.35
CA VAL A 82 -5.53 -1.24 -3.34
C VAL A 82 -5.55 -0.66 -4.75
N THR A 83 -6.54 0.18 -5.03
CA THR A 83 -6.68 0.80 -6.33
C THR A 83 -5.99 2.16 -6.38
N TYR A 84 -5.38 2.48 -7.51
CA TYR A 84 -4.69 3.74 -7.68
C TYR A 84 -4.67 4.17 -9.14
N ILE A 85 -5.06 5.42 -9.40
CA ILE A 85 -5.10 5.94 -10.75
C ILE A 85 -3.97 6.94 -10.98
N PRO A 86 -2.92 6.50 -11.69
CA PRO A 86 -1.75 7.35 -12.00
C PRO A 86 -2.09 8.46 -12.99
N ASP A 87 -1.87 9.70 -12.57
CA ASP A 87 -2.15 10.85 -13.42
C ASP A 87 -0.86 11.38 -14.04
N LYS A 88 0.09 11.75 -13.18
CA LYS A 88 1.37 12.28 -13.65
C LYS A 88 2.30 11.14 -14.06
N THR A 89 2.74 11.16 -15.32
CA THR A 89 3.64 10.14 -15.83
C THR A 89 5.04 10.31 -15.26
N GLY A 90 5.81 9.23 -15.24
CA GLY A 90 7.16 9.26 -14.72
C GLY A 90 7.46 8.12 -13.77
N ARG A 91 8.27 8.39 -12.75
CA ARG A 91 8.63 7.38 -11.77
C ARG A 91 7.76 7.48 -10.52
N TYR A 92 7.17 6.36 -10.13
CA TYR A 92 6.30 6.33 -8.96
C TYR A 92 6.96 5.57 -7.82
N MET A 93 6.88 6.13 -6.61
CA MET A 93 7.47 5.50 -5.44
C MET A 93 6.40 5.20 -4.39
N ILE A 94 6.13 3.91 -4.17
CA ILE A 94 5.14 3.50 -3.19
C ILE A 94 5.79 2.90 -1.95
N GLY A 95 5.32 3.32 -0.78
CA GLY A 95 5.87 2.80 0.46
C GLY A 95 4.82 2.18 1.35
N VAL A 96 4.74 0.85 1.33
CA VAL A 96 3.77 0.14 2.15
C VAL A 96 4.30 -0.10 3.56
N THR A 97 3.45 0.14 4.55
CA THR A 97 3.83 -0.05 5.95
C THR A 97 2.86 -0.98 6.66
N TYR A 98 3.39 -1.84 7.51
CA TYR A 98 2.57 -2.79 8.26
C TYR A 98 2.91 -2.75 9.75
N GLY A 99 1.97 -2.29 10.55
CA GLY A 99 2.19 -2.21 11.99
C GLY A 99 3.27 -1.20 12.36
N GLY A 100 3.18 -0.01 11.79
CA GLY A 100 4.16 1.02 12.07
C GLY A 100 5.57 0.60 11.70
N ASP A 101 5.69 -0.22 10.66
CA ASP A 101 6.99 -0.70 10.21
C ASP A 101 6.95 -1.04 8.72
N ASP A 102 7.77 -0.33 7.95
CA ASP A 102 7.83 -0.57 6.51
C ASP A 102 8.66 -1.80 6.19
N ILE A 103 8.40 -2.40 5.03
CA ILE A 103 9.12 -3.60 4.61
C ILE A 103 10.47 -3.23 3.99
N PRO A 104 11.42 -4.17 4.04
CA PRO A 104 12.76 -3.97 3.49
C PRO A 104 12.76 -3.93 1.96
N LEU A 105 11.56 -3.95 1.38
CA LEU A 105 11.43 -3.90 -0.07
C LEU A 105 11.00 -2.52 -0.54
N SER A 106 10.33 -1.77 0.34
CA SER A 106 9.87 -0.43 0.02
C SER A 106 11.03 0.57 0.09
N PRO A 107 10.89 1.69 -0.65
CA PRO A 107 9.71 1.94 -1.48
C PRO A 107 9.63 1.02 -2.69
N TYR A 108 8.63 1.23 -3.53
CA TYR A 108 8.44 0.41 -4.72
C TYR A 108 8.63 1.24 -5.98
N ARG A 109 9.60 0.86 -6.80
CA ARG A 109 9.89 1.57 -8.05
C ARG A 109 8.95 1.10 -9.16
N ILE A 110 8.37 2.05 -9.88
CA ILE A 110 7.47 1.74 -10.97
C ILE A 110 7.49 2.83 -12.04
N ARG A 111 7.14 2.47 -13.27
CA ARG A 111 7.12 3.41 -14.38
C ARG A 111 5.78 3.37 -15.10
N ALA A 112 5.10 4.51 -15.15
CA ALA A 112 3.81 4.60 -15.82
C ALA A 112 3.99 4.75 -17.34
N THR A 113 3.75 3.66 -18.06
CA THR A 113 3.89 3.67 -19.51
C THR A 113 2.69 4.35 -20.17
N GLN A 114 2.95 5.52 -20.75
CA GLN A 114 1.89 6.28 -21.42
C GLN A 114 1.63 5.74 -22.82
N THR A 115 0.35 5.63 -23.18
CA THR A 115 -0.02 5.13 -24.50
C THR A 115 -0.98 6.09 -25.20
N GLY A 116 -0.49 6.72 -26.27
CA GLY A 116 -1.31 7.66 -27.02
C GLY A 116 -2.56 7.01 -27.57
N ASP A 117 -2.37 6.01 -28.42
CA ASP A 117 -3.49 5.31 -29.03
C ASP A 117 -4.23 4.47 -28.01
N ALA A 118 -5.48 4.82 -27.73
CA ALA A 118 -6.30 4.09 -26.76
C ALA A 118 -7.07 2.96 -27.44
N SER A 119 -7.70 2.11 -26.63
CA SER A 119 -8.47 0.99 -27.15
C SER A 119 -9.64 0.67 -26.22
#